data_6WW3
# 
_entry.id   6WW3 
# 
_audit_conform.dict_name       mmcif_pdbx.dic 
_audit_conform.dict_version    5.380 
_audit_conform.dict_location   http://mmcif.pdb.org/dictionaries/ascii/mmcif_pdbx.dic 
# 
loop_
_database_2.database_id 
_database_2.database_code 
_database_2.pdbx_database_accession 
_database_2.pdbx_DOI 
PDB   6WW3         pdb_00006ww3 10.2210/pdb6ww3/pdb 
WWPDB D_1000249055 ?            ?                   
# 
_pdbx_database_status.status_code                     REL 
_pdbx_database_status.status_code_sf                  REL 
_pdbx_database_status.status_code_mr                  ? 
_pdbx_database_status.entry_id                        6WW3 
_pdbx_database_status.recvd_initial_deposition_date   2020-05-07 
_pdbx_database_status.SG_entry                        N 
_pdbx_database_status.deposit_site                    RCSB 
_pdbx_database_status.process_site                    RCSB 
_pdbx_database_status.status_code_cs                  ? 
_pdbx_database_status.status_code_nmr_data            ? 
_pdbx_database_status.methods_development_category    ? 
_pdbx_database_status.pdb_format_compatible           Y 
# 
loop_
_audit_author.name 
_audit_author.pdbx_ordinal 
_audit_author.identifier_ORCID 
'Liu, J.'           1 0000-0003-4178-1184 
'Vann, K.R.'        2 0000-0002-6366-6112 
'Kutateladze, T.G.' 3 0000-0001-7375-6990 
# 
_citation.abstract                  ? 
_citation.abstract_id_CAS           ? 
_citation.book_id_ISBN              ? 
_citation.book_publisher            ? 
_citation.book_publisher_city       ? 
_citation.book_title                ? 
_citation.coordinate_linkage        ? 
_citation.country                   UK 
_citation.database_id_Medline       ? 
_citation.details                   ? 
_citation.id                        primary 
_citation.journal_abbrev            Structure 
_citation.journal_id_ASTM           STRUE6 
_citation.journal_id_CSD            2005 
_citation.journal_id_ISSN           0969-2126 
_citation.journal_full              ? 
_citation.journal_issue             ? 
_citation.journal_volume            28 
_citation.language                  ? 
_citation.page_first                1225 
_citation.page_last                 1230.e3 
_citation.title                     'Structural Insight into Binding of the ZZ Domain of HERC2 to Histone H3 and SUMO1.' 
_citation.year                      2020 
_citation.database_id_CSD           ? 
_citation.pdbx_database_id_DOI      10.1016/j.str.2020.07.003 
_citation.pdbx_database_id_PubMed   32726574 
_citation.unpublished_flag          ? 
# 
loop_
_citation_author.citation_id 
_citation_author.name 
_citation_author.ordinal 
_citation_author.identifier_ORCID 
primary 'Liu, J.'           1 ? 
primary 'Xue, Z.'           2 ? 
primary 'Zhang, Y.'         3 ? 
primary 'Vann, K.R.'        4 ? 
primary 'Shi, X.'           5 ? 
primary 'Kutateladze, T.G.' 6 ? 
# 
_cell.angle_alpha                  90.000 
_cell.angle_alpha_esd              ? 
_cell.angle_beta                   90.000 
_cell.angle_beta_esd               ? 
_cell.angle_gamma                  90.000 
_cell.angle_gamma_esd              ? 
_cell.entry_id                     6WW3 
_cell.details                      ? 
_cell.formula_units_Z              ? 
_cell.length_a                     41.882 
_cell.length_a_esd                 ? 
_cell.length_b                     47.262 
_cell.length_b_esd                 ? 
_cell.length_c                     55.476 
_cell.length_c_esd                 ? 
_cell.volume                       ? 
_cell.volume_esd                   ? 
_cell.Z_PDB                        8 
_cell.reciprocal_angle_alpha       ? 
_cell.reciprocal_angle_beta        ? 
_cell.reciprocal_angle_gamma       ? 
_cell.reciprocal_angle_alpha_esd   ? 
_cell.reciprocal_angle_beta_esd    ? 
_cell.reciprocal_angle_gamma_esd   ? 
_cell.reciprocal_length_a          ? 
_cell.reciprocal_length_b          ? 
_cell.reciprocal_length_c          ? 
_cell.reciprocal_length_a_esd      ? 
_cell.reciprocal_length_b_esd      ? 
_cell.reciprocal_length_c_esd      ? 
_cell.pdbx_unique_axis             ? 
# 
_symmetry.entry_id                         6WW3 
_symmetry.cell_setting                     ? 
_symmetry.Int_Tables_number                19 
_symmetry.space_group_name_Hall            ? 
_symmetry.space_group_name_H-M             'P 21 21 21' 
_symmetry.pdbx_full_space_group_name_H-M   ? 
# 
loop_
_entity.id 
_entity.type 
_entity.src_method 
_entity.pdbx_description 
_entity.formula_weight 
_entity.pdbx_number_of_molecules 
_entity.pdbx_ec 
_entity.pdbx_mutation 
_entity.pdbx_fragment 
_entity.details 
1 polymer     man 'SUMO1 linked HERC2 ZZ domain (Small ubiquitin-related modifier 1,E3 ubiquitin-protein ligase HERC2)' 6909.763 2 
2.3.2.26 ? 'fusion protein' ? 
2 non-polymer syn 'ZINC ION'                                                                                            65.409   4 
?        ? ?                ? 
3 non-polymer syn 'DI(HYDROXYETHYL)ETHER'                                                                               106.120  1 
?        ? ?                ? 
4 non-polymer syn GLYCEROL                                                                                              92.094   1 
?        ? ?                ? 
5 water       nat water                                                                                                 18.015   
129 ?        ? ?                ? 
# 
_entity_poly.entity_id                      1 
_entity_poly.type                           'polypeptide(L)' 
_entity_poly.nstd_linkage                   no 
_entity_poly.nstd_monomer                   no 
_entity_poly.pdbx_seq_one_letter_code       SDQEAKIHPGVTCDGCQMFPINGSRFKCRNCDDFDFCETCFKTKKHNTRHTFGRINEPGQ 
_entity_poly.pdbx_seq_one_letter_code_can   SDQEAKIHPGVTCDGCQMFPINGSRFKCRNCDDFDFCETCFKTKKHNTRHTFGRINEPGQ 
_entity_poly.pdbx_strand_id                 A,B 
_entity_poly.pdbx_target_identifier         ? 
# 
loop_
_entity_poly_seq.entity_id 
_entity_poly_seq.num 
_entity_poly_seq.mon_id 
_entity_poly_seq.hetero 
1 1  SER n 
1 2  ASP n 
1 3  GLN n 
1 4  GLU n 
1 5  ALA n 
1 6  LYS n 
1 7  ILE n 
1 8  HIS n 
1 9  PRO n 
1 10 GLY n 
1 11 VAL n 
1 12 THR n 
1 13 CYS n 
1 14 ASP n 
1 15 GLY n 
1 16 CYS n 
1 17 GLN n 
1 18 MET n 
1 19 PHE n 
1 20 PRO n 
1 21 ILE n 
1 22 ASN n 
1 23 GLY n 
1 24 SER n 
1 25 ARG n 
1 26 PHE n 
1 27 LYS n 
1 28 CYS n 
1 29 ARG n 
1 30 ASN n 
1 31 CYS n 
1 32 ASP n 
1 33 ASP n 
1 34 PHE n 
1 35 ASP n 
1 36 PHE n 
1 37 CYS n 
1 38 GLU n 
1 39 THR n 
1 40 CYS n 
1 41 PHE n 
1 42 LYS n 
1 43 THR n 
1 44 LYS n 
1 45 LYS n 
1 46 HIS n 
1 47 ASN n 
1 48 THR n 
1 49 ARG n 
1 50 HIS n 
1 51 THR n 
1 52 PHE n 
1 53 GLY n 
1 54 ARG n 
1 55 ILE n 
1 56 ASN n 
1 57 GLU n 
1 58 PRO n 
1 59 GLY n 
1 60 GLN n 
# 
loop_
_entity_src_gen.entity_id 
_entity_src_gen.pdbx_src_id 
_entity_src_gen.pdbx_alt_source_flag 
_entity_src_gen.pdbx_seq_type 
_entity_src_gen.pdbx_beg_seq_num 
_entity_src_gen.pdbx_end_seq_num 
_entity_src_gen.gene_src_common_name 
_entity_src_gen.gene_src_genus 
_entity_src_gen.pdbx_gene_src_gene 
_entity_src_gen.gene_src_species 
_entity_src_gen.gene_src_strain 
_entity_src_gen.gene_src_tissue 
_entity_src_gen.gene_src_tissue_fraction 
_entity_src_gen.gene_src_details 
_entity_src_gen.pdbx_gene_src_fragment 
_entity_src_gen.pdbx_gene_src_scientific_name 
_entity_src_gen.pdbx_gene_src_ncbi_taxonomy_id 
_entity_src_gen.pdbx_gene_src_variant 
_entity_src_gen.pdbx_gene_src_cell_line 
_entity_src_gen.pdbx_gene_src_atcc 
_entity_src_gen.pdbx_gene_src_organ 
_entity_src_gen.pdbx_gene_src_organelle 
_entity_src_gen.pdbx_gene_src_cell 
_entity_src_gen.pdbx_gene_src_cellular_location 
_entity_src_gen.host_org_common_name 
_entity_src_gen.pdbx_host_org_scientific_name 
_entity_src_gen.pdbx_host_org_ncbi_taxonomy_id 
_entity_src_gen.host_org_genus 
_entity_src_gen.pdbx_host_org_gene 
_entity_src_gen.pdbx_host_org_organ 
_entity_src_gen.host_org_species 
_entity_src_gen.pdbx_host_org_tissue 
_entity_src_gen.pdbx_host_org_tissue_fraction 
_entity_src_gen.pdbx_host_org_strain 
_entity_src_gen.pdbx_host_org_variant 
_entity_src_gen.pdbx_host_org_cell_line 
_entity_src_gen.pdbx_host_org_atcc 
_entity_src_gen.pdbx_host_org_culture_collection 
_entity_src_gen.pdbx_host_org_cell 
_entity_src_gen.pdbx_host_org_organelle 
_entity_src_gen.pdbx_host_org_cellular_location 
_entity_src_gen.pdbx_host_org_vector_type 
_entity_src_gen.pdbx_host_org_vector 
_entity_src_gen.host_org_details 
_entity_src_gen.expression_system_id 
_entity_src_gen.plasmid_name 
_entity_src_gen.plasmid_details 
_entity_src_gen.pdbx_description 
1 1 sample 'Biological sequence' 1 6  Human ? 'SUMO1, SMT3C, SMT3H3, UBL1, OK/SW-cl.43' ? ? ? ? ? ? 'Homo sapiens' 9606 ? ? ? ? ? 
? ? ? 'Escherichia coli' 562 ? ? ? ? ? ? ? ? ? ? ? ? ? ? ? ? ? ? ? ? ? 
1 2 sample 'Biological sequence' 7 60 Human ? HERC2                                     ? ? ? ? ? ? 'Homo sapiens' 9606 ? ? ? ? ? 
? ? ? 'Escherichia coli' 562 ? ? ? ? ? ? ? ? ? ? ? ? ? ? ? ? ? ? ? ? ? 
# 
loop_
_struct_ref.id 
_struct_ref.db_name 
_struct_ref.db_code 
_struct_ref.pdbx_db_accession 
_struct_ref.pdbx_db_isoform 
_struct_ref.entity_id 
_struct_ref.pdbx_seq_one_letter_code 
_struct_ref.pdbx_align_begin 
1 UNP SUMO1_HUMAN P63165 ? 1 SDQEAK                                                 2    
2 UNP HERC2_HUMAN O95714 ? 1 IHPGVTCDGCQMFPINGSRFKCRNCDDFDFCETCFKTKKHNTRHTFGRINEPGQ 2702 
# 
loop_
_struct_ref_seq.align_id 
_struct_ref_seq.ref_id 
_struct_ref_seq.pdbx_PDB_id_code 
_struct_ref_seq.pdbx_strand_id 
_struct_ref_seq.seq_align_beg 
_struct_ref_seq.pdbx_seq_align_beg_ins_code 
_struct_ref_seq.seq_align_end 
_struct_ref_seq.pdbx_seq_align_end_ins_code 
_struct_ref_seq.pdbx_db_accession 
_struct_ref_seq.db_align_beg 
_struct_ref_seq.pdbx_db_align_beg_ins_code 
_struct_ref_seq.db_align_end 
_struct_ref_seq.pdbx_db_align_end_ins_code 
_struct_ref_seq.pdbx_auth_seq_align_beg 
_struct_ref_seq.pdbx_auth_seq_align_end 
1 1 6WW3 A 1 ? 6  ? P63165 2    ? 7    ? 1    6    
2 2 6WW3 A 7 ? 60 ? O95714 2702 ? 2755 ? 2702 2755 
3 1 6WW3 B 1 ? 6  ? P63165 2    ? 7    ? 1    6    
4 2 6WW3 B 7 ? 60 ? O95714 2702 ? 2755 ? 2702 2755 
# 
loop_
_chem_comp.id 
_chem_comp.type 
_chem_comp.mon_nstd_flag 
_chem_comp.name 
_chem_comp.pdbx_synonyms 
_chem_comp.formula 
_chem_comp.formula_weight 
ALA 'L-peptide linking' y ALANINE                 ?                               'C3 H7 N O2'     89.093  
ARG 'L-peptide linking' y ARGININE                ?                               'C6 H15 N4 O2 1' 175.209 
ASN 'L-peptide linking' y ASPARAGINE              ?                               'C4 H8 N2 O3'    132.118 
ASP 'L-peptide linking' y 'ASPARTIC ACID'         ?                               'C4 H7 N O4'     133.103 
CYS 'L-peptide linking' y CYSTEINE                ?                               'C3 H7 N O2 S'   121.158 
GLN 'L-peptide linking' y GLUTAMINE               ?                               'C5 H10 N2 O3'   146.144 
GLU 'L-peptide linking' y 'GLUTAMIC ACID'         ?                               'C5 H9 N O4'     147.129 
GLY 'peptide linking'   y GLYCINE                 ?                               'C2 H5 N O2'     75.067  
GOL non-polymer         . GLYCEROL                'GLYCERIN; PROPANE-1,2,3-TRIOL' 'C3 H8 O3'       92.094  
HIS 'L-peptide linking' y HISTIDINE               ?                               'C6 H10 N3 O2 1' 156.162 
HOH non-polymer         . WATER                   ?                               'H2 O'           18.015  
ILE 'L-peptide linking' y ISOLEUCINE              ?                               'C6 H13 N O2'    131.173 
LYS 'L-peptide linking' y LYSINE                  ?                               'C6 H15 N2 O2 1' 147.195 
MET 'L-peptide linking' y METHIONINE              ?                               'C5 H11 N O2 S'  149.211 
PEG non-polymer         . 'DI(HYDROXYETHYL)ETHER' ?                               'C4 H10 O3'      106.120 
PHE 'L-peptide linking' y PHENYLALANINE           ?                               'C9 H11 N O2'    165.189 
PRO 'L-peptide linking' y PROLINE                 ?                               'C5 H9 N O2'     115.130 
SER 'L-peptide linking' y SERINE                  ?                               'C3 H7 N O3'     105.093 
THR 'L-peptide linking' y THREONINE               ?                               'C4 H9 N O3'     119.119 
VAL 'L-peptide linking' y VALINE                  ?                               'C5 H11 N O2'    117.146 
ZN  non-polymer         . 'ZINC ION'              ?                               'Zn 2'           65.409  
# 
_exptl.absorpt_coefficient_mu     ? 
_exptl.absorpt_correction_T_max   ? 
_exptl.absorpt_correction_T_min   ? 
_exptl.absorpt_correction_type    ? 
_exptl.absorpt_process_details    ? 
_exptl.entry_id                   6WW3 
_exptl.crystals_number            1 
_exptl.details                    ? 
_exptl.method                     'X-RAY DIFFRACTION' 
_exptl.method_details             ? 
# 
_exptl_crystal.colour                      ? 
_exptl_crystal.density_diffrn              ? 
_exptl_crystal.density_Matthews            1.99 
_exptl_crystal.density_method              ? 
_exptl_crystal.density_percent_sol         38.08 
_exptl_crystal.description                 ? 
_exptl_crystal.F_000                       ? 
_exptl_crystal.id                          1 
_exptl_crystal.preparation                 ? 
_exptl_crystal.size_max                    ? 
_exptl_crystal.size_mid                    ? 
_exptl_crystal.size_min                    ? 
_exptl_crystal.size_rad                    ? 
_exptl_crystal.colour_lustre               ? 
_exptl_crystal.colour_modifier             ? 
_exptl_crystal.colour_primary              ? 
_exptl_crystal.density_meas                ? 
_exptl_crystal.density_meas_esd            ? 
_exptl_crystal.density_meas_gt             ? 
_exptl_crystal.density_meas_lt             ? 
_exptl_crystal.density_meas_temp           ? 
_exptl_crystal.density_meas_temp_esd       ? 
_exptl_crystal.density_meas_temp_gt        ? 
_exptl_crystal.density_meas_temp_lt        ? 
_exptl_crystal.pdbx_crystal_image_url      ? 
_exptl_crystal.pdbx_crystal_image_format   ? 
_exptl_crystal.pdbx_mosaicity              ? 
_exptl_crystal.pdbx_mosaicity_esd          ? 
# 
_exptl_crystal_grow.apparatus       ? 
_exptl_crystal_grow.atmosphere      ? 
_exptl_crystal_grow.crystal_id      1 
_exptl_crystal_grow.details         ? 
_exptl_crystal_grow.method          'VAPOR DIFFUSION, SITTING DROP' 
_exptl_crystal_grow.method_ref      ? 
_exptl_crystal_grow.pH              ? 
_exptl_crystal_grow.pressure        ? 
_exptl_crystal_grow.pressure_esd    ? 
_exptl_crystal_grow.seeding         ? 
_exptl_crystal_grow.seeding_ref     ? 
_exptl_crystal_grow.temp            298 
_exptl_crystal_grow.temp_details    ? 
_exptl_crystal_grow.temp_esd        ? 
_exptl_crystal_grow.time            ? 
_exptl_crystal_grow.pdbx_details    '0.2 M ammonium chloride, 0.1 M Tris, pH 8.0 and 20% PEG 6000' 
_exptl_crystal_grow.pdbx_pH_range   ? 
# 
_diffrn.ambient_environment              ? 
_diffrn.ambient_temp                     100 
_diffrn.ambient_temp_details             ? 
_diffrn.ambient_temp_esd                 ? 
_diffrn.crystal_id                       1 
_diffrn.crystal_support                  ? 
_diffrn.crystal_treatment                ? 
_diffrn.details                          ? 
_diffrn.id                               1 
_diffrn.ambient_pressure                 ? 
_diffrn.ambient_pressure_esd             ? 
_diffrn.ambient_pressure_gt              ? 
_diffrn.ambient_pressure_lt              ? 
_diffrn.ambient_temp_gt                  ? 
_diffrn.ambient_temp_lt                  ? 
_diffrn.pdbx_serial_crystal_experiment   N 
# 
_diffrn_detector.details                      ? 
_diffrn_detector.detector                     PIXEL 
_diffrn_detector.diffrn_id                    1 
_diffrn_detector.type                         'DECTRIS PILATUS 200K' 
_diffrn_detector.area_resol_mean              ? 
_diffrn_detector.dtime                        ? 
_diffrn_detector.pdbx_frames_total            ? 
_diffrn_detector.pdbx_collection_time_total   ? 
_diffrn_detector.pdbx_collection_date         2018-10-22 
_diffrn_detector.pdbx_frequency               ? 
# 
_diffrn_radiation.collimation                      ? 
_diffrn_radiation.diffrn_id                        1 
_diffrn_radiation.filter_edge                      ? 
_diffrn_radiation.inhomogeneity                    ? 
_diffrn_radiation.monochromator                    ? 
_diffrn_radiation.polarisn_norm                    ? 
_diffrn_radiation.polarisn_ratio                   ? 
_diffrn_radiation.probe                            ? 
_diffrn_radiation.type                             ? 
_diffrn_radiation.xray_symbol                      ? 
_diffrn_radiation.wavelength_id                    1 
_diffrn_radiation.pdbx_monochromatic_or_laue_m_l   M 
_diffrn_radiation.pdbx_wavelength_list             ? 
_diffrn_radiation.pdbx_wavelength                  ? 
_diffrn_radiation.pdbx_diffrn_protocol             'SINGLE WAVELENGTH' 
_diffrn_radiation.pdbx_analyzer                    ? 
_diffrn_radiation.pdbx_scattering_type             x-ray 
# 
_diffrn_radiation_wavelength.id           1 
_diffrn_radiation_wavelength.wavelength   1.54 
_diffrn_radiation_wavelength.wt           1.0 
# 
_diffrn_source.current                     ? 
_diffrn_source.details                     ? 
_diffrn_source.diffrn_id                   1 
_diffrn_source.power                       ? 
_diffrn_source.size                        ? 
_diffrn_source.source                      'ROTATING ANODE' 
_diffrn_source.target                      ? 
_diffrn_source.type                        'RIGAKU MICROMAX-007 HF' 
_diffrn_source.voltage                     ? 
_diffrn_source.take-off_angle              ? 
_diffrn_source.pdbx_wavelength_list        1.54 
_diffrn_source.pdbx_wavelength             ? 
_diffrn_source.pdbx_synchrotron_beamline   ? 
_diffrn_source.pdbx_synchrotron_site       ? 
# 
_reflns.B_iso_Wilson_estimate            13.180 
_reflns.entry_id                         6WW3 
_reflns.data_reduction_details           ? 
_reflns.data_reduction_method            ? 
_reflns.d_resolution_high                1.950 
_reflns.d_resolution_low                 50.000 
_reflns.details                          ? 
_reflns.limit_h_max                      ? 
_reflns.limit_h_min                      ? 
_reflns.limit_k_max                      ? 
_reflns.limit_k_min                      ? 
_reflns.limit_l_max                      ? 
_reflns.limit_l_min                      ? 
_reflns.number_all                       ? 
_reflns.number_obs                       7588 
_reflns.observed_criterion               ? 
_reflns.observed_criterion_F_max         ? 
_reflns.observed_criterion_F_min         ? 
_reflns.observed_criterion_I_max         ? 
_reflns.observed_criterion_I_min         ? 
_reflns.observed_criterion_sigma_F       ? 
_reflns.observed_criterion_sigma_I       ? 
_reflns.percent_possible_obs             89.200 
_reflns.R_free_details                   ? 
_reflns.Rmerge_F_all                     ? 
_reflns.Rmerge_F_obs                     ? 
_reflns.Friedel_coverage                 ? 
_reflns.number_gt                        ? 
_reflns.threshold_expression             ? 
_reflns.pdbx_redundancy                  3.000 
_reflns.pdbx_Rmerge_I_obs                0.181 
_reflns.pdbx_Rmerge_I_all                ? 
_reflns.pdbx_Rsym_value                  ? 
_reflns.pdbx_netI_over_av_sigmaI         ? 
_reflns.pdbx_netI_over_sigmaI            3.500 
_reflns.pdbx_res_netI_over_av_sigmaI_2   ? 
_reflns.pdbx_res_netI_over_sigmaI_2      ? 
_reflns.pdbx_chi_squared                 1.062 
_reflns.pdbx_scaling_rejects             ? 
_reflns.pdbx_d_res_high_opt              ? 
_reflns.pdbx_d_res_low_opt               ? 
_reflns.pdbx_d_res_opt_method            ? 
_reflns.phase_calculation_details        ? 
_reflns.pdbx_Rrim_I_all                  0.215 
_reflns.pdbx_Rpim_I_all                  0.113 
_reflns.pdbx_d_opt                       ? 
_reflns.pdbx_number_measured_all         22967 
_reflns.pdbx_diffrn_id                   1 
_reflns.pdbx_ordinal                     1 
_reflns.pdbx_CC_half                     ? 
_reflns.pdbx_CC_star                     ? 
_reflns.pdbx_R_split                     ? 
# 
loop_
_reflns_shell.d_res_high 
_reflns_shell.d_res_low 
_reflns_shell.meanI_over_sigI_all 
_reflns_shell.meanI_over_sigI_obs 
_reflns_shell.number_measured_all 
_reflns_shell.number_measured_obs 
_reflns_shell.number_possible 
_reflns_shell.number_unique_all 
_reflns_shell.number_unique_obs 
_reflns_shell.percent_possible_all 
_reflns_shell.percent_possible_obs 
_reflns_shell.Rmerge_F_all 
_reflns_shell.Rmerge_F_obs 
_reflns_shell.Rmerge_I_all 
_reflns_shell.Rmerge_I_obs 
_reflns_shell.meanI_over_sigI_gt 
_reflns_shell.meanI_over_uI_all 
_reflns_shell.meanI_over_uI_gt 
_reflns_shell.number_measured_gt 
_reflns_shell.number_unique_gt 
_reflns_shell.percent_possible_gt 
_reflns_shell.Rmerge_F_gt 
_reflns_shell.Rmerge_I_gt 
_reflns_shell.pdbx_redundancy 
_reflns_shell.pdbx_Rsym_value 
_reflns_shell.pdbx_chi_squared 
_reflns_shell.pdbx_netI_over_sigmaI_all 
_reflns_shell.pdbx_netI_over_sigmaI_obs 
_reflns_shell.pdbx_Rrim_I_all 
_reflns_shell.pdbx_Rpim_I_all 
_reflns_shell.pdbx_rejects 
_reflns_shell.pdbx_ordinal 
_reflns_shell.pdbx_diffrn_id 
_reflns_shell.pdbx_CC_half 
_reflns_shell.pdbx_CC_star 
_reflns_shell.pdbx_R_split 
1.950 2.020  ? ? ? ? ? ? 773 93.200 ? ? ? ? 0.476 ? ? ? ? ? ? ? ? 2.800 ? 0.954 ? ? 0.578 0.322 ? 1  1 0.828 ? ? 
2.020 2.100  ? ? ? ? ? ? 791 93.700 ? ? ? ? 0.398 ? ? ? ? ? ? ? ? 2.900 ? 1.081 ? ? 0.481 0.263 ? 2  1 0.819 ? ? 
2.100 2.200  ? ? ? ? ? ? 766 92.400 ? ? ? ? 0.342 ? ? ? ? ? ? ? ? 3.000 ? 0.976 ? ? 0.412 0.224 ? 3  1 0.867 ? ? 
2.200 2.310  ? ? ? ? ? ? 752 91.500 ? ? ? ? 0.301 ? ? ? ? ? ? ? ? 3.100 ? 1.023 ? ? 0.358 0.189 ? 4  1 0.918 ? ? 
2.310 2.460  ? ? ? ? ? ? 773 91.600 ? ? ? ? 0.276 ? ? ? ? ? ? ? ? 3.000 ? 0.948 ? ? 0.329 0.175 ? 5  1 0.939 ? ? 
2.460 2.650  ? ? ? ? ? ? 759 90.400 ? ? ? ? 0.264 ? ? ? ? ? ? ? ? 3.100 ? 0.939 ? ? 0.312 0.163 ? 6  1 0.945 ? ? 
2.650 2.910  ? ? ? ? ? ? 756 90.000 ? ? ? ? 0.195 ? ? ? ? ? ? ? ? 3.100 ? 0.954 ? ? 0.231 0.120 ? 7  1 0.962 ? ? 
2.910 3.330  ? ? ? ? ? ? 743 86.900 ? ? ? ? 0.140 ? ? ? ? ? ? ? ? 3.200 ? 1.011 ? ? 0.164 0.083 ? 8  1 0.983 ? ? 
3.330 4.200  ? ? ? ? ? ? 740 84.800 ? ? ? ? 0.109 ? ? ? ? ? ? ? ? 3.200 ? 1.430 ? ? 0.127 0.064 ? 9  1 0.988 ? ? 
4.200 50.000 ? ? ? ? ? ? 735 78.800 ? ? ? ? 0.103 ? ? ? ? ? ? ? ? 2.900 ? 1.316 ? ? 0.120 0.062 ? 10 1 0.991 ? ? 
# 
_refine.aniso_B[1][1]                            ? 
_refine.aniso_B[1][2]                            ? 
_refine.aniso_B[1][3]                            ? 
_refine.aniso_B[2][2]                            ? 
_refine.aniso_B[2][3]                            ? 
_refine.aniso_B[3][3]                            ? 
_refine.B_iso_max                                42.500 
_refine.B_iso_mean                               14.5705 
_refine.B_iso_min                                4.740 
_refine.correlation_coeff_Fo_to_Fc               ? 
_refine.correlation_coeff_Fo_to_Fc_free          ? 
_refine.details                                  ? 
_refine.diff_density_max                         ? 
_refine.diff_density_max_esd                     ? 
_refine.diff_density_min                         ? 
_refine.diff_density_min_esd                     ? 
_refine.diff_density_rms                         ? 
_refine.diff_density_rms_esd                     ? 
_refine.entry_id                                 6WW3 
_refine.pdbx_refine_id                           'X-RAY DIFFRACTION' 
_refine.ls_abs_structure_details                 ? 
_refine.ls_abs_structure_Flack                   ? 
_refine.ls_abs_structure_Flack_esd               ? 
_refine.ls_abs_structure_Rogers                  ? 
_refine.ls_abs_structure_Rogers_esd              ? 
_refine.ls_d_res_high                            2.0960 
_refine.ls_d_res_low                             33.4260 
_refine.ls_extinction_coef                       ? 
_refine.ls_extinction_coef_esd                   ? 
_refine.ls_extinction_expression                 ? 
_refine.ls_extinction_method                     ? 
_refine.ls_goodness_of_fit_all                   ? 
_refine.ls_goodness_of_fit_all_esd               ? 
_refine.ls_goodness_of_fit_obs                   ? 
_refine.ls_goodness_of_fit_obs_esd               ? 
_refine.ls_hydrogen_treatment                    ? 
_refine.ls_matrix_type                           ? 
_refine.ls_number_constraints                    ? 
_refine.ls_number_parameters                     ? 
_refine.ls_number_reflns_all                     ? 
_refine.ls_number_reflns_obs                     6706 
_refine.ls_number_reflns_R_free                  346 
_refine.ls_number_reflns_R_work                  6360 
_refine.ls_number_restraints                     ? 
_refine.ls_percent_reflns_obs                    98.0400 
_refine.ls_percent_reflns_R_free                 5.1600 
_refine.ls_R_factor_all                          ? 
_refine.ls_R_factor_obs                          0.1869 
_refine.ls_R_factor_R_free                       0.2268 
_refine.ls_R_factor_R_free_error                 ? 
_refine.ls_R_factor_R_free_error_details         ? 
_refine.ls_R_factor_R_work                       0.1847 
_refine.ls_R_Fsqd_factor_obs                     ? 
_refine.ls_R_I_factor_obs                        ? 
_refine.ls_redundancy_reflns_all                 ? 
_refine.ls_redundancy_reflns_obs                 ? 
_refine.ls_restrained_S_all                      ? 
_refine.ls_restrained_S_obs                      ? 
_refine.ls_shift_over_esd_max                    ? 
_refine.ls_shift_over_esd_mean                   ? 
_refine.ls_structure_factor_coef                 ? 
_refine.ls_weighting_details                     ? 
_refine.ls_weighting_scheme                      ? 
_refine.ls_wR_factor_all                         ? 
_refine.ls_wR_factor_obs                         ? 
_refine.ls_wR_factor_R_free                      ? 
_refine.ls_wR_factor_R_work                      ? 
_refine.occupancy_max                            ? 
_refine.occupancy_min                            ? 
_refine.solvent_model_details                    'FLAT BULK SOLVENT MODEL' 
_refine.solvent_model_param_bsol                 ? 
_refine.solvent_model_param_ksol                 ? 
_refine.pdbx_R_complete                          ? 
_refine.ls_R_factor_gt                           ? 
_refine.ls_goodness_of_fit_gt                    ? 
_refine.ls_goodness_of_fit_ref                   ? 
_refine.ls_shift_over_su_max                     ? 
_refine.ls_shift_over_su_max_lt                  ? 
_refine.ls_shift_over_su_mean                    ? 
_refine.ls_shift_over_su_mean_lt                 ? 
_refine.pdbx_ls_sigma_I                          ? 
_refine.pdbx_ls_sigma_F                          1.340 
_refine.pdbx_ls_sigma_Fsqd                       ? 
_refine.pdbx_data_cutoff_high_absF               ? 
_refine.pdbx_data_cutoff_high_rms_absF           ? 
_refine.pdbx_data_cutoff_low_absF                ? 
_refine.pdbx_isotropic_thermal_model             ? 
_refine.pdbx_ls_cross_valid_method               'FREE R-VALUE' 
_refine.pdbx_method_to_determine_struct          'MOLECULAR REPLACEMENT' 
_refine.pdbx_starting_model                      6DS6 
_refine.pdbx_stereochemistry_target_values       ML 
_refine.pdbx_R_Free_selection_details            ? 
_refine.pdbx_stereochem_target_val_spec_case     ? 
_refine.pdbx_overall_ESU_R                       ? 
_refine.pdbx_overall_ESU_R_Free                  ? 
_refine.pdbx_solvent_vdw_probe_radii             1.1100 
_refine.pdbx_solvent_ion_probe_radii             ? 
_refine.pdbx_solvent_shrinkage_radii             0.9000 
_refine.pdbx_real_space_R                        ? 
_refine.pdbx_density_correlation                 ? 
_refine.pdbx_pd_number_of_powder_patterns        ? 
_refine.pdbx_pd_number_of_points                 ? 
_refine.pdbx_pd_meas_number_of_points            ? 
_refine.pdbx_pd_proc_ls_prof_R_factor            ? 
_refine.pdbx_pd_proc_ls_prof_wR_factor           ? 
_refine.pdbx_pd_Marquardt_correlation_coeff      ? 
_refine.pdbx_pd_Fsqrd_R_factor                   ? 
_refine.pdbx_pd_ls_matrix_band_width             ? 
_refine.pdbx_overall_phase_error                 21.1700 
_refine.pdbx_overall_SU_R_free_Cruickshank_DPI   ? 
_refine.pdbx_overall_SU_R_free_Blow_DPI          ? 
_refine.pdbx_overall_SU_R_Blow_DPI               ? 
_refine.pdbx_TLS_residual_ADP_flag               ? 
_refine.pdbx_diffrn_id                           1 
_refine.overall_SU_B                             ? 
_refine.overall_SU_ML                            0.1900 
_refine.overall_SU_R_Cruickshank_DPI             ? 
_refine.overall_SU_R_free                        ? 
_refine.overall_FOM_free_R_set                   ? 
_refine.overall_FOM_work_R_set                   ? 
_refine.pdbx_average_fsc_overall                 ? 
_refine.pdbx_average_fsc_work                    ? 
_refine.pdbx_average_fsc_free                    ? 
# 
_refine_hist.pdbx_refine_id                   'X-RAY DIFFRACTION' 
_refine_hist.cycle_id                         final 
_refine_hist.details                          ? 
_refine_hist.d_res_high                       2.0960 
_refine_hist.d_res_low                        33.4260 
_refine_hist.number_atoms_solvent             129 
_refine_hist.number_atoms_total               1091 
_refine_hist.number_reflns_all                ? 
_refine_hist.number_reflns_obs                ? 
_refine_hist.number_reflns_R_free             ? 
_refine_hist.number_reflns_R_work             ? 
_refine_hist.R_factor_all                     ? 
_refine_hist.R_factor_obs                     ? 
_refine_hist.R_factor_R_free                  ? 
_refine_hist.R_factor_R_work                  ? 
_refine_hist.pdbx_number_residues_total       118 
_refine_hist.pdbx_B_iso_mean_ligand           23.59 
_refine_hist.pdbx_B_iso_mean_solvent          20.84 
_refine_hist.pdbx_number_atoms_protein        945 
_refine_hist.pdbx_number_atoms_nucleic_acid   0 
_refine_hist.pdbx_number_atoms_ligand         17 
_refine_hist.pdbx_number_atoms_lipid          ? 
_refine_hist.pdbx_number_atoms_carb           ? 
_refine_hist.pdbx_pseudo_atom_details         ? 
# 
loop_
_refine_ls_restr.pdbx_refine_id 
_refine_ls_restr.criterion 
_refine_ls_restr.dev_ideal 
_refine_ls_restr.dev_ideal_target 
_refine_ls_restr.number 
_refine_ls_restr.rejects 
_refine_ls_restr.type 
_refine_ls_restr.weight 
_refine_ls_restr.pdbx_restraint_function 
'X-RAY DIFFRACTION' ? 0.008  ? 978  ? f_bond_d           ? ? 
'X-RAY DIFFRACTION' ? 0.961  ? 1303 ? f_angle_d          ? ? 
'X-RAY DIFFRACTION' ? 0.064  ? 127  ? f_chiral_restr     ? ? 
'X-RAY DIFFRACTION' ? 0.006  ? 177  ? f_plane_restr      ? ? 
'X-RAY DIFFRACTION' ? 22.371 ? 371  ? f_dihedral_angle_d ? ? 
# 
loop_
_refine_ls_shell.pdbx_refine_id 
_refine_ls_shell.d_res_high 
_refine_ls_shell.d_res_low 
_refine_ls_shell.number_reflns_all 
_refine_ls_shell.number_reflns_obs 
_refine_ls_shell.number_reflns_R_free 
_refine_ls_shell.number_reflns_R_work 
_refine_ls_shell.percent_reflns_obs 
_refine_ls_shell.percent_reflns_R_free 
_refine_ls_shell.R_factor_all 
_refine_ls_shell.R_factor_obs 
_refine_ls_shell.R_factor_R_free 
_refine_ls_shell.R_factor_R_free_error 
_refine_ls_shell.R_factor_R_work 
_refine_ls_shell.redundancy_reflns_all 
_refine_ls_shell.redundancy_reflns_obs 
_refine_ls_shell.wR_factor_all 
_refine_ls_shell.wR_factor_obs 
_refine_ls_shell.wR_factor_R_free 
_refine_ls_shell.wR_factor_R_work 
_refine_ls_shell.pdbx_R_complete 
_refine_ls_shell.pdbx_total_number_of_bins_used 
_refine_ls_shell.pdbx_phase_error 
_refine_ls_shell.pdbx_fsc_work 
_refine_ls_shell.pdbx_fsc_free 
'X-RAY DIFFRACTION' 2.10   2.6403 . . 174 3138 99.0000 . . . 0.2374 0.0000 0.1891 . . . . . . . . . . . 
'X-RAY DIFFRACTION' 2.6403 33.4   . . 172 3222 97.0000 . . . 0.2205 0.0000 0.1822 . . . . . . . . . . . 
# 
_struct.entry_id                     6WW3 
_struct.title                        'Crystal structure of HERC2 ZZ domain in complex with SUMO1 tail' 
_struct.pdbx_model_details           ? 
_struct.pdbx_formula_weight          ? 
_struct.pdbx_formula_weight_method   ? 
_struct.pdbx_model_type_details      ? 
_struct.pdbx_CASP_flag               N 
# 
_struct_keywords.entry_id        6WW3 
_struct_keywords.text            'Zn finger protein, ZZ domain, HERC2, GENE REGULATION' 
_struct_keywords.pdbx_keywords   'GENE REGULATION' 
# 
loop_
_struct_asym.id 
_struct_asym.pdbx_blank_PDB_chainid_flag 
_struct_asym.pdbx_modified 
_struct_asym.entity_id 
_struct_asym.details 
A N N 1 ? 
B N N 1 ? 
C N N 2 ? 
D N N 2 ? 
E N N 3 ? 
F N N 2 ? 
G N N 2 ? 
H N N 4 ? 
I N N 5 ? 
J N N 5 ? 
# 
loop_
_struct_conf.conf_type_id 
_struct_conf.id 
_struct_conf.pdbx_PDB_helix_id 
_struct_conf.beg_label_comp_id 
_struct_conf.beg_label_asym_id 
_struct_conf.beg_label_seq_id 
_struct_conf.pdbx_beg_PDB_ins_code 
_struct_conf.end_label_comp_id 
_struct_conf.end_label_asym_id 
_struct_conf.end_label_seq_id 
_struct_conf.pdbx_end_PDB_ins_code 
_struct_conf.beg_auth_comp_id 
_struct_conf.beg_auth_asym_id 
_struct_conf.beg_auth_seq_id 
_struct_conf.end_auth_comp_id 
_struct_conf.end_auth_asym_id 
_struct_conf.end_auth_seq_id 
_struct_conf.pdbx_PDB_helix_class 
_struct_conf.details 
_struct_conf.pdbx_PDB_helix_length 
HELX_P HELX_P1 AA1 ASP A 2  ? ALA A 5  ? ASP A 2    ALA A 5    5 ? 4 
HELX_P HELX_P2 AA2 CYS A 37 ? LYS A 44 ? CYS A 2732 LYS A 2739 1 ? 8 
HELX_P HELX_P3 AA3 ASP B 2  ? ALA B 5  ? ASP B 2    ALA B 5    5 ? 4 
HELX_P HELX_P4 AA4 CYS B 37 ? LYS B 44 ? CYS B 2732 LYS B 2739 1 ? 8 
# 
_struct_conf_type.id          HELX_P 
_struct_conf_type.criteria    ? 
_struct_conf_type.reference   ? 
# 
loop_
_struct_conn.id 
_struct_conn.conn_type_id 
_struct_conn.pdbx_leaving_atom_flag 
_struct_conn.pdbx_PDB_id 
_struct_conn.ptnr1_label_asym_id 
_struct_conn.ptnr1_label_comp_id 
_struct_conn.ptnr1_label_seq_id 
_struct_conn.ptnr1_label_atom_id 
_struct_conn.pdbx_ptnr1_label_alt_id 
_struct_conn.pdbx_ptnr1_PDB_ins_code 
_struct_conn.pdbx_ptnr1_standard_comp_id 
_struct_conn.ptnr1_symmetry 
_struct_conn.ptnr2_label_asym_id 
_struct_conn.ptnr2_label_comp_id 
_struct_conn.ptnr2_label_seq_id 
_struct_conn.ptnr2_label_atom_id 
_struct_conn.pdbx_ptnr2_label_alt_id 
_struct_conn.pdbx_ptnr2_PDB_ins_code 
_struct_conn.ptnr1_auth_asym_id 
_struct_conn.ptnr1_auth_comp_id 
_struct_conn.ptnr1_auth_seq_id 
_struct_conn.ptnr2_auth_asym_id 
_struct_conn.ptnr2_auth_comp_id 
_struct_conn.ptnr2_auth_seq_id 
_struct_conn.ptnr2_symmetry 
_struct_conn.pdbx_ptnr3_label_atom_id 
_struct_conn.pdbx_ptnr3_label_seq_id 
_struct_conn.pdbx_ptnr3_label_comp_id 
_struct_conn.pdbx_ptnr3_label_asym_id 
_struct_conn.pdbx_ptnr3_label_alt_id 
_struct_conn.pdbx_ptnr3_PDB_ins_code 
_struct_conn.details 
_struct_conn.pdbx_dist_value 
_struct_conn.pdbx_value_order 
_struct_conn.pdbx_role 
metalc1  metalc ? ? A CYS 13 SG  ? ? ? 1_555 C ZN . ZN ? ? A CYS 2708 A ZN 2801 1_555 ? ? ? ? ? ? ? 2.337 ? ? 
metalc2  metalc ? ? A CYS 16 SG  ? ? ? 1_555 C ZN . ZN ? ? A CYS 2711 A ZN 2801 1_555 ? ? ? ? ? ? ? 2.303 ? ? 
metalc3  metalc ? ? A CYS 28 SG  ? ? ? 1_555 D ZN . ZN ? ? A CYS 2723 A ZN 2802 1_555 ? ? ? ? ? ? ? 2.320 ? ? 
metalc4  metalc ? ? A CYS 31 SG  ? ? ? 1_555 D ZN . ZN ? ? A CYS 2726 A ZN 2802 1_555 ? ? ? ? ? ? ? 2.267 ? ? 
metalc5  metalc ? ? A CYS 37 SG  ? ? ? 1_555 C ZN . ZN ? ? A CYS 2732 A ZN 2801 1_555 ? ? ? ? ? ? ? 2.433 ? ? 
metalc6  metalc ? ? A CYS 40 SG  ? ? ? 1_555 C ZN . ZN ? ? A CYS 2735 A ZN 2801 1_555 ? ? ? ? ? ? ? 2.244 ? ? 
metalc7  metalc ? ? A HIS 46 NE2 ? ? ? 1_555 D ZN . ZN ? ? A HIS 2741 A ZN 2802 1_555 ? ? ? ? ? ? ? 2.102 ? ? 
metalc8  metalc ? ? A HIS 50 ND1 ? ? ? 1_555 D ZN . ZN ? ? A HIS 2745 A ZN 2802 1_555 ? ? ? ? ? ? ? 2.206 ? ? 
metalc9  metalc ? ? B CYS 13 SG  ? ? ? 1_555 G ZN . ZN ? ? B CYS 2708 B ZN 2802 1_555 ? ? ? ? ? ? ? 2.281 ? ? 
metalc10 metalc ? ? B CYS 16 SG  ? ? ? 1_555 G ZN . ZN ? ? B CYS 2711 B ZN 2802 1_555 ? ? ? ? ? ? ? 2.361 ? ? 
metalc11 metalc ? ? B CYS 28 SG  ? ? ? 1_555 F ZN . ZN ? ? B CYS 2723 B ZN 2801 1_555 ? ? ? ? ? ? ? 2.333 ? ? 
metalc12 metalc ? ? B CYS 31 SG  ? ? ? 1_555 F ZN . ZN ? ? B CYS 2726 B ZN 2801 1_555 ? ? ? ? ? ? ? 2.346 ? ? 
metalc13 metalc ? ? B CYS 37 SG  ? ? ? 1_555 G ZN . ZN ? ? B CYS 2732 B ZN 2802 1_555 ? ? ? ? ? ? ? 2.286 ? ? 
metalc14 metalc ? ? B CYS 40 SG  ? ? ? 1_555 G ZN . ZN ? ? B CYS 2735 B ZN 2802 1_555 ? ? ? ? ? ? ? 2.357 ? ? 
metalc15 metalc ? ? B HIS 46 NE2 ? ? ? 1_555 F ZN . ZN ? ? B HIS 2741 B ZN 2801 1_555 ? ? ? ? ? ? ? 2.007 ? ? 
metalc16 metalc ? ? B HIS 50 ND1 ? ? ? 1_555 F ZN . ZN ? ? B HIS 2745 B ZN 2801 1_555 ? ? ? ? ? ? ? 2.212 ? ? 
# 
_struct_conn_type.id          metalc 
_struct_conn_type.criteria    ? 
_struct_conn_type.reference   ? 
# 
loop_
_struct_mon_prot_cis.pdbx_id 
_struct_mon_prot_cis.label_comp_id 
_struct_mon_prot_cis.label_seq_id 
_struct_mon_prot_cis.label_asym_id 
_struct_mon_prot_cis.label_alt_id 
_struct_mon_prot_cis.pdbx_PDB_ins_code 
_struct_mon_prot_cis.auth_comp_id 
_struct_mon_prot_cis.auth_seq_id 
_struct_mon_prot_cis.auth_asym_id 
_struct_mon_prot_cis.pdbx_label_comp_id_2 
_struct_mon_prot_cis.pdbx_label_seq_id_2 
_struct_mon_prot_cis.pdbx_label_asym_id_2 
_struct_mon_prot_cis.pdbx_PDB_ins_code_2 
_struct_mon_prot_cis.pdbx_auth_comp_id_2 
_struct_mon_prot_cis.pdbx_auth_seq_id_2 
_struct_mon_prot_cis.pdbx_auth_asym_id_2 
_struct_mon_prot_cis.pdbx_PDB_model_num 
_struct_mon_prot_cis.pdbx_omega_angle 
1 PHE 19 A . ? PHE 2714 A PRO 20 A ? PRO 2715 A 1 -5.04 
2 PHE 19 B . ? PHE 2714 B PRO 20 B ? PRO 2715 B 1 -6.10 
# 
loop_
_struct_sheet.id 
_struct_sheet.type 
_struct_sheet.number_strands 
_struct_sheet.details 
AA1 ? 2 ? 
AA2 ? 3 ? 
AA3 ? 2 ? 
AA4 ? 3 ? 
# 
loop_
_struct_sheet_order.sheet_id 
_struct_sheet_order.range_id_1 
_struct_sheet_order.range_id_2 
_struct_sheet_order.offset 
_struct_sheet_order.sense 
AA1 1 2 ? anti-parallel 
AA2 1 2 ? anti-parallel 
AA2 2 3 ? anti-parallel 
AA3 1 2 ? anti-parallel 
AA4 1 2 ? anti-parallel 
AA4 2 3 ? anti-parallel 
# 
loop_
_struct_sheet_range.sheet_id 
_struct_sheet_range.id 
_struct_sheet_range.beg_label_comp_id 
_struct_sheet_range.beg_label_asym_id 
_struct_sheet_range.beg_label_seq_id 
_struct_sheet_range.pdbx_beg_PDB_ins_code 
_struct_sheet_range.end_label_comp_id 
_struct_sheet_range.end_label_asym_id 
_struct_sheet_range.end_label_seq_id 
_struct_sheet_range.pdbx_end_PDB_ins_code 
_struct_sheet_range.beg_auth_comp_id 
_struct_sheet_range.beg_auth_asym_id 
_struct_sheet_range.beg_auth_seq_id 
_struct_sheet_range.end_auth_comp_id 
_struct_sheet_range.end_auth_asym_id 
_struct_sheet_range.end_auth_seq_id 
AA1 1 ILE A 7  ? HIS A 8  ? ILE A 2702 HIS A 2703 
AA1 2 ILE A 21 ? ASN A 22 ? ILE A 2716 ASN A 2717 
AA2 1 ASP A 35 ? PHE A 36 ? ASP A 2730 PHE A 2731 
AA2 2 ARG A 25 ? CYS A 28 ? ARG A 2720 CYS A 2723 
AA2 3 PHE A 52 ? ILE A 55 ? PHE A 2747 ILE A 2750 
AA3 1 ILE B 7  ? HIS B 8  ? ILE B 2702 HIS B 2703 
AA3 2 ILE B 21 ? ASN B 22 ? ILE B 2716 ASN B 2717 
AA4 1 ASP B 35 ? PHE B 36 ? ASP B 2730 PHE B 2731 
AA4 2 ARG B 25 ? CYS B 28 ? ARG B 2720 CYS B 2723 
AA4 3 PHE B 52 ? ILE B 55 ? PHE B 2747 ILE B 2750 
# 
loop_
_pdbx_struct_sheet_hbond.sheet_id 
_pdbx_struct_sheet_hbond.range_id_1 
_pdbx_struct_sheet_hbond.range_id_2 
_pdbx_struct_sheet_hbond.range_1_label_atom_id 
_pdbx_struct_sheet_hbond.range_1_label_comp_id 
_pdbx_struct_sheet_hbond.range_1_label_asym_id 
_pdbx_struct_sheet_hbond.range_1_label_seq_id 
_pdbx_struct_sheet_hbond.range_1_PDB_ins_code 
_pdbx_struct_sheet_hbond.range_1_auth_atom_id 
_pdbx_struct_sheet_hbond.range_1_auth_comp_id 
_pdbx_struct_sheet_hbond.range_1_auth_asym_id 
_pdbx_struct_sheet_hbond.range_1_auth_seq_id 
_pdbx_struct_sheet_hbond.range_2_label_atom_id 
_pdbx_struct_sheet_hbond.range_2_label_comp_id 
_pdbx_struct_sheet_hbond.range_2_label_asym_id 
_pdbx_struct_sheet_hbond.range_2_label_seq_id 
_pdbx_struct_sheet_hbond.range_2_PDB_ins_code 
_pdbx_struct_sheet_hbond.range_2_auth_atom_id 
_pdbx_struct_sheet_hbond.range_2_auth_comp_id 
_pdbx_struct_sheet_hbond.range_2_auth_asym_id 
_pdbx_struct_sheet_hbond.range_2_auth_seq_id 
AA1 1 2 N HIS A 8  ? N HIS A 2703 O ILE A 21 ? O ILE A 2716 
AA2 1 2 O PHE A 36 ? O PHE A 2731 N PHE A 26 ? N PHE A 2721 
AA2 2 3 N ARG A 25 ? N ARG A 2720 O ILE A 55 ? O ILE A 2750 
AA3 1 2 N HIS B 8  ? N HIS B 2703 O ILE B 21 ? O ILE B 2716 
AA4 1 2 O PHE B 36 ? O PHE B 2731 N PHE B 26 ? N PHE B 2721 
AA4 2 3 N ARG B 25 ? N ARG B 2720 O ILE B 55 ? O ILE B 2750 
# 
loop_
_struct_site.id 
_struct_site.pdbx_evidence_code 
_struct_site.pdbx_auth_asym_id 
_struct_site.pdbx_auth_comp_id 
_struct_site.pdbx_auth_seq_id 
_struct_site.pdbx_auth_ins_code 
_struct_site.pdbx_num_residues 
_struct_site.details 
AC1 Software A ZN  2801 ? 4 'binding site for residue ZN A 2801'  
AC2 Software A ZN  2802 ? 4 'binding site for residue ZN A 2802'  
AC3 Software A PEG 2803 ? 3 'binding site for residue PEG A 2803' 
AC4 Software B ZN  2801 ? 4 'binding site for residue ZN B 2801'  
AC5 Software B ZN  2802 ? 4 'binding site for residue ZN B 2802'  
AC6 Software B GOL 2803 ? 3 'binding site for residue GOL B 2803' 
# 
loop_
_struct_site_gen.id 
_struct_site_gen.site_id 
_struct_site_gen.pdbx_num_res 
_struct_site_gen.label_comp_id 
_struct_site_gen.label_asym_id 
_struct_site_gen.label_seq_id 
_struct_site_gen.pdbx_auth_ins_code 
_struct_site_gen.auth_comp_id 
_struct_site_gen.auth_asym_id 
_struct_site_gen.auth_seq_id 
_struct_site_gen.label_atom_id 
_struct_site_gen.label_alt_id 
_struct_site_gen.symmetry 
_struct_site_gen.details 
1  AC1 4 CYS A 13 ? CYS A 2708 . ? 1_555 ? 
2  AC1 4 CYS A 16 ? CYS A 2711 . ? 1_555 ? 
3  AC1 4 CYS A 37 ? CYS A 2732 . ? 1_555 ? 
4  AC1 4 CYS A 40 ? CYS A 2735 . ? 1_555 ? 
5  AC2 4 CYS A 28 ? CYS A 2723 . ? 1_555 ? 
6  AC2 4 CYS A 31 ? CYS A 2726 . ? 1_555 ? 
7  AC2 4 HIS A 46 ? HIS A 2741 . ? 1_555 ? 
8  AC2 4 HIS A 50 ? HIS A 2745 . ? 1_555 ? 
9  AC3 3 ILE A 7  ? ILE A 2702 . ? 1_555 ? 
10 AC3 3 PRO A 9  ? PRO A 2704 . ? 1_555 ? 
11 AC3 3 HOH I .  ? HOH A 2907 . ? 1_555 ? 
12 AC4 4 CYS B 28 ? CYS B 2723 . ? 1_555 ? 
13 AC4 4 CYS B 31 ? CYS B 2726 . ? 1_555 ? 
14 AC4 4 HIS B 46 ? HIS B 2741 . ? 1_555 ? 
15 AC4 4 HIS B 50 ? HIS B 2745 . ? 1_555 ? 
16 AC5 4 CYS B 13 ? CYS B 2708 . ? 1_555 ? 
17 AC5 4 CYS B 16 ? CYS B 2711 . ? 1_555 ? 
18 AC5 4 CYS B 37 ? CYS B 2732 . ? 1_555 ? 
19 AC5 4 CYS B 40 ? CYS B 2735 . ? 1_555 ? 
20 AC6 3 GLN A 60 ? GLN A 2755 . ? 4_556 ? 
21 AC6 3 ASP B 32 ? ASP B 2727 . ? 1_555 ? 
22 AC6 3 HOH J .  ? HOH B 2911 . ? 1_555 ? 
# 
_atom_sites.entry_id                    6WW3 
_atom_sites.Cartn_transf_matrix[1][1]   ? 
_atom_sites.Cartn_transf_matrix[1][2]   ? 
_atom_sites.Cartn_transf_matrix[1][3]   ? 
_atom_sites.Cartn_transf_matrix[2][1]   ? 
_atom_sites.Cartn_transf_matrix[2][2]   ? 
_atom_sites.Cartn_transf_matrix[2][3]   ? 
_atom_sites.Cartn_transf_matrix[3][1]   ? 
_atom_sites.Cartn_transf_matrix[3][2]   ? 
_atom_sites.Cartn_transf_matrix[3][3]   ? 
_atom_sites.Cartn_transf_vector[1]      ? 
_atom_sites.Cartn_transf_vector[2]      ? 
_atom_sites.Cartn_transf_vector[3]      ? 
_atom_sites.fract_transf_matrix[1][1]   -0.01823320 
_atom_sites.fract_transf_matrix[1][2]   -0.01053328 
_atom_sites.fract_transf_matrix[1][3]   0.01125662 
_atom_sites.fract_transf_matrix[2][1]   -0.00826462 
_atom_sites.fract_transf_matrix[2][2]   -0.00562331 
_atom_sites.fract_transf_matrix[2][3]   -0.01864880 
_atom_sites.fract_transf_matrix[3][1]   0.00926724 
_atom_sites.fract_transf_matrix[3][2]   -0.01545153 
_atom_sites.fract_transf_matrix[3][3]   0.00055223 
_atom_sites.fract_transf_vector[1]      -1.734900 
_atom_sites.fract_transf_vector[2]      0.411694 
_atom_sites.fract_transf_vector[3]      0.377998 
_atom_sites.solution_primary            ? 
_atom_sites.solution_secondary          ? 
_atom_sites.solution_hydrogens          ? 
_atom_sites.special_details             ? 
# 
loop_
_atom_type.symbol 
C  
N  
O  
S  
ZN 
# 
loop_
_atom_site.group_PDB 
_atom_site.id 
_atom_site.type_symbol 
_atom_site.label_atom_id 
_atom_site.label_alt_id 
_atom_site.label_comp_id 
_atom_site.label_asym_id 
_atom_site.label_entity_id 
_atom_site.label_seq_id 
_atom_site.pdbx_PDB_ins_code 
_atom_site.Cartn_x 
_atom_site.Cartn_y 
_atom_site.Cartn_z 
_atom_site.occupancy 
_atom_site.B_iso_or_equiv 
_atom_site.pdbx_formal_charge 
_atom_site.auth_seq_id 
_atom_site.auth_comp_id 
_atom_site.auth_asym_id 
_atom_site.auth_atom_id 
_atom_site.pdbx_PDB_model_num 
ATOM   1    N  N   . SER A 1 1  ? 22.699  -3.879  -2.752  1.00 8.38  ? 1    SER A N   1 
ATOM   2    C  CA  . SER A 1 1  ? 21.381  -3.924  -2.128  1.00 10.43 ? 1    SER A CA  1 
ATOM   3    C  C   . SER A 1 1  ? 20.888  -2.522  -1.771  1.00 8.63  ? 1    SER A C   1 
ATOM   4    O  O   . SER A 1 1  ? 21.674  -1.628  -1.493  1.00 9.12  ? 1    SER A O   1 
ATOM   5    C  CB  . SER A 1 1  ? 21.413  -4.804  -0.884  1.00 8.91  ? 1    SER A CB  1 
ATOM   6    O  OG  . SER A 1 1  ? 22.546  -4.503  -0.109  1.00 14.94 ? 1    SER A OG  1 
ATOM   7    N  N   . ASP A 1 2  ? 19.574  -2.357  -1.758  1.00 9.51  ? 2    ASP A N   1 
ATOM   8    C  CA  . ASP A 1 2  ? 18.925  -1.056  -1.749  1.00 8.79  ? 2    ASP A CA  1 
ATOM   9    C  C   . ASP A 1 2  ? 17.909  -1.032  -0.617  1.00 11.59 ? 2    ASP A C   1 
ATOM   10   O  O   . ASP A 1 2  ? 17.031  -1.901  -0.548  1.00 10.18 ? 2    ASP A O   1 
ATOM   11   C  CB  . ASP A 1 2  ? 18.254  -0.812  -3.114  1.00 11.88 ? 2    ASP A CB  1 
ATOM   12   C  CG  . ASP A 1 2  ? 17.695  0.602   -3.286  1.00 8.46  ? 2    ASP A CG  1 
ATOM   13   O  OD1 . ASP A 1 2  ? 17.613  1.371   -2.317  1.00 9.62  ? 2    ASP A OD1 1 
ATOM   14   O  OD2 . ASP A 1 2  ? 17.330  0.936   -4.430  1.00 13.34 ? 2    ASP A OD2 1 
ATOM   15   N  N   . GLN A 1 3  ? 18.025  -0.038  0.265   1.00 9.10  ? 3    GLN A N   1 
ATOM   16   C  CA  . GLN A 1 3  ? 17.054  0.097   1.345   1.00 11.55 ? 3    GLN A CA  1 
ATOM   17   C  C   . GLN A 1 3  ? 15.651  0.271   0.789   1.00 12.91 ? 3    GLN A C   1 
ATOM   18   O  O   . GLN A 1 3  ? 14.690  -0.262  1.353   1.00 14.28 ? 3    GLN A O   1 
ATOM   19   C  CB  . GLN A 1 3  ? 17.423  1.287   2.235   1.00 11.63 ? 3    GLN A CB  1 
ATOM   20   C  CG  . GLN A 1 3  ? 16.374  1.680   3.279   1.00 12.54 ? 3    GLN A CG  1 
ATOM   21   C  CD  . GLN A 1 3  ? 16.125  0.577   4.293   1.00 10.71 ? 3    GLN A CD  1 
ATOM   22   O  OE1 . GLN A 1 3  ? 14.991  0.178   4.517   1.00 14.36 ? 3    GLN A OE1 1 
ATOM   23   N  NE2 . GLN A 1 3  ? 17.182  0.081   4.896   1.00 14.23 ? 3    GLN A NE2 1 
ATOM   24   N  N   . GLU A 1 4  ? 15.525  0.970   -0.348  1.00 11.28 ? 4    GLU A N   1 
ATOM   25   C  CA  . GLU A 1 4  ? 14.226  1.225   -0.960  1.00 14.76 ? 4    GLU A CA  1 
ATOM   26   C  C   . GLU A 1 4  ? 13.523  -0.064  -1.360  1.00 16.29 ? 4    GLU A C   1 
ATOM   27   O  O   . GLU A 1 4  ? 12.289  -0.086  -1.430  1.00 18.31 ? 4    GLU A O   1 
ATOM   28   C  CB  . GLU A 1 4  ? 14.394  2.149   -2.171  1.00 13.46 ? 4    GLU A CB  1 
ATOM   29   C  CG  . GLU A 1 4  ? 13.081  2.513   -2.891  1.00 16.72 ? 4    GLU A CG  1 
ATOM   30   C  CD  . GLU A 1 4  ? 12.248  3.535   -2.127  1.00 27.29 ? 4    GLU A CD  1 
ATOM   31   O  OE1 . GLU A 1 4  ? 12.779  4.163   -1.182  1.00 32.19 ? 4    GLU A OE1 1 
ATOM   32   O  OE2 . GLU A 1 4  ? 11.059  3.715   -2.461  1.00 30.08 ? 4    GLU A OE2 1 
ATOM   33   N  N   . ALA A 1 5  ? 14.278  -1.140  -1.599  1.00 12.85 ? 5    ALA A N   1 
ATOM   34   C  CA  . ALA A 1 5  ? 13.702  -2.436  -1.937  1.00 15.37 ? 5    ALA A CA  1 
ATOM   35   C  C   . ALA A 1 5  ? 13.138  -3.187  -0.736  1.00 16.66 ? 5    ALA A C   1 
ATOM   36   O  O   . ALA A 1 5  ? 12.322  -4.096  -0.926  1.00 15.29 ? 5    ALA A O   1 
ATOM   37   C  CB  . ALA A 1 5  ? 14.750  -3.317  -2.625  1.00 15.54 ? 5    ALA A CB  1 
ATOM   38   N  N   . LYS A 1 6  ? 13.557  -2.848  0.484   1.00 16.53 ? 6    LYS A N   1 
ATOM   39   C  CA  . LYS A 1 6  ? 13.026  -3.504  1.672   1.00 13.94 ? 6    LYS A CA  1 
ATOM   40   C  C   . LYS A 1 6  ? 11.542  -3.201  1.808   1.00 11.00 ? 6    LYS A C   1 
ATOM   41   O  O   . LYS A 1 6  ? 11.114  -2.063  1.637   1.00 9.79  ? 6    LYS A O   1 
ATOM   42   C  CB  . LYS A 1 6  ? 13.725  -2.995  2.938   1.00 14.57 ? 6    LYS A CB  1 
ATOM   43   C  CG  . LYS A 1 6  ? 15.239  -3.108  3.029   1.00 21.83 ? 6    LYS A CG  1 
ATOM   44   C  CD  . LYS A 1 6  ? 15.795  -4.517  2.934   1.00 36.01 ? 6    LYS A CD  1 
ATOM   45   C  CE  . LYS A 1 6  ? 17.328  -4.443  3.038   1.00 39.28 ? 6    LYS A CE  1 
ATOM   46   N  NZ  . LYS A 1 6  ? 18.043  -5.643  2.517   1.00 41.85 ? 6    LYS A NZ  1 
ATOM   47   N  N   . ILE A 1 7  ? 10.753  -4.215  2.144   1.00 10.74 ? 2702 ILE A N   1 
ATOM   48   C  CA  . ILE A 1 7  ? 9.343   -3.999  2.440   1.00 10.36 ? 2702 ILE A CA  1 
ATOM   49   C  C   . ILE A 1 7  ? 9.072   -4.434  3.874   1.00 9.86  ? 2702 ILE A C   1 
ATOM   50   O  O   . ILE A 1 7  ? 9.760   -5.293  4.430   1.00 10.78 ? 2702 ILE A O   1 
ATOM   51   C  CB  . ILE A 1 7  ? 8.386   -4.728  1.464   1.00 14.82 ? 2702 ILE A CB  1 
ATOM   52   C  CG1 . ILE A 1 7  ? 8.399   -6.233  1.708   1.00 15.88 ? 2702 ILE A CG1 1 
ATOM   53   C  CG2 . ILE A 1 7  ? 8.731   -4.402  0.010   1.00 12.20 ? 2702 ILE A CG2 1 
ATOM   54   C  CD1 . ILE A 1 7  ? 7.041   -6.859  1.561   1.00 19.44 ? 2702 ILE A CD1 1 
ATOM   55   N  N   . HIS A 1 8  ? 8.051   -3.830  4.475   1.00 10.25 ? 2703 HIS A N   1 
ATOM   56   C  CA  . HIS A 1 8  ? 7.593   -4.189  5.813   1.00 8.52  ? 2703 HIS A CA  1 
ATOM   57   C  C   . HIS A 1 8  ? 6.201   -4.792  5.699   1.00 9.97  ? 2703 HIS A C   1 
ATOM   58   O  O   . HIS A 1 8  ? 5.192   -4.066  5.715   1.00 7.24  ? 2703 HIS A O   1 
ATOM   59   C  CB  . HIS A 1 8  ? 7.598   -2.956  6.708   1.00 7.64  ? 2703 HIS A CB  1 
ATOM   60   C  CG  . HIS A 1 8  ? 8.932   -2.289  6.774   1.00 8.95  ? 2703 HIS A CG  1 
ATOM   61   N  ND1 . HIS A 1 8  ? 9.825   -2.519  7.796   1.00 9.23  ? 2703 HIS A ND1 1 
ATOM   62   C  CD2 . HIS A 1 8  ? 9.538   -1.420  5.932   1.00 7.56  ? 2703 HIS A CD2 1 
ATOM   63   C  CE1 . HIS A 1 8  ? 10.917  -1.802  7.593   1.00 9.65  ? 2703 HIS A CE1 1 
ATOM   64   N  NE2 . HIS A 1 8  ? 10.767  -1.123  6.471   1.00 8.53  ? 2703 HIS A NE2 1 
ATOM   65   N  N   . PRO A 1 9  ? 6.092   -6.108  5.544   1.00 8.47  ? 2704 PRO A N   1 
ATOM   66   C  CA  . PRO A 1 9  ? 4.784   -6.717  5.290   1.00 10.73 ? 2704 PRO A CA  1 
ATOM   67   C  C   . PRO A 1 9  ? 3.793   -6.359  6.385   1.00 9.23  ? 2704 PRO A C   1 
ATOM   68   O  O   . PRO A 1 9  ? 4.139   -6.289  7.567   1.00 7.54  ? 2704 PRO A O   1 
ATOM   69   C  CB  . PRO A 1 9  ? 5.088   -8.224  5.282   1.00 16.85 ? 2704 PRO A CB  1 
ATOM   70   C  CG  . PRO A 1 9  ? 6.551   -8.323  5.018   1.00 15.71 ? 2704 PRO A CG  1 
ATOM   71   C  CD  . PRO A 1 9  ? 7.169   -7.109  5.638   1.00 11.21 ? 2704 PRO A CD  1 
ATOM   72   N  N   . GLY A 1 10 ? 2.560   -6.091  5.972   1.00 8.01  ? 2705 GLY A N   1 
ATOM   73   C  CA  . GLY A 1 10 ? 1.497   -5.783  6.907   1.00 10.01 ? 2705 GLY A CA  1 
ATOM   74   C  C   . GLY A 1 10 ? 1.504   -4.381  7.477   1.00 7.87  ? 2705 GLY A C   1 
ATOM   75   O  O   . GLY A 1 10 ? 0.631   -4.067  8.292   1.00 9.34  ? 2705 GLY A O   1 
ATOM   76   N  N   . VAL A 1 11 ? 2.425   -3.517  7.053   1.00 7.52  ? 2706 VAL A N   1 
ATOM   77   C  CA  . VAL A 1 11 ? 2.561   -2.172  7.611   1.00 7.98  ? 2706 VAL A CA  1 
ATOM   78   C  C   . VAL A 1 11 ? 2.060   -1.178  6.571   1.00 7.08  ? 2706 VAL A C   1 
ATOM   79   O  O   . VAL A 1 11 ? 2.577   -1.132  5.446   1.00 5.54  ? 2706 VAL A O   1 
ATOM   80   C  CB  . VAL A 1 11 ? 4.014   -1.873  8.018   1.00 5.34  ? 2706 VAL A CB  1 
ATOM   81   C  CG1 . VAL A 1 11 ? 4.122   -0.488  8.666   1.00 6.67  ? 2706 VAL A CG1 1 
ATOM   82   C  CG2 . VAL A 1 11 ? 4.520   -2.933  8.959   1.00 6.52  ? 2706 VAL A CG2 1 
ATOM   83   N  N   . THR A 1 12 ? 1.067   -0.377  6.949   1.00 6.65  ? 2707 THR A N   1 
ATOM   84   C  CA  . THR A 1 12 ? 0.546   0.701   6.115   1.00 5.87  ? 2707 THR A CA  1 
ATOM   85   C  C   . THR A 1 12 ? 1.148   2.020   6.589   1.00 8.36  ? 2707 THR A C   1 
ATOM   86   O  O   . THR A 1 12 ? 1.274   2.245   7.794   1.00 9.06  ? 2707 THR A O   1 
ATOM   87   C  CB  . THR A 1 12 ? -0.988  0.775   6.219   1.00 8.97  ? 2707 THR A CB  1 
ATOM   88   O  OG1 . THR A 1 12 ? -1.565  -0.516  5.989   1.00 7.96  ? 2707 THR A OG1 1 
ATOM   89   C  CG2 . THR A 1 12 ? -1.575  1.760   5.224   1.00 7.08  ? 2707 THR A CG2 1 
ATOM   90   N  N   . CYS A 1 13 ? 1.532   2.890   5.650   1.00 6.62  ? 2708 CYS A N   1 
ATOM   91   C  CA  . CYS A 1 13 ? 1.888   4.260   6.018   1.00 6.80  ? 2708 CYS A CA  1 
ATOM   92   C  C   . CYS A 1 13 ? 0.614   5.070   6.257   1.00 7.68  ? 2708 CYS A C   1 
ATOM   93   O  O   . CYS A 1 13 ? -0.218  5.216   5.359   1.00 9.13  ? 2708 CYS A O   1 
ATOM   94   C  CB  . CYS A 1 13 ? 2.738   4.935   4.948   1.00 7.27  ? 2708 CYS A CB  1 
ATOM   95   S  SG  . CYS A 1 13 ? 2.991   6.724   5.243   1.00 9.18  ? 2708 CYS A SG  1 
ATOM   96   N  N   . ASP A 1 14 ? 0.462   5.610   7.455   1.00 9.09  ? 2709 ASP A N   1 
ATOM   97   C  CA  . ASP A 1 14 ? -0.744  6.368   7.752   1.00 9.11  ? 2709 ASP A CA  1 
ATOM   98   C  C   . ASP A 1 14 ? -0.769  7.728   7.084   1.00 9.36  ? 2709 ASP A C   1 
ATOM   99   O  O   . ASP A 1 14 ? -1.801  8.396   7.145   1.00 11.10 ? 2709 ASP A O   1 
ATOM   100  C  CB  . ASP A 1 14 ? -0.905  6.528   9.260   1.00 9.51  ? 2709 ASP A CB  1 
ATOM   101  C  CG  . ASP A 1 14 ? -1.152  5.205   9.945   1.00 9.36  ? 2709 ASP A CG  1 
ATOM   102  O  OD1 . ASP A 1 14 ? -2.226  4.633   9.718   1.00 11.92 ? 2709 ASP A OD1 1 
ATOM   103  O  OD2 . ASP A 1 14 ? -0.278  4.731   10.696  1.00 11.70 ? 2709 ASP A OD2 1 
ATOM   104  N  N   . GLY A 1 15 ? 0.325   8.150   6.460   1.00 8.27  ? 2710 GLY A N   1 
ATOM   105  C  CA  . GLY A 1 15 ? 0.360   9.418   5.767   1.00 9.80  ? 2710 GLY A CA  1 
ATOM   106  C  C   . GLY A 1 15 ? -0.158  9.355   4.344   1.00 12.87 ? 2710 GLY A C   1 
ATOM   107  O  O   . GLY A 1 15 ? -0.863  10.264  3.905   1.00 12.69 ? 2710 GLY A O   1 
ATOM   108  N  N   . CYS A 1 16 ? 0.164   8.270   3.623   1.00 11.65 ? 2711 CYS A N   1 
ATOM   109  C  CA  . CYS A 1 16 ? -0.132  8.159   2.203   1.00 11.69 ? 2711 CYS A CA  1 
ATOM   110  C  C   . CYS A 1 16 ? -0.760  6.829   1.819   1.00 12.14 ? 2711 CYS A C   1 
ATOM   111  O  O   . CYS A 1 16 ? -0.973  6.592   0.625   1.00 9.92  ? 2711 CYS A O   1 
ATOM   112  C  CB  . CYS A 1 16 ? 1.145   8.374   1.369   1.00 13.33 ? 2711 CYS A CB  1 
ATOM   113  S  SG  . CYS A 1 16 ? 2.359   7.042   1.491   1.00 8.11  ? 2711 CYS A SG  1 
ATOM   114  N  N   . GLN A 1 17 ? -1.035  5.957   2.792   1.00 9.97  ? 2712 GLN A N   1 
ATOM   115  C  CA  . GLN A 1 17 ? -1.648  4.646   2.587   1.00 10.56 ? 2712 GLN A CA  1 
ATOM   116  C  C   . GLN A 1 17 ? -0.781  3.700   1.762   1.00 11.23 ? 2712 GLN A C   1 
ATOM   117  O  O   . GLN A 1 17 ? -1.286  2.685   1.274   1.00 8.62  ? 2712 GLN A O   1 
ATOM   118  C  CB  . GLN A 1 17 ? -3.034  4.759   1.933   1.00 12.67 ? 2712 GLN A CB  1 
ATOM   119  C  CG  . GLN A 1 17 ? -3.964  5.745   2.612   1.00 13.73 ? 2712 GLN A CG  1 
ATOM   120  C  CD  . GLN A 1 17 ? -3.988  5.596   4.118   1.00 14.82 ? 2712 GLN A CD  1 
ATOM   121  O  OE1 . GLN A 1 17 ? -3.821  6.571   4.846   1.00 16.64 ? 2712 GLN A OE1 1 
ATOM   122  N  NE2 . GLN A 1 17 ? -4.193  4.373   4.595   1.00 15.22 ? 2712 GLN A NE2 1 
ATOM   123  N  N   . MET A 1 18 ? 0.518   3.984   1.620   1.00 9.64  ? 2713 MET A N   1 
ATOM   124  C  CA  . MET A 1 18 ? 1.448   3.022   1.016   1.00 8.56  ? 2713 MET A CA  1 
ATOM   125  C  C   . MET A 1 18 ? 1.359   1.684   1.747   1.00 9.07  ? 2713 MET A C   1 
ATOM   126  O  O   . MET A 1 18 ? 1.330   1.649   2.979   1.00 7.20  ? 2713 MET A O   1 
ATOM   127  C  CB  . MET A 1 18 ? 2.885   3.559   1.085   1.00 8.30  ? 2713 MET A CB  1 
ATOM   128  C  CG  . MET A 1 18 ? 3.977   2.586   0.634   1.00 8.07  ? 2713 MET A CG  1 
ATOM   129  S  SD  . MET A 1 18 ? 5.651   3.124   1.057   1.00 9.83  ? 2713 MET A SD  1 
ATOM   130  C  CE  . MET A 1 18 ? 5.807   4.610   0.075   1.00 10.82 ? 2713 MET A CE  1 
ATOM   131  N  N   . PHE A 1 19 ? 1.260   0.590   0.989   1.00 8.75  ? 2714 PHE A N   1 
ATOM   132  C  CA  . PHE A 1 19 ? 1.154   -0.747  1.586   1.00 8.24  ? 2714 PHE A CA  1 
ATOM   133  C  C   . PHE A 1 19 ? 1.664   -1.857  0.669   1.00 9.65  ? 2714 PHE A C   1 
ATOM   134  O  O   . PHE A 1 19 ? 1.164   -2.022  -0.439  1.00 7.53  ? 2714 PHE A O   1 
ATOM   135  C  CB  . PHE A 1 19 ? -0.291  -1.065  1.965   1.00 9.63  ? 2714 PHE A CB  1 
ATOM   136  C  CG  . PHE A 1 19 ? -0.467  -2.425  2.573   1.00 9.34  ? 2714 PHE A CG  1 
ATOM   137  C  CD1 . PHE A 1 19 ? -0.234  -2.626  3.924   1.00 8.34  ? 2714 PHE A CD1 1 
ATOM   138  C  CD2 . PHE A 1 19 ? -0.816  -3.507  1.792   1.00 10.80 ? 2714 PHE A CD2 1 
ATOM   139  C  CE1 . PHE A 1 19 ? -0.386  -3.883  4.484   1.00 10.42 ? 2714 PHE A CE1 1 
ATOM   140  C  CE2 . PHE A 1 19 ? -0.948  -4.768  2.350   1.00 13.98 ? 2714 PHE A CE2 1 
ATOM   141  C  CZ  . PHE A 1 19 ? -0.736  -4.951  3.696   1.00 11.30 ? 2714 PHE A CZ  1 
ATOM   142  N  N   . PRO A 1 20 ? 2.652   -2.631  1.136   1.00 9.34  ? 2715 PRO A N   1 
ATOM   143  C  CA  . PRO A 1 20 ? 3.361   -2.447  2.406   1.00 9.33  ? 2715 PRO A CA  1 
ATOM   144  C  C   . PRO A 1 20 ? 4.332   -1.289  2.288   1.00 11.06 ? 2715 PRO A C   1 
ATOM   145  O  O   . PRO A 1 20 ? 4.640   -0.907  1.147   1.00 12.04 ? 2715 PRO A O   1 
ATOM   146  C  CB  . PRO A 1 20 ? 4.127   -3.762  2.578   1.00 8.20  ? 2715 PRO A CB  1 
ATOM   147  C  CG  . PRO A 1 20 ? 4.426   -4.169  1.150   1.00 9.42  ? 2715 PRO A CG  1 
ATOM   148  C  CD  . PRO A 1 20 ? 3.179   -3.777  0.376   1.00 9.05  ? 2715 PRO A CD  1 
ATOM   149  N  N   . ILE A 1 21 ? 4.775   -0.708  3.410   1.00 8.19  ? 2716 ILE A N   1 
ATOM   150  C  CA  . ILE A 1 21 ? 5.822   0.302   3.337   1.00 7.17  ? 2716 ILE A CA  1 
ATOM   151  C  C   . ILE A 1 21 ? 7.060   -0.323  2.703   1.00 9.20  ? 2716 ILE A C   1 
ATOM   152  O  O   . ILE A 1 21 ? 7.499   -1.412  3.101   1.00 6.15  ? 2716 ILE A O   1 
ATOM   153  C  CB  . ILE A 1 21 ? 6.138   0.868   4.731   1.00 6.34  ? 2716 ILE A CB  1 
ATOM   154  C  CG1 . ILE A 1 21 ? 4.918   1.596   5.317   1.00 7.72  ? 2716 ILE A CG1 1 
ATOM   155  C  CG2 . ILE A 1 21 ? 7.357   1.823   4.673   1.00 6.36  ? 2716 ILE A CG2 1 
ATOM   156  C  CD1 . ILE A 1 21 ? 5.217   2.379   6.562   1.00 6.31  ? 2716 ILE A CD1 1 
ATOM   157  N  N   . ASN A 1 22 ? 7.627   0.359   1.708   1.00 8.03  ? 2717 ASN A N   1 
ATOM   158  C  CA  . ASN A 1 22 ? 8.953   0.008   1.230   1.00 8.25  ? 2717 ASN A CA  1 
ATOM   159  C  C   . ASN A 1 22 ? 9.944   1.089   1.665   1.00 8.10  ? 2717 ASN A C   1 
ATOM   160  O  O   . ASN A 1 22 ? 9.568   2.240   1.878   1.00 9.29  ? 2717 ASN A O   1 
ATOM   161  C  CB  . ASN A 1 22 ? 8.979   -0.206  -0.295  1.00 12.36 ? 2717 ASN A CB  1 
ATOM   162  C  CG  . ASN A 1 22 ? 8.716   1.064   -1.082  1.00 13.43 ? 2717 ASN A CG  1 
ATOM   163  O  OD1 . ASN A 1 22 ? 7.574   1.476   -1.248  1.00 15.62 ? 2717 ASN A OD1 1 
ATOM   164  N  ND2 . ASN A 1 22 ? 9.777   1.702   -1.551  1.00 14.43 ? 2717 ASN A ND2 1 
ATOM   165  N  N   . GLY A 1 23 ? 11.202  0.694   1.845   1.00 8.19  ? 2718 GLY A N   1 
ATOM   166  C  CA  . GLY A 1 23 ? 12.200  1.562   2.433   1.00 8.42  ? 2718 GLY A CA  1 
ATOM   167  C  C   . GLY A 1 23 ? 12.195  1.496   3.951   1.00 9.48  ? 2718 GLY A C   1 
ATOM   168  O  O   . GLY A 1 23 ? 11.726  0.527   4.559   1.00 5.41  ? 2718 GLY A O   1 
ATOM   169  N  N   . SER A 1 24 ? 12.742  2.544   4.574   1.00 7.94  ? 2719 SER A N   1 
ATOM   170  C  CA  . SER A 1 24 ? 12.741  2.605   6.030   1.00 8.60  ? 2719 SER A CA  1 
ATOM   171  C  C   . SER A 1 24 ? 11.347  2.934   6.544   1.00 8.28  ? 2719 SER A C   1 
ATOM   172  O  O   . SER A 1 24 ? 10.623  3.749   5.964   1.00 8.45  ? 2719 SER A O   1 
ATOM   173  C  CB  . SER A 1 24 ? 13.746  3.631   6.558   1.00 9.36  ? 2719 SER A CB  1 
ATOM   174  O  OG  . SER A 1 24 ? 15.084  3.237   6.293   1.00 9.26  ? 2719 SER A OG  1 
ATOM   175  N  N   . ARG A 1 25 ? 10.978  2.286   7.640   1.00 7.02  ? 2720 ARG A N   1 
ATOM   176  C  CA  . ARG A 1 25 ? 9.694   2.466   8.300   1.00 7.32  ? 2720 ARG A CA  1 
ATOM   177  C  C   . ARG A 1 25 ? 9.882   3.309   9.555   1.00 6.59  ? 2720 ARG A C   1 
ATOM   178  O  O   . ARG A 1 25 ? 10.821  3.096   10.322  1.00 6.91  ? 2720 ARG A O   1 
ATOM   179  C  CB  . ARG A 1 25 ? 9.109   1.094   8.660   1.00 5.84  ? 2720 ARG A CB  1 
ATOM   180  C  CG  . ARG A 1 25 ? 8.036   1.098   9.716   1.00 4.98  ? 2720 ARG A CG  1 
ATOM   181  C  CD  . ARG A 1 25 ? 7.758   -0.301  10.248  1.00 6.80  ? 2720 ARG A CD  1 
ATOM   182  N  NE  . ARG A 1 25 ? 6.654   -0.280  11.207  1.00 6.99  ? 2720 ARG A NE  1 
ATOM   183  C  CZ  . ARG A 1 25 ? 6.287   -1.289  11.987  1.00 7.95  ? 2720 ARG A CZ  1 
ATOM   184  N  NH1 . ARG A 1 25 ? 6.934   -2.442  11.947  1.00 7.66  ? 2720 ARG A NH1 1 
ATOM   185  N  NH2 . ARG A 1 25 ? 5.259   -1.133  12.816  1.00 9.39  ? 2720 ARG A NH2 1 
ATOM   186  N  N   . PHE A 1 26 ? 8.989   4.266   9.774   1.00 7.05  ? 2721 PHE A N   1 
ATOM   187  C  CA  . PHE A 1 26 ? 9.069   5.129   10.951  1.00 6.03  ? 2721 PHE A CA  1 
ATOM   188  C  C   . PHE A 1 26 ? 7.820   4.927   11.803  1.00 7.56  ? 2721 PHE A C   1 
ATOM   189  O  O   . PHE A 1 26 ? 6.741   5.410   11.452  1.00 7.28  ? 2721 PHE A O   1 
ATOM   190  C  CB  . PHE A 1 26 ? 9.242   6.595   10.554  1.00 5.37  ? 2721 PHE A CB  1 
ATOM   191  C  CG  . PHE A 1 26 ? 10.554  6.876   9.871   1.00 8.36  ? 2721 PHE A CG  1 
ATOM   192  C  CD1 . PHE A 1 26 ? 11.641  7.340   10.602  1.00 5.51  ? 2721 PHE A CD1 1 
ATOM   193  C  CD2 . PHE A 1 26 ? 10.714  6.628   8.511   1.00 8.08  ? 2721 PHE A CD2 1 
ATOM   194  C  CE1 . PHE A 1 26 ? 12.859  7.579   9.981   1.00 6.07  ? 2721 PHE A CE1 1 
ATOM   195  C  CE2 . PHE A 1 26 ? 11.930  6.861   7.885   1.00 5.80  ? 2721 PHE A CE2 1 
ATOM   196  C  CZ  . PHE A 1 26 ? 12.999  7.345   8.628   1.00 11.90 ? 2721 PHE A CZ  1 
ATOM   197  N  N   . LYS A 1 27 ? 7.977   4.238   12.937  1.00 8.42  ? 2722 LYS A N   1 
ATOM   198  C  CA  . LYS A 1 27 ? 6.864   3.955   13.839  1.00 9.05  ? 2722 LYS A CA  1 
ATOM   199  C  C   . LYS A 1 27 ? 6.824   4.987   14.962  1.00 5.79  ? 2722 LYS A C   1 
ATOM   200  O  O   . LYS A 1 27 ? 7.830   5.214   15.639  1.00 9.35  ? 2722 LYS A O   1 
ATOM   201  C  CB  . LYS A 1 27 ? 6.977   2.548   14.430  1.00 5.93  ? 2722 LYS A CB  1 
ATOM   202  C  CG  . LYS A 1 27 ? 5.835   2.229   15.427  1.00 10.89 ? 2722 LYS A CG  1 
ATOM   203  C  CD  . LYS A 1 27 ? 5.873   0.775   15.899  1.00 12.62 ? 2722 LYS A CD  1 
ATOM   204  C  CE  . LYS A 1 27 ? 4.844   0.490   16.996  1.00 13.83 ? 2722 LYS A CE  1 
ATOM   205  N  NZ  . LYS A 1 27 ? 3.443   0.870   16.633  1.00 9.96  ? 2722 LYS A NZ  1 
ATOM   206  N  N   . CYS A 1 28 ? 5.673   5.611   15.158  1.00 5.66  ? 2723 CYS A N   1 
ATOM   207  C  CA  . CYS A 1 28 ? 5.546   6.563   16.256  1.00 7.80  ? 2723 CYS A CA  1 
ATOM   208  C  C   . CYS A 1 28 ? 5.595   5.838   17.591  1.00 7.51  ? 2723 CYS A C   1 
ATOM   209  O  O   . CYS A 1 28 ? 4.915   4.826   17.776  1.00 8.72  ? 2723 CYS A O   1 
ATOM   210  C  CB  . CYS A 1 28 ? 4.252   7.364   16.152  1.00 5.66  ? 2723 CYS A CB  1 
ATOM   211  S  SG  . CYS A 1 28 ? 4.188   8.637   17.423  1.00 6.42  ? 2723 CYS A SG  1 
ATOM   212  N  N   . ARG A 1 29 ? 6.404   6.356   18.526  1.00 10.09 ? 2724 ARG A N   1 
ATOM   213  C  CA  . ARG A 1 29 ? 6.507   5.764   19.857  1.00 10.91 ? 2724 ARG A CA  1 
ATOM   214  C  C   . ARG A 1 29 ? 5.378   6.166   20.793  1.00 11.06 ? 2724 ARG A C   1 
ATOM   215  O  O   . ARG A 1 29 ? 5.245   5.567   21.866  1.00 9.73  ? 2724 ARG A O   1 
ATOM   216  C  CB  . ARG A 1 29 ? 7.846   6.142   20.512  1.00 13.36 ? 2724 ARG A CB  1 
ATOM   217  C  CG  . ARG A 1 29 ? 9.070   5.598   19.770  1.00 13.55 ? 2724 ARG A CG  1 
ATOM   218  C  CD  . ARG A 1 29 ? 10.397  6.056   20.383  1.00 21.93 ? 2724 ARG A CD  1 
ATOM   219  N  NE  . ARG A 1 29 ? 11.493  5.167   19.978  1.00 23.32 ? 2724 ARG A NE  1 
ATOM   220  C  CZ  . ARG A 1 29 ? 12.563  5.541   19.281  1.00 23.69 ? 2724 ARG A CZ  1 
ATOM   221  N  NH1 . ARG A 1 29 ? 13.492  4.643   18.962  1.00 27.91 ? 2724 ARG A NH1 1 
ATOM   222  N  NH2 . ARG A 1 29 ? 12.723  6.805   18.913  1.00 22.31 ? 2724 ARG A NH2 1 
ATOM   223  N  N   . ASN A 1 30 ? 4.535   7.115   20.400  1.00 10.45 ? 2725 ASN A N   1 
ATOM   224  C  CA  . ASN A 1 30 ? 3.504   7.658   21.275  1.00 8.90  ? 2725 ASN A CA  1 
ATOM   225  C  C   . ASN A 1 30 ? 2.100   7.288   20.826  1.00 10.75 ? 2725 ASN A C   1 
ATOM   226  O  O   . ASN A 1 30 ? 1.284   6.850   21.642  1.00 12.33 ? 2725 ASN A O   1 
ATOM   227  C  CB  . ASN A 1 30 ? 3.680   9.170   21.322  1.00 8.96  ? 2725 ASN A CB  1 
ATOM   228  C  CG  . ASN A 1 30 ? 5.117   9.554   21.585  1.00 12.37 ? 2725 ASN A CG  1 
ATOM   229  O  OD1 . ASN A 1 30 ? 5.944   9.587   20.658  1.00 11.73 ? 2725 ASN A OD1 1 
ATOM   230  N  ND2 . ASN A 1 30 ? 5.421   9.902   22.840  1.00 10.17 ? 2725 ASN A ND2 1 
ATOM   231  N  N   . CYS A 1 31 ? 1.801   7.439   19.540  1.00 6.78  ? 2726 CYS A N   1 
ATOM   232  C  CA  . CYS A 1 31 ? 0.570   6.894   18.985  1.00 9.58  ? 2726 CYS A CA  1 
ATOM   233  C  C   . CYS A 1 31 ? 0.510   5.379   19.206  1.00 11.06 ? 2726 CYS A C   1 
ATOM   234  O  O   . CYS A 1 31 ? 1.530   4.706   19.400  1.00 8.48  ? 2726 CYS A O   1 
ATOM   235  C  CB  . CYS A 1 31 ? 0.467   7.207   17.486  1.00 7.31  ? 2726 CYS A CB  1 
ATOM   236  S  SG  . CYS A 1 31 ? 0.301   8.947   17.045  1.00 8.35  ? 2726 CYS A SG  1 
ATOM   237  N  N   . ASP A 1 32 ? -0.719  4.860   19.208  1.00 8.51  ? 2727 ASP A N   1 
ATOM   238  C  CA  . ASP A 1 32 ? -0.970  3.438   19.434  1.00 8.47  ? 2727 ASP A CA  1 
ATOM   239  C  C   . ASP A 1 32 ? -0.458  2.572   18.284  1.00 13.20 ? 2727 ASP A C   1 
ATOM   240  O  O   . ASP A 1 32 ? 0.175   1.533   18.513  1.00 13.37 ? 2727 ASP A O   1 
ATOM   241  C  CB  . ASP A 1 32 ? -2.475  3.240   19.659  1.00 11.63 ? 2727 ASP A CB  1 
ATOM   242  C  CG  . ASP A 1 32 ? -2.880  1.780   19.840  1.00 13.96 ? 2727 ASP A CG  1 
ATOM   243  O  OD1 . ASP A 1 32 ? -2.915  1.295   20.984  1.00 13.01 ? 2727 ASP A OD1 1 
ATOM   244  O  OD2 . ASP A 1 32 ? -3.189  1.123   18.830  1.00 21.32 ? 2727 ASP A OD2 1 
ATOM   245  N  N   . ASP A 1 33 ? -0.702  2.987   17.045  1.00 10.64 ? 2728 ASP A N   1 
ATOM   246  C  CA  . ASP A 1 33 ? -0.464  2.127   15.893  1.00 11.34 ? 2728 ASP A CA  1 
ATOM   247  C  C   . ASP A 1 33 ? -0.260  2.986   14.649  1.00 10.19 ? 2728 ASP A C   1 
ATOM   248  O  O   . ASP A 1 33 ? -1.053  2.918   13.712  1.00 10.32 ? 2728 ASP A O   1 
ATOM   249  C  CB  . ASP A 1 33 ? -1.648  1.163   15.724  1.00 12.68 ? 2728 ASP A CB  1 
ATOM   250  C  CG  . ASP A 1 33 ? -1.504  0.219   14.535  1.00 13.65 ? 2728 ASP A CG  1 
ATOM   251  O  OD1 . ASP A 1 33 ? -2.516  0.034   13.850  1.00 13.66 ? 2728 ASP A OD1 1 
ATOM   252  O  OD2 . ASP A 1 33 ? -0.413  -0.336  14.282  1.00 11.83 ? 2728 ASP A OD2 1 
ATOM   253  N  N   . PHE A 1 34 ? 0.781   3.825   14.639  1.00 7.12  ? 2729 PHE A N   1 
ATOM   254  C  CA  . PHE A 1 34 ? 0.950   4.839   13.604  1.00 8.96  ? 2729 PHE A CA  1 
ATOM   255  C  C   . PHE A 1 34 ? 2.335   4.717   12.981  1.00 7.16  ? 2729 PHE A C   1 
ATOM   256  O  O   . PHE A 1 34 ? 3.342   4.734   13.697  1.00 5.58  ? 2729 PHE A O   1 
ATOM   257  C  CB  . PHE A 1 34 ? 0.738   6.250   14.178  1.00 6.59  ? 2729 PHE A CB  1 
ATOM   258  C  CG  . PHE A 1 34 ? 0.684   7.350   13.131  1.00 9.31  ? 2729 PHE A CG  1 
ATOM   259  C  CD1 . PHE A 1 34 ? 1.844   7.820   12.534  1.00 7.49  ? 2729 PHE A CD1 1 
ATOM   260  C  CD2 . PHE A 1 34 ? -0.532  7.916   12.762  1.00 8.34  ? 2729 PHE A CD2 1 
ATOM   261  C  CE1 . PHE A 1 34 ? 1.797   8.830   11.565  1.00 10.14 ? 2729 PHE A CE1 1 
ATOM   262  C  CE2 . PHE A 1 34 ? -0.593  8.932   11.813  1.00 9.13  ? 2729 PHE A CE2 1 
ATOM   263  C  CZ  . PHE A 1 34 ? 0.584   9.390   11.211  1.00 7.77  ? 2729 PHE A CZ  1 
ATOM   264  N  N   . ASP A 1 35 ? 2.379   4.649   11.654  1.00 5.98  ? 2730 ASP A N   1 
ATOM   265  C  CA  . ASP A 1 35 ? 3.621   4.493   10.908  1.00 9.20  ? 2730 ASP A CA  1 
ATOM   266  C  C   . ASP A 1 35 ? 3.656   5.472   9.744   1.00 7.48  ? 2730 ASP A C   1 
ATOM   267  O  O   . ASP A 1 35 ? 2.620   5.808   9.170   1.00 7.07  ? 2730 ASP A O   1 
ATOM   268  C  CB  . ASP A 1 35 ? 3.792   3.061   10.375  1.00 6.15  ? 2730 ASP A CB  1 
ATOM   269  C  CG  . ASP A 1 35 ? 3.751   2.014   11.476  1.00 7.61  ? 2730 ASP A CG  1 
ATOM   270  O  OD1 . ASP A 1 35 ? 2.647   1.535   11.803  1.00 8.95  ? 2730 ASP A OD1 1 
ATOM   271  O  OD2 . ASP A 1 35 ? 4.822   1.648   11.995  1.00 5.69  ? 2730 ASP A OD2 1 
ATOM   272  N  N   . PHE A 1 36 ? 4.867   5.927   9.407   1.00 8.09  ? 2731 PHE A N   1 
ATOM   273  C  CA  . PHE A 1 36 ? 5.147   6.759   8.241   1.00 6.01  ? 2731 PHE A CA  1 
ATOM   274  C  C   . PHE A 1 36 ? 6.137   6.048   7.330   1.00 6.42  ? 2731 PHE A C   1 
ATOM   275  O  O   . PHE A 1 36 ? 7.100   5.454   7.812   1.00 4.74  ? 2731 PHE A O   1 
ATOM   276  C  CB  . PHE A 1 36 ? 5.794   8.089   8.646   1.00 7.16  ? 2731 PHE A CB  1 
ATOM   277  C  CG  . PHE A 1 36 ? 4.830   9.194   8.943   1.00 6.74  ? 2731 PHE A CG  1 
ATOM   278  C  CD1 . PHE A 1 36 ? 3.610   9.276   8.297   1.00 7.10  ? 2731 PHE A CD1 1 
ATOM   279  C  CD2 . PHE A 1 36 ? 5.169   10.183  9.852   1.00 6.91  ? 2731 PHE A CD2 1 
ATOM   280  C  CE1 . PHE A 1 36 ? 2.746   10.320  8.557   1.00 8.57  ? 2731 PHE A CE1 1 
ATOM   281  C  CE2 . PHE A 1 36 ? 4.300   11.231  10.115  1.00 10.30 ? 2731 PHE A CE2 1 
ATOM   282  C  CZ  . PHE A 1 36 ? 3.090   11.296  9.466   1.00 7.23  ? 2731 PHE A CZ  1 
ATOM   283  N  N   . CYS A 1 37 ? 5.950   6.159   6.019   1.00 6.40  ? 2732 CYS A N   1 
ATOM   284  C  CA  . CYS A 1 37 ? 7.083   5.913   5.143   1.00 6.16  ? 2732 CYS A CA  1 
ATOM   285  C  C   . CYS A 1 37 ? 8.054   7.093   5.252   1.00 8.71  ? 2732 CYS A C   1 
ATOM   286  O  O   . CYS A 1 37 ? 7.778   8.093   5.924   1.00 10.71 ? 2732 CYS A O   1 
ATOM   287  C  CB  . CYS A 1 37 ? 6.630   5.687   3.702   1.00 9.26  ? 2732 CYS A CB  1 
ATOM   288  S  SG  . CYS A 1 37 ? 6.081   7.188   2.858   1.00 12.58 ? 2732 CYS A SG  1 
ATOM   289  N  N   . GLU A 1 38 ? 9.220   6.973   4.616   1.00 8.89  ? 2733 GLU A N   1 
ATOM   290  C  CA  . GLU A 1 38 ? 10.245  7.991   4.843   1.00 11.07 ? 2733 GLU A CA  1 
ATOM   291  C  C   . GLU A 1 38 ? 9.837   9.339   4.261   1.00 11.34 ? 2733 GLU A C   1 
ATOM   292  O  O   . GLU A 1 38 ? 10.037  10.377  4.905   1.00 13.75 ? 2733 GLU A O   1 
ATOM   293  C  CB  . GLU A 1 38 ? 11.600  7.552   4.286   1.00 10.72 ? 2733 GLU A CB  1 
ATOM   294  C  CG  . GLU A 1 38 ? 12.699  8.591   4.525   1.00 13.49 ? 2733 GLU A CG  1 
ATOM   295  C  CD  . GLU A 1 38 ? 14.105  8.053   4.301   1.00 18.42 ? 2733 GLU A CD  1 
ATOM   296  O  OE1 . GLU A 1 38 ? 14.278  6.821   4.184   1.00 19.19 ? 2733 GLU A OE1 1 
ATOM   297  O  OE2 . GLU A 1 38 ? 15.035  8.874   4.211   1.00 19.53 ? 2733 GLU A OE2 1 
ATOM   298  N  N   . THR A 1 39 ? 9.268   9.354   3.051   1.00 8.96  ? 2734 THR A N   1 
ATOM   299  C  CA  . THR A 1 39 ? 8.814   10.618  2.481   1.00 14.58 ? 2734 THR A CA  1 
ATOM   300  C  C   . THR A 1 39 ? 7.787   11.283  3.389   1.00 13.30 ? 2734 THR A C   1 
ATOM   301  O  O   . THR A 1 39 ? 7.897   12.470  3.700   1.00 13.93 ? 2734 THR A O   1 
ATOM   302  C  CB  . THR A 1 39 ? 8.214   10.415  1.091   1.00 15.97 ? 2734 THR A CB  1 
ATOM   303  O  OG1 . THR A 1 39 ? 9.194   9.853   0.214   1.00 20.25 ? 2734 THR A OG1 1 
ATOM   304  C  CG2 . THR A 1 39 ? 7.758   11.762  0.541   1.00 15.83 ? 2734 THR A CG2 1 
ATOM   305  N  N   . CYS A 1 40 ? 6.788   10.517  3.845   1.00 10.67 ? 2735 CYS A N   1 
ATOM   306  C  CA  . CYS A 1 40 ? 5.792   11.074  4.756   1.00 12.71 ? 2735 CYS A CA  1 
ATOM   307  C  C   . CYS A 1 40 ? 6.430   11.531  6.056   1.00 11.49 ? 2735 CYS A C   1 
ATOM   308  O  O   . CYS A 1 40 ? 6.055   12.576  6.606   1.00 11.50 ? 2735 CYS A O   1 
ATOM   309  C  CB  . CYS A 1 40 ? 4.703   10.043  5.043   1.00 9.70  ? 2735 CYS A CB  1 
ATOM   310  S  SG  . CYS A 1 40 ? 3.547   9.856   3.703   1.00 8.60  ? 2735 CYS A SG  1 
ATOM   311  N  N   . PHE A 1 41 ? 7.393   10.757  6.573   1.00 9.37  ? 2736 PHE A N   1 
ATOM   312  C  CA  . PHE A 1 41 ? 8.060   11.155  7.805   1.00 9.37  ? 2736 PHE A CA  1 
ATOM   313  C  C   . PHE A 1 41 ? 8.718   12.516  7.664   1.00 12.01 ? 2736 PHE A C   1 
ATOM   314  O  O   . PHE A 1 41 ? 8.769   13.275  8.633   1.00 13.10 ? 2736 PHE A O   1 
ATOM   315  C  CB  . PHE A 1 41 ? 9.102   10.120  8.228   1.00 7.46  ? 2736 PHE A CB  1 
ATOM   316  C  CG  . PHE A 1 41 ? 9.951   10.572  9.387   1.00 10.19 ? 2736 PHE A CG  1 
ATOM   317  C  CD1 . PHE A 1 41 ? 9.386   10.767  10.648  1.00 7.53  ? 2736 PHE A CD1 1 
ATOM   318  C  CD2 . PHE A 1 41 ? 11.304  10.807  9.223   1.00 9.75  ? 2736 PHE A CD2 1 
ATOM   319  C  CE1 . PHE A 1 41 ? 10.154  11.191  11.721  1.00 8.30  ? 2736 PHE A CE1 1 
ATOM   320  C  CE2 . PHE A 1 41 ? 12.094  11.228  10.298  1.00 11.81 ? 2736 PHE A CE2 1 
ATOM   321  C  CZ  . PHE A 1 41 ? 11.518  11.427  11.545  1.00 10.34 ? 2736 PHE A CZ  1 
ATOM   322  N  N   . LYS A 1 42 ? 9.246   12.828  6.475   1.00 14.32 ? 2737 LYS A N   1 
ATOM   323  C  CA  . LYS A 1 42 ? 9.941   14.084  6.228   1.00 12.17 ? 2737 LYS A CA  1 
ATOM   324  C  C   . LYS A 1 42 ? 9.008   15.241  5.884   1.00 15.70 ? 2737 LYS A C   1 
ATOM   325  O  O   . LYS A 1 42 ? 9.467   16.385  5.881   1.00 15.33 ? 2737 LYS A O   1 
ATOM   326  C  CB  . LYS A 1 42 ? 10.940  13.931  5.071   1.00 17.65 ? 2737 LYS A CB  1 
ATOM   327  C  CG  . LYS A 1 42 ? 12.111  12.979  5.271   1.00 15.76 ? 2737 LYS A CG  1 
ATOM   328  C  CD  . LYS A 1 42 ? 13.068  13.427  6.324   1.00 17.23 ? 2737 LYS A CD  1 
ATOM   329  C  CE  . LYS A 1 42 ? 14.300  12.537  6.286   1.00 25.84 ? 2737 LYS A CE  1 
ATOM   330  N  NZ  . LYS A 1 42 ? 15.181  12.736  7.477   1.00 32.47 ? 2737 LYS A NZ  1 
ATOM   331  N  N   . THR A 1 43 ? 7.733   14.990  5.555   1.00 13.90 ? 2738 THR A N   1 
ATOM   332  C  CA  . THR A 1 43 ? 6.904   16.057  4.985   1.00 14.18 ? 2738 THR A CA  1 
ATOM   333  C  C   . THR A 1 43 ? 5.556   16.246  5.670   1.00 13.73 ? 2738 THR A C   1 
ATOM   334  O  O   . THR A 1 43 ? 4.960   17.322  5.573   1.00 14.76 ? 2738 THR A O   1 
ATOM   335  C  CB  . THR A 1 43 ? 6.667   15.814  3.488   1.00 15.17 ? 2738 THR A CB  1 
ATOM   336  O  OG1 . THR A 1 43 ? 5.944   14.588  3.295   1.00 17.57 ? 2738 THR A OG1 1 
ATOM   337  C  CG2 . THR A 1 43 ? 7.985   15.732  2.746   1.00 18.55 ? 2738 THR A CG2 1 
ATOM   338  N  N   . LYS A 1 44 ? 5.024   15.206  6.292   1.00 13.39 ? 2739 LYS A N   1 
ATOM   339  C  CA  . LYS A 1 44 ? 3.711   15.314  6.908   1.00 13.76 ? 2739 LYS A CA  1 
ATOM   340  C  C   . LYS A 1 44 ? 3.815   15.903  8.301   1.00 15.87 ? 2739 LYS A C   1 
ATOM   341  O  O   . LYS A 1 44 ? 4.784   15.673  9.027   1.00 13.13 ? 2739 LYS A O   1 
ATOM   342  C  CB  . LYS A 1 44 ? 3.005   13.959  6.982   1.00 12.45 ? 2739 LYS A CB  1 
ATOM   343  C  CG  . LYS A 1 44 ? 2.021   13.661  5.856   1.00 18.80 ? 2739 LYS A CG  1 
ATOM   344  C  CD  . LYS A 1 44 ? 2.634   13.605  4.506   1.00 17.37 ? 2739 LYS A CD  1 
ATOM   345  C  CE  . LYS A 1 44 ? 1.686   12.922  3.548   1.00 20.75 ? 2739 LYS A CE  1 
ATOM   346  N  NZ  . LYS A 1 44 ? 2.240   12.965  2.170   1.00 32.32 ? 2739 LYS A NZ  1 
ATOM   347  N  N   . LYS A 1 45 ? 2.784   16.653  8.678   1.00 15.77 ? 2740 LYS A N   1 
ATOM   348  C  CA  . LYS A 1 45 ? 2.704   17.207  10.017  1.00 19.79 ? 2740 LYS A CA  1 
ATOM   349  C  C   . LYS A 1 45 ? 2.236   16.138  11.004  1.00 19.15 ? 2740 LYS A C   1 
ATOM   350  O  O   . LYS A 1 45 ? 1.375   15.311  10.690  1.00 18.40 ? 2740 LYS A O   1 
ATOM   351  C  CB  . LYS A 1 45 ? 1.769   18.418  10.010  1.00 21.42 ? 2740 LYS A CB  1 
ATOM   352  C  CG  . LYS A 1 45 ? 2.520   19.691  9.642   0.00 19.89 ? 2740 LYS A CG  1 
ATOM   353  C  CD  . LYS A 1 45 ? 1.623   20.867  9.304   0.00 20.31 ? 2740 LYS A CD  1 
ATOM   354  C  CE  . LYS A 1 45 ? 2.487   22.009  8.780   0.00 18.99 ? 2740 LYS A CE  1 
ATOM   355  N  NZ  . LYS A 1 45 ? 1.731   23.156  8.219   0.00 17.66 ? 2740 LYS A NZ  1 
ATOM   356  N  N   . HIS A 1 46 ? 2.841   16.144  12.190  1.00 11.28 ? 2741 HIS A N   1 
ATOM   357  C  CA  . HIS A 1 46 ? 2.528   15.190  13.241  1.00 12.18 ? 2741 HIS A CA  1 
ATOM   358  C  C   . HIS A 1 46 ? 2.852   15.876  14.553  1.00 12.21 ? 2741 HIS A C   1 
ATOM   359  O  O   . HIS A 1 46 ? 3.669   16.799  14.582  1.00 12.34 ? 2741 HIS A O   1 
ATOM   360  C  CB  . HIS A 1 46 ? 3.336   13.889  13.088  1.00 8.94  ? 2741 HIS A CB  1 
ATOM   361  C  CG  . HIS A 1 46 ? 2.769   12.724  13.842  1.00 7.39  ? 2741 HIS A CG  1 
ATOM   362  N  ND1 . HIS A 1 46 ? 1.749   11.944  13.347  1.00 6.83  ? 2741 HIS A ND1 1 
ATOM   363  C  CD2 . HIS A 1 46 ? 3.084   12.204  15.053  1.00 8.97  ? 2741 HIS A CD2 1 
ATOM   364  C  CE1 . HIS A 1 46 ? 1.459   10.996  14.219  1.00 8.75  ? 2741 HIS A CE1 1 
ATOM   365  N  NE2 . HIS A 1 46 ? 2.247   11.138  15.268  1.00 6.86  ? 2741 HIS A NE2 1 
ATOM   366  N  N   . ASN A 1 47 ? 2.211   15.420  15.634  1.00 10.11 ? 2742 ASN A N   1 
ATOM   367  C  CA  . ASN A 1 47 ? 2.462   15.985  16.952  1.00 10.58 ? 2742 ASN A CA  1 
ATOM   368  C  C   . ASN A 1 47 ? 3.957   16.123  17.160  1.00 11.70 ? 2742 ASN A C   1 
ATOM   369  O  O   . ASN A 1 47 ? 4.694   15.141  17.070  1.00 9.38  ? 2742 ASN A O   1 
ATOM   370  C  CB  . ASN A 1 47 ? 1.838   15.091  18.027  1.00 11.92 ? 2742 ASN A CB  1 
ATOM   371  C  CG  . ASN A 1 47 ? 2.007   15.644  19.442  1.00 10.81 ? 2742 ASN A CG  1 
ATOM   372  O  OD1 . ASN A 1 47 ? 3.100   16.039  19.841  1.00 11.40 ? 2742 ASN A OD1 1 
ATOM   373  N  ND2 . ASN A 1 47 ? 0.929   15.627  20.219  1.00 9.69  ? 2742 ASN A ND2 1 
ATOM   374  N  N   . THR A 1 48 ? 4.407   17.338  17.358  1.00 11.46 ? 2743 THR A N   1 
ATOM   375  C  CA  . THR A 1 48 ? 5.824   17.634  17.456  1.00 11.36 ? 2743 THR A CA  1 
ATOM   376  C  C   . THR A 1 48 ? 6.497   17.069  18.678  1.00 11.26 ? 2743 THR A C   1 
ATOM   377  O  O   . THR A 1 48 ? 7.646   17.021  18.728  1.00 13.77 ? 2743 THR A O   1 
ATOM   378  C  CB  . THR A 1 48 ? 6.096   19.149  17.344  1.00 13.68 ? 2743 THR A CB  1 
ATOM   379  O  OG1 . THR A 1 48 ? 5.362   19.839  18.322  1.00 8.51  ? 2743 THR A OG1 1 
ATOM   380  C  CG2 . THR A 1 48 ? 5.682   19.654  15.941  1.00 14.97 ? 2743 THR A CG2 1 
ATOM   381  N  N   . ARG A 1 49 ? 5.730   16.627  19.646  1.00 13.31 ? 2744 ARG A N   1 
ATOM   382  C  CA  . ARG A 1 49 ? 6.286   16.018  20.815  1.00 12.45 ? 2744 ARG A CA  1 
ATOM   383  C  C   . ARG A 1 49 ? 6.315   14.484  20.679  1.00 15.51 ? 2744 ARG A C   1 
ATOM   384  O  O   . ARG A 1 49 ? 6.851   13.842  21.487  1.00 12.69 ? 2744 ARG A O   1 
ATOM   385  C  CB  . ARG A 1 49 ? 5.635   16.488  22.092  1.00 12.74 ? 2744 ARG A CB  1 
ATOM   386  C  CG  . ARG A 1 49 ? 5.866   17.927  22.431  1.00 17.90 ? 2744 ARG A CG  1 
ATOM   387  C  CD  . ARG A 1 49 ? 7.309   18.253  22.813  1.00 22.54 ? 2744 ARG A CD  1 
ATOM   388  N  NE  . ARG A 1 49 ? 7.542   19.618  22.439  1.00 28.44 ? 2744 ARG A NE  1 
ATOM   389  C  CZ  . ARG A 1 49 ? 7.418   20.622  23.279  1.00 30.90 ? 2744 ARG A CZ  1 
ATOM   390  N  NH1 . ARG A 1 49 ? 7.612   21.830  22.836  1.00 33.78 ? 2744 ARG A NH1 1 
ATOM   391  N  NH2 . ARG A 1 49 ? 7.083   20.411  24.570  1.00 28.58 ? 2744 ARG A NH2 1 
ATOM   392  N  N   . HIS A 1 50 ? 5.686   13.927  19.663  1.00 11.12 ? 2745 HIS A N   1 
ATOM   393  C  CA  . HIS A 1 50 ? 5.878   12.487  19.441  1.00 13.09 ? 2745 HIS A CA  1 
ATOM   394  C  C   . HIS A 1 50 ? 7.270   12.263  18.830  1.00 12.57 ? 2745 HIS A C   1 
ATOM   395  O  O   . HIS A 1 50 ? 7.767   13.116  18.209  1.00 16.56 ? 2745 HIS A O   1 
ATOM   396  C  CB  . HIS A 1 50 ? 4.764   11.842  18.587  1.00 11.67 ? 2745 HIS A CB  1 
ATOM   397  C  CG  . HIS A 1 50 ? 3.438   11.925  19.233  1.00 10.43 ? 2745 HIS A CG  1 
ATOM   398  N  ND1 . HIS A 1 50 ? 2.332   11.325  18.741  1.00 9.92  ? 2745 HIS A ND1 1 
ATOM   399  C  CD2 . HIS A 1 50 ? 3.044   12.562  20.346  1.00 10.02 ? 2745 HIS A CD2 1 
ATOM   400  C  CE1 . HIS A 1 50 ? 1.313   11.570  19.517  1.00 9.14  ? 2745 HIS A CE1 1 
ATOM   401  N  NE2 . HIS A 1 50 ? 1.729   12.288  20.513  1.00 8.93  ? 2745 HIS A NE2 1 
ATOM   402  N  N   . THR A 1 51 ? 7.855   11.108  19.047  1.00 12.68 ? 2746 THR A N   1 
ATOM   403  C  CA  . THR A 1 51 ? 9.137   10.713  18.469  1.00 12.68 ? 2746 THR A CA  1 
ATOM   404  C  C   . THR A 1 51 ? 8.933   9.392   17.747  1.00 9.97  ? 2746 THR A C   1 
ATOM   405  O  O   . THR A 1 51 ? 8.132   8.562   18.181  1.00 9.30  ? 2746 THR A O   1 
ATOM   406  C  CB  . THR A 1 51 ? 10.253  10.557  19.522  1.00 16.54 ? 2746 THR A CB  1 
ATOM   407  O  OG1 . THR A 1 51 ? 9.873   9.558   20.475  1.00 20.01 ? 2746 THR A OG1 1 
ATOM   408  C  CG2 . THR A 1 51 ? 10.509  11.881  20.249  1.00 17.29 ? 2746 THR A CG2 1 
ATOM   409  N  N   . PHE A 1 52 ? 9.622   9.222   16.625  1.00 9.08  ? 2747 PHE A N   1 
ATOM   410  C  CA  . PHE A 1 52 ? 9.509   8.028   15.801  1.00 9.48  ? 2747 PHE A CA  1 
ATOM   411  C  C   . PHE A 1 52 ? 10.745  7.142   15.936  1.00 12.34 ? 2747 PHE A C   1 
ATOM   412  O  O   . PHE A 1 52 ? 11.870  7.640   16.021  1.00 14.41 ? 2747 PHE A O   1 
ATOM   413  C  CB  . PHE A 1 52 ? 9.314   8.414   14.331  1.00 9.29  ? 2747 PHE A CB  1 
ATOM   414  C  CG  . PHE A 1 52 ? 7.960   8.976   14.023  1.00 7.62  ? 2747 PHE A CG  1 
ATOM   415  C  CD1 . PHE A 1 52 ? 7.625   10.274  14.398  1.00 7.38  ? 2747 PHE A CD1 1 
ATOM   416  C  CD2 . PHE A 1 52 ? 7.023   8.208   13.359  1.00 7.92  ? 2747 PHE A CD2 1 
ATOM   417  C  CE1 . PHE A 1 52 ? 6.386   10.791  14.113  1.00 8.09  ? 2747 PHE A CE1 1 
ATOM   418  C  CE2 . PHE A 1 52 ? 5.770   8.718   13.061  1.00 6.61  ? 2747 PHE A CE2 1 
ATOM   419  C  CZ  . PHE A 1 52 ? 5.449   10.007  13.436  1.00 7.59  ? 2747 PHE A CZ  1 
ATOM   420  N  N   . GLY A 1 53 ? 10.536  5.831   15.908  1.00 12.40 ? 2748 GLY A N   1 
ATOM   421  C  CA  . GLY A 1 53 ? 11.626  4.875   15.843  1.00 12.90 ? 2748 GLY A CA  1 
ATOM   422  C  C   . GLY A 1 53 ? 11.850  4.438   14.409  1.00 11.95 ? 2748 GLY A C   1 
ATOM   423  O  O   . GLY A 1 53 ? 10.903  4.109   13.694  1.00 10.51 ? 2748 GLY A O   1 
ATOM   424  N  N   . ARG A 1 54 ? 13.110  4.486   13.976  1.00 9.37  ? 2749 ARG A N   1 
ATOM   425  C  CA  . ARG A 1 54 ? 13.438  4.062   12.621  1.00 11.49 ? 2749 ARG A CA  1 
ATOM   426  C  C   . ARG A 1 54 ? 13.615  2.548   12.574  1.00 12.41 ? 2749 ARG A C   1 
ATOM   427  O  O   . ARG A 1 54 ? 14.471  1.993   13.272  1.00 12.94 ? 2749 ARG A O   1 
ATOM   428  C  CB  . ARG A 1 54 ? 14.706  4.741   12.117  1.00 13.42 ? 2749 ARG A CB  1 
ATOM   429  C  CG  . ARG A 1 54 ? 14.988  4.415   10.656  1.00 11.27 ? 2749 ARG A CG  1 
ATOM   430  C  CD  . ARG A 1 54 ? 16.432  4.759   10.291  1.00 19.26 ? 2749 ARG A CD  1 
ATOM   431  N  NE  . ARG A 1 54 ? 16.591  6.116   9.785   1.00 27.42 ? 2749 ARG A NE  1 
ATOM   432  C  CZ  . ARG A 1 54 ? 16.816  6.418   8.508   1.00 28.96 ? 2749 ARG A CZ  1 
ATOM   433  N  NH1 . ARG A 1 54 ? 16.899  5.455   7.599   1.00 25.78 ? 2749 ARG A NH1 1 
ATOM   434  N  NH2 . ARG A 1 54 ? 16.955  7.685   8.135   1.00 23.81 ? 2749 ARG A NH2 1 
ATOM   435  N  N   . ILE A 1 55 ? 12.859  1.893   11.702  1.00 9.90  ? 2750 ILE A N   1 
ATOM   436  C  CA  . ILE A 1 55 ? 12.921  0.450   11.520  1.00 8.33  ? 2750 ILE A CA  1 
ATOM   437  C  C   . ILE A 1 55 ? 13.275  0.222   10.059  1.00 11.47 ? 2750 ILE A C   1 
ATOM   438  O  O   . ILE A 1 55 ? 12.419  0.364   9.174   1.00 11.52 ? 2750 ILE A O   1 
ATOM   439  C  CB  . ILE A 1 55 ? 11.598  -0.229  11.902  1.00 9.66  ? 2750 ILE A CB  1 
ATOM   440  C  CG1 . ILE A 1 55 ? 11.231  0.146   13.335  1.00 6.84  ? 2750 ILE A CG1 1 
ATOM   441  C  CG2 . ILE A 1 55 ? 11.678  -1.751  11.733  1.00 8.21  ? 2750 ILE A CG2 1 
ATOM   442  C  CD1 . ILE A 1 55 ? 9.826   -0.187  13.732  1.00 8.38  ? 2750 ILE A CD1 1 
ATOM   443  N  N   . ASN A 1 56 ? 14.541  -0.114  9.789   1.00 10.72 ? 2751 ASN A N   1 
ATOM   444  C  CA  . ASN A 1 56 ? 14.966  -0.250  8.397   1.00 13.30 ? 2751 ASN A CA  1 
ATOM   445  C  C   . ASN A 1 56 ? 14.501  -1.563  7.788   1.00 11.75 ? 2751 ASN A C   1 
ATOM   446  O  O   . ASN A 1 56 ? 14.328  -1.644  6.567   1.00 11.19 ? 2751 ASN A O   1 
ATOM   447  C  CB  . ASN A 1 56 ? 16.491  -0.142  8.266   1.00 12.27 ? 2751 ASN A CB  1 
ATOM   448  C  CG  . ASN A 1 56 ? 17.007  1.252   8.544   1.00 15.94 ? 2751 ASN A CG  1 
ATOM   449  O  OD1 . ASN A 1 56 ? 16.440  2.252   8.095   1.00 13.29 ? 2751 ASN A OD1 1 
ATOM   450  N  ND2 . ASN A 1 56 ? 18.121  1.325   9.248   1.00 16.64 ? 2751 ASN A ND2 1 
ATOM   451  N  N   . GLU A 1 57 ? 14.331  -2.601  8.603   1.00 12.83 ? 2752 GLU A N   1 
ATOM   452  C  CA  . GLU A 1 57 ? 13.885  -3.888  8.092   1.00 16.52 ? 2752 GLU A CA  1 
ATOM   453  C  C   . GLU A 1 57 ? 13.117  -4.632  9.176   1.00 13.28 ? 2752 GLU A C   1 
ATOM   454  O  O   . GLU A 1 57 ? 13.351  -4.399  10.370  1.00 10.60 ? 2752 GLU A O   1 
ATOM   455  C  CB  . GLU A 1 57 ? 15.073  -4.724  7.602   1.00 16.30 ? 2752 GLU A CB  1 
ATOM   456  C  CG  . GLU A 1 57 ? 15.981  -5.190  8.703   1.00 20.02 ? 2752 GLU A CG  1 
ATOM   457  C  CD  . GLU A 1 57 ? 17.262  -5.776  8.150   1.00 23.76 ? 2752 GLU A CD  1 
ATOM   458  O  OE1 . GLU A 1 57 ? 17.452  -5.721  6.913   1.00 23.19 ? 2752 GLU A OE1 1 
ATOM   459  O  OE2 . GLU A 1 57 ? 18.072  -6.274  8.955   1.00 30.99 ? 2752 GLU A OE2 1 
ATOM   460  N  N   . PRO A 1 58 ? 12.182  -5.511  8.793   1.00 10.95 ? 2753 PRO A N   1 
ATOM   461  C  CA  . PRO A 1 58 ? 11.404  -6.269  9.782   1.00 11.23 ? 2753 PRO A CA  1 
ATOM   462  C  C   . PRO A 1 58 ? 12.280  -6.946  10.827  1.00 9.99  ? 2753 PRO A C   1 
ATOM   463  O  O   . PRO A 1 58 ? 13.367  -7.442  10.530  1.00 10.58 ? 2753 PRO A O   1 
ATOM   464  C  CB  . PRO A 1 58 ? 10.662  -7.292  8.920   1.00 13.53 ? 2753 PRO A CB  1 
ATOM   465  C  CG  . PRO A 1 58 ? 10.466  -6.592  7.637   1.00 15.06 ? 2753 PRO A CG  1 
ATOM   466  C  CD  . PRO A 1 58 ? 11.689  -5.736  7.426   1.00 9.56  ? 2753 PRO A CD  1 
ATOM   467  N  N   . GLY A 1 59 ? 11.802  -6.946  12.071  1.00 15.07 ? 2754 GLY A N   1 
ATOM   468  C  CA  . GLY A 1 59 ? 12.527  -7.487  13.199  1.00 11.00 ? 2754 GLY A CA  1 
ATOM   469  C  C   . GLY A 1 59 ? 13.188  -6.455  14.089  1.00 11.34 ? 2754 GLY A C   1 
ATOM   470  O  O   . GLY A 1 59 ? 13.440  -6.740  15.266  1.00 9.57  ? 2754 GLY A O   1 
ATOM   471  N  N   . GLN A 1 60 ? 13.488  -5.272  13.563  1.00 12.76 ? 2755 GLN A N   1 
ATOM   472  C  CA  . GLN A 1 60 ? 14.029  -4.200  14.389  1.00 17.67 ? 2755 GLN A CA  1 
ATOM   473  C  C   . GLN A 1 60 ? 12.909  -3.413  15.058  1.00 18.67 ? 2755 GLN A C   1 
ATOM   474  O  O   . GLN A 1 60 ? 13.009  -3.084  16.249  1.00 26.35 ? 2755 GLN A O   1 
ATOM   475  C  CB  . GLN A 1 60 ? 14.890  -3.254  13.562  1.00 13.09 ? 2755 GLN A CB  1 
ATOM   476  C  CG  . GLN A 1 60 ? 15.975  -3.929  12.788  1.00 15.14 ? 2755 GLN A CG  1 
ATOM   477  C  CD  . GLN A 1 60 ? 16.694  -2.966  11.872  1.00 21.99 ? 2755 GLN A CD  1 
ATOM   478  O  OE1 . GLN A 1 60 ? 16.240  -1.837  11.666  1.00 22.98 ? 2755 GLN A OE1 1 
ATOM   479  N  NE2 . GLN A 1 60 ? 17.816  -3.399  11.319  1.00 21.05 ? 2755 GLN A NE2 1 
ATOM   480  N  N   . SER B 1 1  ? 8.738   -13.270 -20.236 1.00 10.85 ? 1    SER B N   1 
ATOM   481  C  CA  . SER B 1 1  ? 7.450   -13.417 -19.568 1.00 12.83 ? 1    SER B CA  1 
ATOM   482  C  C   . SER B 1 1  ? 6.921   -12.040 -19.136 1.00 13.15 ? 1    SER B C   1 
ATOM   483  O  O   . SER B 1 1  ? 7.690   -11.118 -18.880 1.00 13.18 ? 1    SER B O   1 
ATOM   484  C  CB  . SER B 1 1  ? 7.569   -14.379 -18.383 1.00 12.37 ? 1    SER B CB  1 
ATOM   485  O  OG  . SER B 1 1  ? 8.733   -14.108 -17.637 1.00 17.57 ? 1    SER B OG  1 
ATOM   486  N  N   . ASP B 1 2  ? 5.602   -11.906 -19.064 1.00 14.36 ? 2    ASP B N   1 
ATOM   487  C  CA  . ASP B 1 2  ? 4.945   -10.605 -19.011 1.00 12.39 ? 2    ASP B CA  1 
ATOM   488  C  C   . ASP B 1 2  ? 3.943   -10.581 -17.862 1.00 20.01 ? 2    ASP B C   1 
ATOM   489  O  O   . ASP B 1 2  ? 3.083   -11.459 -17.773 1.00 18.00 ? 2    ASP B O   1 
ATOM   490  C  CB  . ASP B 1 2  ? 4.247   -10.339 -20.355 1.00 16.56 ? 2    ASP B CB  1 
ATOM   491  C  CG  . ASP B 1 2  ? 3.709   -8.933  -20.486 1.00 16.74 ? 2    ASP B CG  1 
ATOM   492  O  OD1 . ASP B 1 2  ? 3.702   -8.196  -19.484 1.00 17.42 ? 2    ASP B OD1 1 
ATOM   493  O  OD2 . ASP B 1 2  ? 3.275   -8.574  -21.607 1.00 19.33 ? 2    ASP B OD2 1 
ATOM   494  N  N   . GLN B 1 3  ? 4.057   -9.578  -16.984 1.00 20.22 ? 3    GLN B N   1 
ATOM   495  C  CA  . GLN B 1 3  ? 3.086   -9.426  -15.902 1.00 19.58 ? 3    GLN B CA  1 
ATOM   496  C  C   . GLN B 1 3  ? 1.681   -9.204  -16.441 1.00 22.98 ? 3    GLN B C   1 
ATOM   497  O  O   . GLN B 1 3  ? 0.703   -9.693  -15.863 1.00 15.26 ? 3    GLN B O   1 
ATOM   498  C  CB  . GLN B 1 3  ? 3.486   -8.267  -14.988 1.00 27.41 ? 3    GLN B CB  1 
ATOM   499  C  CG  . GLN B 1 3  ? 2.425   -7.893  -13.963 1.00 24.98 ? 3    GLN B CG  1 
ATOM   500  C  CD  . GLN B 1 3  ? 2.124   -9.026  -12.990 1.00 25.72 ? 3    GLN B CD  1 
ATOM   501  O  OE1 . GLN B 1 3  ? 3.027   -9.749  -12.562 1.00 33.93 ? 3    GLN B OE1 1 
ATOM   502  N  NE2 . GLN B 1 3  ? 0.850   -9.195  -12.652 1.00 17.90 ? 3    GLN B NE2 1 
ATOM   503  N  N   . GLU B 1 4  ? 1.557   -8.462  -17.550 1.00 23.51 ? 4    GLU B N   1 
ATOM   504  C  CA  . GLU B 1 4  ? 0.248   -8.187  -18.135 1.00 18.95 ? 4    GLU B CA  1 
ATOM   505  C  C   . GLU B 1 4  ? -0.479  -9.459  -18.554 1.00 26.86 ? 4    GLU B C   1 
ATOM   506  O  O   . GLU B 1 4  ? -1.711  -9.459  -18.666 1.00 29.53 ? 4    GLU B O   1 
ATOM   507  C  CB  . GLU B 1 4  ? 0.392   -7.266  -19.348 1.00 28.12 ? 4    GLU B CB  1 
ATOM   508  C  CG  . GLU B 1 4  ? 0.809   -5.854  -19.015 1.00 27.32 ? 4    GLU B CG  1 
ATOM   509  C  CD  . GLU B 1 4  ? -0.041  -5.261  -17.918 1.00 32.15 ? 4    GLU B CD  1 
ATOM   510  O  OE1 . GLU B 1 4  ? -1.254  -5.036  -18.147 1.00 30.14 ? 4    GLU B OE1 1 
ATOM   511  O  OE2 . GLU B 1 4  ? 0.506   -5.050  -16.813 1.00 31.35 ? 4    GLU B OE2 1 
ATOM   512  N  N   . ALA B 1 5  ? 0.258   -10.539 -18.822 1.00 21.85 ? 5    ALA B N   1 
ATOM   513  C  CA  . ALA B 1 5  ? -0.376  -11.780 -19.241 1.00 23.57 ? 5    ALA B CA  1 
ATOM   514  C  C   . ALA B 1 5  ? -1.055  -12.510 -18.088 1.00 22.11 ? 5    ALA B C   1 
ATOM   515  O  O   . ALA B 1 5  ? -1.898  -13.381 -18.338 1.00 24.70 ? 5    ALA B O   1 
ATOM   516  C  CB  . ALA B 1 5  ? 0.656   -12.700 -19.895 1.00 26.52 ? 5    ALA B CB  1 
ATOM   517  N  N   . LYS B 1 6  ? -0.689  -12.210 -16.839 1.00 19.91 ? 6    LYS B N   1 
ATOM   518  C  CA  . LYS B 1 6  ? -1.348  -12.852 -15.708 1.00 18.85 ? 6    LYS B CA  1 
ATOM   519  C  C   . LYS B 1 6  ? -2.816  -12.455 -15.660 1.00 15.68 ? 6    LYS B C   1 
ATOM   520  O  O   . LYS B 1 6  ? -3.171  -11.290 -15.850 1.00 15.53 ? 6    LYS B O   1 
ATOM   521  C  CB  . LYS B 1 6  ? -0.648  -12.497 -14.396 1.00 19.18 ? 6    LYS B CB  1 
ATOM   522  C  CG  . LYS B 1 6  ? 0.797   -12.933 -14.353 1.00 24.37 ? 6    LYS B CG  1 
ATOM   523  C  CD  . LYS B 1 6  ? 0.894   -14.439 -14.547 1.00 25.93 ? 6    LYS B CD  1 
ATOM   524  C  CE  . LYS B 1 6  ? 2.335   -14.911 -14.575 1.00 28.44 ? 6    LYS B CE  1 
ATOM   525  N  NZ  . LYS B 1 6  ? 2.443   -16.261 -15.212 1.00 32.61 ? 6    LYS B NZ  1 
ATOM   526  N  N   . ILE B 1 7  ? -3.665  -13.432 -15.378 1.00 17.06 ? 2702 ILE B N   1 
ATOM   527  C  CA  . ILE B 1 7  ? -5.103  -13.239 -15.286 1.00 14.46 ? 2702 ILE B CA  1 
ATOM   528  C  C   . ILE B 1 7  ? -5.547  -13.540 -13.866 1.00 13.30 ? 2702 ILE B C   1 
ATOM   529  O  O   . ILE B 1 7  ? -4.983  -14.403 -13.189 1.00 16.34 ? 2702 ILE B O   1 
ATOM   530  C  CB  . ILE B 1 7  ? -5.831  -14.175 -16.280 1.00 18.73 ? 2702 ILE B CB  1 
ATOM   531  C  CG1 . ILE B 1 7  ? -5.315  -13.980 -17.701 1.00 21.30 ? 2702 ILE B CG1 1 
ATOM   532  C  CG2 . ILE B 1 7  ? -7.297  -13.936 -16.253 1.00 19.57 ? 2702 ILE B CG2 1 
ATOM   533  C  CD1 . ILE B 1 7  ? -5.745  -12.677 -18.311 1.00 22.67 ? 2702 ILE B CD1 1 
ATOM   534  N  N   . HIS B 1 8  ? -6.594  -12.851 -13.424 1.00 12.73 ? 2703 HIS B N   1 
ATOM   535  C  CA  . HIS B 1 8  ? -7.178  -13.123 -12.117 1.00 14.72 ? 2703 HIS B CA  1 
ATOM   536  C  C   . HIS B 1 8  ? -8.581  -13.668 -12.336 1.00 12.26 ? 2703 HIS B C   1 
ATOM   537  O  O   . HIS B 1 8  ? -9.545  -12.894 -12.422 1.00 10.80 ? 2703 HIS B O   1 
ATOM   538  C  CB  . HIS B 1 8  ? -7.189  -11.862 -11.246 1.00 11.33 ? 2703 HIS B CB  1 
ATOM   539  C  CG  . HIS B 1 8  ? -5.827  -11.271 -11.051 1.00 11.80 ? 2703 HIS B CG  1 
ATOM   540  N  ND1 . HIS B 1 8  ? -5.050  -11.536 -9.943  1.00 8.62  ? 2703 HIS B ND1 1 
ATOM   541  C  CD2 . HIS B 1 8  ? -5.090  -10.454 -11.842 1.00 11.07 ? 2703 HIS B CD2 1 
ATOM   542  C  CE1 . HIS B 1 8  ? -3.902  -10.892 -10.049 1.00 11.81 ? 2703 HIS B CE1 1 
ATOM   543  N  NE2 . HIS B 1 8  ? -3.901  -10.225 -11.190 1.00 11.51 ? 2703 HIS B NE2 1 
ATOM   544  N  N   . PRO B 1 9  ? -8.737  -14.988 -12.483 1.00 13.40 ? 2704 PRO B N   1 
ATOM   545  C  CA  . PRO B 1 9  ? -10.058 -15.549 -12.793 1.00 11.41 ? 2704 PRO B CA  1 
ATOM   546  C  C   . PRO B 1 9  ? -11.056 -15.200 -11.701 1.00 13.04 ? 2704 PRO B C   1 
ATOM   547  O  O   . PRO B 1 9  ? -10.746 -15.250 -10.508 1.00 15.20 ? 2704 PRO B O   1 
ATOM   548  C  CB  . PRO B 1 9  ? -9.801  -17.062 -12.860 1.00 14.35 ? 2704 PRO B CB  1 
ATOM   549  C  CG  . PRO B 1 9  ? -8.339  -17.201 -13.113 1.00 16.69 ? 2704 PRO B CG  1 
ATOM   550  C  CD  . PRO B 1 9  ? -7.691  -16.023 -12.422 1.00 14.88 ? 2704 PRO B CD  1 
ATOM   551  N  N   . GLY B 1 10 ? -12.258 -14.846 -12.124 1.00 9.41  ? 2705 GLY B N   1 
ATOM   552  C  CA  . GLY B 1 10 ? -13.325 -14.503 -11.218 1.00 13.79 ? 2705 GLY B CA  1 
ATOM   553  C  C   . GLY B 1 10 ? -13.269 -13.115 -10.617 1.00 13.85 ? 2705 GLY B C   1 
ATOM   554  O  O   . GLY B 1 10 ? -14.172 -12.767 -9.843  1.00 17.22 ? 2705 GLY B O   1 
ATOM   555  N  N   . VAL B 1 11 ? -12.289 -12.290 -10.987 1.00 11.03 ? 2706 VAL B N   1 
ATOM   556  C  CA  . VAL B 1 11 ? -12.108 -10.967 -10.394 1.00 10.91 ? 2706 VAL B CA  1 
ATOM   557  C  C   . VAL B 1 11 ? -12.511 -9.903  -11.410 1.00 9.17  ? 2706 VAL B C   1 
ATOM   558  O  O   . VAL B 1 11 ? -11.962 -9.840  -12.518 1.00 7.87  ? 2706 VAL B O   1 
ATOM   559  C  CB  . VAL B 1 11 ? -10.665 -10.752 -9.905  1.00 9.97  ? 2706 VAL B CB  1 
ATOM   560  C  CG1 . VAL B 1 11 ? -10.517 -9.379  -9.267  1.00 10.28 ? 2706 VAL B CG1 1 
ATOM   561  C  CG2 . VAL B 1 11 ? -10.276 -11.832 -8.905  1.00 10.78 ? 2706 VAL B CG2 1 
ATOM   562  N  N   . THR B 1 12 ? -13.481 -9.075  -11.030 1.00 8.64  ? 2707 THR B N   1 
ATOM   563  C  CA  . THR B 1 12 ? -13.895 -7.915  -11.803 1.00 8.17  ? 2707 THR B CA  1 
ATOM   564  C  C   . THR B 1 12 ? -13.318 -6.646  -11.190 1.00 12.32 ? 2707 THR B C   1 
ATOM   565  O  O   . THR B 1 12 ? -13.345 -6.461  -9.965  1.00 12.74 ? 2707 THR B O   1 
ATOM   566  C  CB  . THR B 1 12 ? -15.425 -7.817  -11.847 1.00 14.11 ? 2707 THR B CB  1 
ATOM   567  O  OG1 . THR B 1 12 ? -15.971 -9.074  -12.272 1.00 16.16 ? 2707 THR B OG1 1 
ATOM   568  C  CG2 . THR B 1 12 ? -15.877 -6.710  -12.790 1.00 13.15 ? 2707 THR B CG2 1 
ATOM   569  N  N   . CYS B 1 13 ? -12.820 -5.760  -12.047 1.00 10.46 ? 2708 CYS B N   1 
ATOM   570  C  CA  . CYS B 1 13 ? -12.424 -4.430  -11.606 1.00 13.52 ? 2708 CYS B CA  1 
ATOM   571  C  C   . CYS B 1 13 ? -13.671 -3.571  -11.414 1.00 16.21 ? 2708 CYS B C   1 
ATOM   572  O  O   . CYS B 1 13 ? -14.425 -3.335  -12.362 1.00 14.88 ? 2708 CYS B O   1 
ATOM   573  C  CB  . CYS B 1 13 ? -11.485 -3.785  -12.621 1.00 10.17 ? 2708 CYS B CB  1 
ATOM   574  S  SG  . CYS B 1 13 ? -11.182 -2.041  -12.277 1.00 9.77  ? 2708 CYS B SG  1 
ATOM   575  N  N   . ASP B 1 14 ? -13.887 -3.092  -10.197 1.00 10.61 ? 2709 ASP B N   1 
ATOM   576  C  CA  . ASP B 1 14 ? -15.078 -2.292  -9.967  1.00 13.30 ? 2709 ASP B CA  1 
ATOM   577  C  C   . ASP B 1 14 ? -14.965 -0.894  -10.545 1.00 12.52 ? 2709 ASP B C   1 
ATOM   578  O  O   . ASP B 1 14 ? -15.961 -0.166  -10.549 1.00 15.19 ? 2709 ASP B O   1 
ATOM   579  C  CB  . ASP B 1 14 ? -15.356 -2.228  -8.473  1.00 13.81 ? 2709 ASP B CB  1 
ATOM   580  C  CG  . ASP B 1 14 ? -15.662 -3.573  -7.916  1.00 14.35 ? 2709 ASP B CG  1 
ATOM   581  O  OD1 . ASP B 1 14 ? -16.739 -4.104  -8.250  1.00 21.57 ? 2709 ASP B OD1 1 
ATOM   582  O  OD2 . ASP B 1 14 ? -14.810 -4.118  -7.185  1.00 15.01 ? 2709 ASP B OD2 1 
ATOM   583  N  N   . GLY B 1 15 ? -13.787 -0.502  -11.027 1.00 12.46 ? 2710 GLY B N   1 
ATOM   584  C  CA  . GLY B 1 15 ? -13.600 0.823   -11.578 1.00 12.33 ? 2710 GLY B CA  1 
ATOM   585  C  C   . GLY B 1 15 ? -14.023 0.882   -13.030 1.00 18.68 ? 2710 GLY B C   1 
ATOM   586  O  O   . GLY B 1 15 ? -14.575 1.889   -13.473 1.00 17.84 ? 2710 GLY B O   1 
ATOM   587  N  N   . CYS B 1 16 ? -13.763 -0.193  -13.782 1.00 14.89 ? 2711 CYS B N   1 
ATOM   588  C  CA  . CYS B 1 16 ? -14.011 -0.190  -15.217 1.00 16.93 ? 2711 CYS B CA  1 
ATOM   589  C  C   . CYS B 1 16 ? -14.701 -1.452  -15.717 1.00 13.10 ? 2711 CYS B C   1 
ATOM   590  O  O   . CYS B 1 16 ? -14.920 -1.566  -16.926 1.00 17.06 ? 2711 CYS B O   1 
ATOM   591  C  CB  . CYS B 1 16 ? -12.688 0.000   -15.984 1.00 15.79 ? 2711 CYS B CB  1 
ATOM   592  S  SG  . CYS B 1 16 ? -11.592 -1.458  -15.954 1.00 13.50 ? 2711 CYS B SG  1 
ATOM   593  N  N   . GLN B 1 17 ? -15.052 -2.392  -14.840 1.00 12.38 ? 2712 GLN B N   1 
ATOM   594  C  CA  . GLN B 1 17 ? -15.690 -3.664  -15.187 1.00 14.84 ? 2712 GLN B CA  1 
ATOM   595  C  C   . GLN B 1 17 ? -14.792 -4.578  -16.022 1.00 12.84 ? 2712 GLN B C   1 
ATOM   596  O  O   . GLN B 1 17 ? -15.294 -5.488  -16.686 1.00 10.19 ? 2712 GLN B O   1 
ATOM   597  C  CB  . GLN B 1 17 ? -17.032 -3.463  -15.919 1.00 18.69 ? 2712 GLN B CB  1 
ATOM   598  C  CG  . GLN B 1 17 ? -18.000 -2.510  -15.223 1.00 20.96 ? 2712 GLN B CG  1 
ATOM   599  C  CD  . GLN B 1 17 ? -18.141 -2.782  -13.749 1.00 19.41 ? 2712 GLN B CD  1 
ATOM   600  O  OE1 . GLN B 1 17 ? -18.343 -3.920  -13.332 1.00 21.30 ? 2712 GLN B OE1 1 
ATOM   601  N  NE2 . GLN B 1 17 ? -18.026 -1.731  -12.940 1.00 25.75 ? 2712 GLN B NE2 1 
ATOM   602  N  N   . MET B 1 18 ? -13.481 -4.356  -16.025 1.00 12.86 ? 2713 MET B N   1 
ATOM   603  C  CA  . MET B 1 18 ? -12.578 -5.312  -16.662 1.00 13.89 ? 2713 MET B CA  1 
ATOM   604  C  C   . MET B 1 18 ? -12.770 -6.692  -16.043 1.00 14.49 ? 2713 MET B C   1 
ATOM   605  O  O   . MET B 1 18 ? -12.752 -6.848  -14.817 1.00 13.30 ? 2713 MET B O   1 
ATOM   606  C  CB  . MET B 1 18 ? -11.120 -4.852  -16.532 1.00 10.26 ? 2713 MET B CB  1 
ATOM   607  C  CG  . MET B 1 18 ? -10.078 -5.837  -17.092 1.00 9.71  ? 2713 MET B CG  1 
ATOM   608  S  SD  . MET B 1 18 ? -8.367  -5.444  -16.631 1.00 11.23 ? 2713 MET B SD  1 
ATOM   609  C  CE  . MET B 1 18 ? -8.111  -3.894  -17.477 1.00 11.11 ? 2713 MET B CE  1 
ATOM   610  N  N   . PHE B 1 19 ? -12.963 -7.695  -16.896 1.00 13.01 ? 2714 PHE B N   1 
ATOM   611  C  CA  . PHE B 1 19 ? -13.195 -9.050  -16.421 1.00 11.77 ? 2714 PHE B CA  1 
ATOM   612  C  C   . PHE B 1 19 ? -12.764 -10.098 -17.435 1.00 15.25 ? 2714 PHE B C   1 
ATOM   613  O  O   . PHE B 1 19 ? -13.237 -10.097 -18.574 1.00 18.30 ? 2714 PHE B O   1 
ATOM   614  C  CB  . PHE B 1 19 ? -14.667 -9.276  -16.072 1.00 11.35 ? 2714 PHE B CB  1 
ATOM   615  C  CG  . PHE B 1 19 ? -14.941 -10.667 -15.621 1.00 12.54 ? 2714 PHE B CG  1 
ATOM   616  C  CD1 . PHE B 1 19 ? -14.652 -11.051 -14.320 1.00 13.15 ? 2714 PHE B CD1 1 
ATOM   617  C  CD2 . PHE B 1 19 ? -15.459 -11.607 -16.496 1.00 16.36 ? 2714 PHE B CD2 1 
ATOM   618  C  CE1 . PHE B 1 19 ? -14.864 -12.342 -13.901 1.00 11.76 ? 2714 PHE B CE1 1 
ATOM   619  C  CE2 . PHE B 1 19 ? -15.689 -12.901 -16.075 1.00 17.86 ? 2714 PHE B CE2 1 
ATOM   620  C  CZ  . PHE B 1 19 ? -15.396 -13.267 -14.772 1.00 14.65 ? 2714 PHE B CZ  1 
ATOM   621  N  N   . PRO B 1 20 ? -11.853 -10.988 -17.028 1.00 12.05 ? 2715 PRO B N   1 
ATOM   622  C  CA  . PRO B 1 20 ? -11.159 -10.945 -15.736 1.00 11.56 ? 2715 PRO B CA  1 
ATOM   623  C  C   . PRO B 1 20 ? -10.038 -9.900  -15.710 1.00 10.68 ? 2715 PRO B C   1 
ATOM   624  O  O   . PRO B 1 20 ? -9.544  -9.523  -16.764 1.00 12.72 ? 2715 PRO B O   1 
ATOM   625  C  CB  . PRO B 1 20 ? -10.597 -12.360 -15.609 1.00 12.52 ? 2715 PRO B CB  1 
ATOM   626  C  CG  . PRO B 1 20 ? -10.364 -12.773 -17.023 1.00 14.24 ? 2715 PRO B CG  1 
ATOM   627  C  CD  . PRO B 1 20 ? -11.497 -12.186 -17.805 1.00 15.45 ? 2715 PRO B CD  1 
ATOM   628  N  N   . ILE B 1 21 ? -9.630  -9.440  -14.526 1.00 9.15  ? 2716 ILE B N   1 
ATOM   629  C  CA  . ILE B 1 21 ? -8.478  -8.547  -14.453 1.00 10.09 ? 2716 ILE B CA  1 
ATOM   630  C  C   . ILE B 1 21 ? -7.250  -9.244  -15.026 1.00 10.36 ? 2716 ILE B C   1 
ATOM   631  O  O   . ILE B 1 21 ? -6.953  -10.396 -14.690 1.00 11.34 ? 2716 ILE B O   1 
ATOM   632  C  CB  . ILE B 1 21 ? -8.228  -8.093  -13.004 1.00 9.26  ? 2716 ILE B CB  1 
ATOM   633  C  CG1 . ILE B 1 21 ? -9.403  -7.268  -12.488 1.00 10.59 ? 2716 ILE B CG1 1 
ATOM   634  C  CG2 . ILE B 1 21 ? -6.934  -7.283  -12.920 1.00 9.32  ? 2716 ILE B CG2 1 
ATOM   635  C  CD1 . ILE B 1 21 ? -9.124  -6.585  -11.160 1.00 9.35  ? 2716 ILE B CD1 1 
ATOM   636  N  N   . ASN B 1 22 ? -6.543  -8.561  -15.912 1.00 12.32 ? 2717 ASN B N   1 
ATOM   637  C  CA  . ASN B 1 22 ? -5.221  -8.995  -16.330 1.00 15.14 ? 2717 ASN B CA  1 
ATOM   638  C  C   . ASN B 1 22 ? -4.189  -8.003  -15.807 1.00 12.96 ? 2717 ASN B C   1 
ATOM   639  O  O   . ASN B 1 22 ? -4.493  -6.832  -15.569 1.00 14.71 ? 2717 ASN B O   1 
ATOM   640  C  CB  . ASN B 1 22 ? -5.128  -9.146  -17.851 1.00 21.28 ? 2717 ASN B CB  1 
ATOM   641  C  CG  . ASN B 1 22 ? -5.241  -7.837  -18.577 1.00 19.80 ? 2717 ASN B CG  1 
ATOM   642  O  OD1 . ASN B 1 22 ? -6.327  -7.283  -18.706 1.00 24.81 ? 2717 ASN B OD1 1 
ATOM   643  N  ND2 . ASN B 1 22 ? -4.121  -7.344  -19.086 1.00 26.90 ? 2717 ASN B ND2 1 
ATOM   644  N  N   . GLY B 1 23 ? -2.978  -8.481  -15.590 1.00 14.54 ? 2718 GLY B N   1 
ATOM   645  C  CA  . GLY B 1 23 ? -2.003  -7.647  -14.927 1.00 15.44 ? 2718 GLY B CA  1 
ATOM   646  C  C   . GLY B 1 23 ? -2.166  -7.718  -13.418 1.00 10.85 ? 2718 GLY B C   1 
ATOM   647  O  O   . GLY B 1 23 ? -2.767  -8.647  -12.865 1.00 11.65 ? 2718 GLY B O   1 
ATOM   648  N  N   . SER B 1 24 ? -1.646  -6.694  -12.752 1.00 12.88 ? 2719 SER B N   1 
ATOM   649  C  CA  . SER B 1 24 ? -1.730  -6.619  -11.297 1.00 12.45 ? 2719 SER B CA  1 
ATOM   650  C  C   . SER B 1 24 ? -3.134  -6.252  -10.833 1.00 10.13 ? 2719 SER B C   1 
ATOM   651  O  O   . SER B 1 24 ? -3.811  -5.409  -11.434 1.00 11.17 ? 2719 SER B O   1 
ATOM   652  C  CB  . SER B 1 24 ? -0.724  -5.605  -10.764 1.00 13.76 ? 2719 SER B CB  1 
ATOM   653  O  OG  . SER B 1 24 ? 0.605   -6.057  -10.987 1.00 20.02 ? 2719 SER B OG  1 
ATOM   654  N  N   . ARG B 1 25 ? -3.569  -6.914  -9.764  1.00 9.11  ? 2720 ARG B N   1 
ATOM   655  C  CA  . ARG B 1 25 ? -4.858  -6.703  -9.125  1.00 7.79  ? 2720 ARG B CA  1 
ATOM   656  C  C   . ARG B 1 25 ? -4.663  -5.953  -7.817  1.00 8.17  ? 2720 ARG B C   1 
ATOM   657  O  O   . ARG B 1 25 ? -3.743  -6.256  -7.060  1.00 9.34  ? 2720 ARG B O   1 
ATOM   658  C  CB  . ARG B 1 25 ? -5.546  -8.044  -8.871  1.00 7.71  ? 2720 ARG B CB  1 
ATOM   659  C  CG  . ARG B 1 25 ? -6.639  -8.036  -7.820  1.00 7.30  ? 2720 ARG B CG  1 
ATOM   660  C  CD  . ARG B 1 25 ? -7.048  -9.471  -7.488  1.00 7.92  ? 2720 ARG B CD  1 
ATOM   661  N  NE  . ARG B 1 25 ? -8.147  -9.511  -6.534  1.00 5.89  ? 2720 ARG B NE  1 
ATOM   662  C  CZ  . ARG B 1 25 ? -8.615  -10.612 -5.952  1.00 7.84  ? 2720 ARG B CZ  1 
ATOM   663  N  NH1 . ARG B 1 25 ? -8.095  -11.802 -6.230  1.00 7.02  ? 2720 ARG B NH1 1 
ATOM   664  N  NH2 . ARG B 1 25 ? -9.629  -10.516 -5.102  1.00 9.30  ? 2720 ARG B NH2 1 
ATOM   665  N  N   . PHE B 1 26 ? -5.523  -4.971  -7.548  1.00 8.59  ? 2721 PHE B N   1 
ATOM   666  C  CA  . PHE B 1 26 ? -5.442  -4.167  -6.324  1.00 9.73  ? 2721 PHE B CA  1 
ATOM   667  C  C   . PHE B 1 26 ? -6.738  -4.348  -5.537  1.00 7.98  ? 2721 PHE B C   1 
ATOM   668  O  O   . PHE B 1 26 ? -7.784  -3.834  -5.942  1.00 11.48 ? 2721 PHE B O   1 
ATOM   669  C  CB  . PHE B 1 26 ? -5.204  -2.687  -6.657  1.00 8.97  ? 2721 PHE B CB  1 
ATOM   670  C  CG  . PHE B 1 26 ? -3.906  -2.434  -7.376  1.00 13.38 ? 2721 PHE B CG  1 
ATOM   671  C  CD1 . PHE B 1 26 ? -3.814  -2.623  -8.756  1.00 11.15 ? 2721 PHE B CD1 1 
ATOM   672  C  CD2 . PHE B 1 26 ? -2.773  -2.035  -6.678  1.00 8.34  ? 2721 PHE B CD2 1 
ATOM   673  C  CE1 . PHE B 1 26 ? -2.610  -2.417  -9.427  1.00 11.57 ? 2721 PHE B CE1 1 
ATOM   674  C  CE2 . PHE B 1 26 ? -1.574  -1.819  -7.342  1.00 12.84 ? 2721 PHE B CE2 1 
ATOM   675  C  CZ  . PHE B 1 26 ? -1.490  -2.007  -8.720  1.00 13.45 ? 2721 PHE B CZ  1 
ATOM   676  N  N   . LYS B 1 27 ? -6.684  -5.085  -4.430  1.00 6.96  ? 2722 LYS B N   1 
ATOM   677  C  CA  . LYS B 1 27 ? -7.867  -5.330  -3.603  1.00 8.01  ? 2722 LYS B CA  1 
ATOM   678  C  C   . LYS B 1 27 ? -7.903  -4.387  -2.409  1.00 9.43  ? 2722 LYS B C   1 
ATOM   679  O  O   . LYS B 1 27 ? -6.960  -4.341  -1.616  1.00 8.55  ? 2722 LYS B O   1 
ATOM   680  C  CB  . LYS B 1 27 ? -7.902  -6.772  -3.107  1.00 8.11  ? 2722 LYS B CB  1 
ATOM   681  C  CG  . LYS B 1 27 ? -9.073  -7.091  -2.178  1.00 8.63  ? 2722 LYS B CG  1 
ATOM   682  C  CD  . LYS B 1 27 ? -9.104  -8.589  -1.850  1.00 7.30  ? 2722 LYS B CD  1 
ATOM   683  C  CE  . LYS B 1 27 ? -10.154 -8.900  -0.779  1.00 10.66 ? 2722 LYS B CE  1 
ATOM   684  N  NZ  . LYS B 1 27 ? -11.505 -8.328  -1.131  1.00 8.00  ? 2722 LYS B NZ  1 
ATOM   685  N  N   . CYS B 1 28 ? -9.014  -3.682  -2.245  1.00 8.01  ? 2723 CYS B N   1 
ATOM   686  C  CA  . CYS B 1 28 ? -9.136  -2.817  -1.085  1.00 9.47  ? 2723 CYS B CA  1 
ATOM   687  C  C   . CYS B 1 28 ? -9.189  -3.657  0.184   1.00 11.00 ? 2723 CYS B C   1 
ATOM   688  O  O   . CYS B 1 28 ? -9.955  -4.625  0.271   1.00 9.69  ? 2723 CYS B O   1 
ATOM   689  C  CB  . CYS B 1 28 ? -10.379 -1.943  -1.188  1.00 8.39  ? 2723 CYS B CB  1 
ATOM   690  S  SG  . CYS B 1 28 ? -10.486 -0.759  0.187   1.00 6.84  ? 2723 CYS B SG  1 
ATOM   691  N  N   . ARG B 1 29 ? -8.375  -3.268  1.171   1.00 9.19  ? 2724 ARG B N   1 
ATOM   692  C  CA  . ARG B 1 29 ? -8.310  -3.916  2.474   1.00 13.04 ? 2724 ARG B CA  1 
ATOM   693  C  C   . ARG B 1 29 ? -9.438  -3.487  3.401   1.00 13.28 ? 2724 ARG B C   1 
ATOM   694  O  O   . ARG B 1 29 ? -9.548  -4.038  4.497   1.00 9.76  ? 2724 ARG B O   1 
ATOM   695  C  CB  . ARG B 1 29 ? -6.953  -3.624  3.130   1.00 10.50 ? 2724 ARG B CB  1 
ATOM   696  C  CG  . ARG B 1 29 ? -5.781  -4.202  2.339   1.00 14.76 ? 2724 ARG B CG  1 
ATOM   697  C  CD  . ARG B 1 29 ? -4.395  -3.790  2.857   1.00 12.86 ? 2724 ARG B CD  1 
ATOM   698  N  NE  . ARG B 1 29 ? -4.174  -4.034  4.276   1.00 12.39 ? 2724 ARG B NE  1 
ATOM   699  C  CZ  . ARG B 1 29 ? -3.899  -5.220  4.813   1.00 15.08 ? 2724 ARG B CZ  1 
ATOM   700  N  NH1 . ARG B 1 29 ? -3.694  -5.316  6.120   1.00 19.38 ? 2724 ARG B NH1 1 
ATOM   701  N  NH2 . ARG B 1 29 ? -3.829  -6.307  4.063   1.00 12.52 ? 2724 ARG B NH2 1 
ATOM   702  N  N   . ASN B 1 30 ? -10.251 -2.504  3.008   1.00 11.21 ? 2725 ASN B N   1 
ATOM   703  C  CA  . ASN B 1 30 ? -11.332 -2.026  3.857   1.00 8.99  ? 2725 ASN B CA  1 
ATOM   704  C  C   . ASN B 1 30 ? -12.716 -2.294  3.283   1.00 11.25 ? 2725 ASN B C   1 
ATOM   705  O  O   . ASN B 1 30 ? -13.588 -2.778  4.004   1.00 9.38  ? 2725 ASN B O   1 
ATOM   706  C  CB  . ASN B 1 30 ? -11.160 -0.538  4.165   1.00 11.77 ? 2725 ASN B CB  1 
ATOM   707  C  CG  . ASN B 1 30 ? -9.752  -0.208  4.615   1.00 12.60 ? 2725 ASN B CG  1 
ATOM   708  O  OD1 . ASN B 1 30 ? -8.917  0.191   3.822   1.00 11.09 ? 2725 ASN B OD1 1 
ATOM   709  N  ND2 . ASN B 1 30 ? -9.455  -0.513  5.870   1.00 12.21 ? 2725 ASN B ND2 1 
ATOM   710  N  N   . CYS B 1 31 ? -12.949 -2.007  2.003   1.00 14.00 ? 2726 CYS B N   1 
ATOM   711  C  CA  . CYS B 1 31 ? -14.191 -2.450  1.376   1.00 11.77 ? 2726 CYS B CA  1 
ATOM   712  C  C   . CYS B 1 31 ? -14.308 -3.965  1.470   1.00 9.36  ? 2726 CYS B C   1 
ATOM   713  O  O   . CYS B 1 31 ? -13.309 -4.692  1.486   1.00 10.17 ? 2726 CYS B O   1 
ATOM   714  C  CB  . CYS B 1 31 ? -14.247 -2.029  -0.097  1.00 8.51  ? 2726 CYS B CB  1 
ATOM   715  S  SG  . CYS B 1 31 ? -14.345 -0.246  -0.442  1.00 7.74  ? 2726 CYS B SG  1 
ATOM   716  N  N   . ASP B 1 32 ? -15.548 -4.446  1.460   1.00 10.20 ? 2727 ASP B N   1 
ATOM   717  C  CA  . ASP B 1 32 ? -15.792 -5.879  1.592   1.00 11.21 ? 2727 ASP B CA  1 
ATOM   718  C  C   . ASP B 1 32 ? -15.233 -6.668  0.402   1.00 14.08 ? 2727 ASP B C   1 
ATOM   719  O  O   . ASP B 1 32 ? -14.598 -7.713  0.581   1.00 16.05 ? 2727 ASP B O   1 
ATOM   720  C  CB  . ASP B 1 32 ? -17.296 -6.111  1.748   1.00 11.34 ? 2727 ASP B CB  1 
ATOM   721  C  CG  . ASP B 1 32 ? -17.665 -7.578  1.819   1.00 11.20 ? 2727 ASP B CG  1 
ATOM   722  O  OD1 . ASP B 1 32 ? -17.887 -8.173  0.752   1.00 15.38 ? 2727 ASP B OD1 1 
ATOM   723  O  OD2 . ASP B 1 32 ? -17.768 -8.124  2.927   1.00 12.28 ? 2727 ASP B OD2 1 
ATOM   724  N  N   . ASP B 1 33 ? -15.423 -6.173  -0.815  1.00 12.69 ? 2728 ASP B N   1 
ATOM   725  C  CA  . ASP B 1 33 ? -15.143 -6.997  -1.988  1.00 12.99 ? 2728 ASP B CA  1 
ATOM   726  C  C   . ASP B 1 33 ? -14.872 -6.083  -3.175  1.00 11.32 ? 2728 ASP B C   1 
ATOM   727  O  O   . ASP B 1 33 ? -15.600 -6.113  -4.166  1.00 14.03 ? 2728 ASP B O   1 
ATOM   728  C  CB  . ASP B 1 33 ? -16.344 -7.940  -2.219  1.00 15.14 ? 2728 ASP B CB  1 
ATOM   729  C  CG  . ASP B 1 33 ? -16.201 -8.858  -3.433  1.00 13.73 ? 2728 ASP B CG  1 
ATOM   730  O  OD1 . ASP B 1 33 ? -17.230 -9.075  -4.111  1.00 14.57 ? 2728 ASP B OD1 1 
ATOM   731  O  OD2 . ASP B 1 33 ? -15.112 -9.401  -3.690  1.00 10.77 ? 2728 ASP B OD2 1 
ATOM   732  N  N   . PHE B 1 34 ? -13.830 -5.254  -3.081  1.00 10.70 ? 2729 PHE B N   1 
ATOM   733  C  CA  . PHE B 1 34 ? -13.585 -4.190  -4.054  1.00 11.20 ? 2729 PHE B CA  1 
ATOM   734  C  C   . PHE B 1 34 ? -12.182 -4.329  -4.623  1.00 9.26  ? 2729 PHE B C   1 
ATOM   735  O  O   . PHE B 1 34 ? -11.216 -4.409  -3.858  1.00 9.61  ? 2729 PHE B O   1 
ATOM   736  C  CB  . PHE B 1 34 ? -13.759 -2.803  -3.410  1.00 10.58 ? 2729 PHE B CB  1 
ATOM   737  C  CG  . PHE B 1 34 ? -13.719 -1.660  -4.389  1.00 10.83 ? 2729 PHE B CG  1 
ATOM   738  C  CD1 . PHE B 1 34 ? -12.520 -1.216  -4.915  1.00 9.72  ? 2729 PHE B CD1 1 
ATOM   739  C  CD2 . PHE B 1 34 ? -14.887 -1.032  -4.788  1.00 11.84 ? 2729 PHE B CD2 1 
ATOM   740  C  CE1 . PHE B 1 34 ? -12.486 -0.164  -5.828  1.00 10.79 ? 2729 PHE B CE1 1 
ATOM   741  C  CE2 . PHE B 1 34 ? -14.857 0.023   -5.692  1.00 9.34  ? 2729 PHE B CE2 1 
ATOM   742  C  CZ  . PHE B 1 34 ? -13.653 0.453   -6.213  1.00 11.52 ? 2729 PHE B CZ  1 
ATOM   743  N  N   . ASP B 1 35 ? -12.077 -4.338  -5.963  1.00 11.29 ? 2730 ASP B N   1 
ATOM   744  C  CA  . ASP B 1 35 ? -10.814 -4.522  -6.675  1.00 10.07 ? 2730 ASP B CA  1 
ATOM   745  C  C   . ASP B 1 35 ? -10.667 -3.490  -7.787  1.00 8.90  ? 2730 ASP B C   1 
ATOM   746  O  O   . ASP B 1 35 ? -11.644 -3.096  -8.422  1.00 11.43 ? 2730 ASP B O   1 
ATOM   747  C  CB  . ASP B 1 35 ? -10.700 -5.936  -7.302  1.00 8.83  ? 2730 ASP B CB  1 
ATOM   748  C  CG  . ASP B 1 35 ? -10.904 -7.042  -6.295  1.00 9.47  ? 2730 ASP B CG  1 
ATOM   749  O  OD1 . ASP B 1 35 ? -12.070 -7.451  -6.113  1.00 9.24  ? 2730 ASP B OD1 1 
ATOM   750  O  OD2 . ASP B 1 35 ? -9.912  -7.502  -5.694  1.00 7.21  ? 2730 ASP B OD2 1 
ATOM   751  N  N   . PHE B 1 36 ? -9.424  -3.078  -8.033  1.00 10.24 ? 2731 PHE B N   1 
ATOM   752  C  CA  . PHE B 1 36 ? -9.056  -2.221  -9.159  1.00 9.64  ? 2731 PHE B CA  1 
ATOM   753  C  C   . PHE B 1 36 ? -8.063  -2.953  -10.060 1.00 12.12 ? 2731 PHE B C   1 
ATOM   754  O  O   . PHE B 1 36 ? -7.196  -3.687  -9.573  1.00 8.00  ? 2731 PHE B O   1 
ATOM   755  C  CB  . PHE B 1 36 ? -8.391  -0.905  -8.697  1.00 10.02 ? 2731 PHE B CB  1 
ATOM   756  C  CG  . PHE B 1 36 ? -9.349  0.236   -8.431  1.00 11.82 ? 2731 PHE B CG  1 
ATOM   757  C  CD1 . PHE B 1 36 ? -10.534 0.369   -9.143  1.00 11.25 ? 2731 PHE B CD1 1 
ATOM   758  C  CD2 . PHE B 1 36 ? -9.044  1.190   -7.459  1.00 12.07 ? 2731 PHE B CD2 1 
ATOM   759  C  CE1 . PHE B 1 36 ? -11.388 1.434   -8.897  1.00 14.31 ? 2731 PHE B CE1 1 
ATOM   760  C  CE2 . PHE B 1 36 ? -9.896  2.255   -7.210  1.00 12.47 ? 2731 PHE B CE2 1 
ATOM   761  C  CZ  . PHE B 1 36 ? -11.062 2.384   -7.926  1.00 11.49 ? 2731 PHE B CZ  1 
ATOM   762  N  N   . CYS B 1 37 ? -8.185  -2.744  -11.376 1.00 11.52 ? 2732 CYS B N   1 
ATOM   763  C  CA  . CYS B 1 37 ? -7.052  -2.974  -12.264 1.00 9.59  ? 2732 CYS B CA  1 
ATOM   764  C  C   . CYS B 1 37 ? -5.993  -1.895  -12.020 1.00 10.34 ? 2732 CYS B C   1 
ATOM   765  O  O   . CYS B 1 37 ? -6.209  -0.942  -11.272 1.00 12.48 ? 2732 CYS B O   1 
ATOM   766  C  CB  . CYS B 1 37 ? -7.504  -2.952  -13.720 1.00 11.67 ? 2732 CYS B CB  1 
ATOM   767  S  SG  . CYS B 1 37 ? -8.020  -1.301  -14.318 1.00 14.58 ? 2732 CYS B SG  1 
ATOM   768  N  N   . GLU B 1 38 ? -4.829  -2.042  -12.649 1.00 8.61  ? 2733 GLU B N   1 
ATOM   769  C  CA  . GLU B 1 38 ? -3.755  -1.095  -12.347 1.00 12.64 ? 2733 GLU B CA  1 
ATOM   770  C  C   . GLU B 1 38 ? -4.099  0.302   -12.848 1.00 14.80 ? 2733 GLU B C   1 
ATOM   771  O  O   . GLU B 1 38 ? -3.878  1.295   -12.145 1.00 14.80 ? 2733 GLU B O   1 
ATOM   772  C  CB  . GLU B 1 38 ? -2.433  -1.556  -12.953 1.00 14.53 ? 2733 GLU B CB  1 
ATOM   773  C  CG  . GLU B 1 38 ? -1.301  -0.580  -12.649 1.00 20.11 ? 2733 GLU B CG  1 
ATOM   774  C  CD  . GLU B 1 38 ? 0.068   -1.133  -12.967 1.00 24.07 ? 2733 GLU B CD  1 
ATOM   775  O  OE1 . GLU B 1 38 ? 0.180   -2.349  -13.233 1.00 30.08 ? 2733 GLU B OE1 1 
ATOM   776  O  OE2 . GLU B 1 38 ? 1.037   -0.349  -12.953 1.00 28.47 ? 2733 GLU B OE2 1 
ATOM   777  N  N   . THR B 1 39 ? -4.652  0.396   -14.060 1.00 13.13 ? 2734 THR B N   1 
ATOM   778  C  CA  . THR B 1 39 ? -5.047  1.689   -14.597 1.00 11.00 ? 2734 THR B CA  1 
ATOM   779  C  C   . THR B 1 39 ? -6.052  2.378   -13.684 1.00 16.70 ? 2734 THR B C   1 
ATOM   780  O  O   . THR B 1 39 ? -5.889  3.555   -13.344 1.00 17.25 ? 2734 THR B O   1 
ATOM   781  C  CB  . THR B 1 39 ? -5.611  1.506   -16.004 1.00 12.54 ? 2734 THR B CB  1 
ATOM   782  O  OG1 . THR B 1 39 ? -4.586  0.972   -16.853 1.00 12.46 ? 2734 THR B OG1 1 
ATOM   783  C  CG2 . THR B 1 39 ? -6.115  2.822   -16.560 1.00 11.56 ? 2734 THR B CG2 1 
ATOM   784  N  N   . CYS B 1 40 ? -7.095  1.655   -13.262 1.00 13.68 ? 2735 CYS B N   1 
ATOM   785  C  CA  . CYS B 1 40 ? -8.074  2.260   -12.360 1.00 16.63 ? 2735 CYS B CA  1 
ATOM   786  C  C   . CYS B 1 40 ? -7.453  2.625   -11.018 1.00 19.52 ? 2735 CYS B C   1 
ATOM   787  O  O   . CYS B 1 40 ? -7.771  3.680   -10.454 1.00 20.76 ? 2735 CYS B O   1 
ATOM   788  C  CB  . CYS B 1 40 ? -9.265  1.330   -12.153 1.00 13.50 ? 2735 CYS B CB  1 
ATOM   789  S  SG  . CYS B 1 40 ? -10.414 1.329   -13.524 1.00 15.25 ? 2735 CYS B SG  1 
ATOM   790  N  N   . PHE B 1 41 ? -6.573  1.766   -10.486 1.00 14.67 ? 2736 PHE B N   1 
ATOM   791  C  CA  . PHE B 1 41 ? -5.953  2.056   -9.193  1.00 16.47 ? 2736 PHE B CA  1 
ATOM   792  C  C   . PHE B 1 41 ? -5.208  3.380   -9.223  1.00 15.57 ? 2736 PHE B C   1 
ATOM   793  O  O   . PHE B 1 41 ? -5.258  4.146   -8.258  1.00 21.09 ? 2736 PHE B O   1 
ATOM   794  C  CB  . PHE B 1 41 ? -5.003  0.925   -8.793  1.00 13.94 ? 2736 PHE B CB  1 
ATOM   795  C  CG  . PHE B 1 41 ? -4.187  1.221   -7.557  1.00 15.71 ? 2736 PHE B CG  1 
ATOM   796  C  CD1 . PHE B 1 41 ? -4.799  1.351   -6.321  1.00 16.56 ? 2736 PHE B CD1 1 
ATOM   797  C  CD2 . PHE B 1 41 ? -2.813  1.362   -7.633  1.00 17.05 ? 2736 PHE B CD2 1 
ATOM   798  C  CE1 . PHE B 1 41 ? -4.055  1.616   -5.187  1.00 18.21 ? 2736 PHE B CE1 1 
ATOM   799  C  CE2 . PHE B 1 41 ? -2.064  1.625   -6.502  1.00 18.97 ? 2736 PHE B CE2 1 
ATOM   800  C  CZ  . PHE B 1 41 ? -2.683  1.749   -5.279  1.00 16.59 ? 2736 PHE B CZ  1 
ATOM   801  N  N   . LYS B 1 42 ? -4.559  3.691   -10.344 1.00 22.87 ? 2737 LYS B N   1 
ATOM   802  C  CA  . LYS B 1 42 ? -3.777  4.914   -10.480 1.00 25.03 ? 2737 LYS B CA  1 
ATOM   803  C  C   . LYS B 1 42 ? -4.613  6.147   -10.807 1.00 24.67 ? 2737 LYS B C   1 
ATOM   804  O  O   . LYS B 1 42 ? -4.096  7.261   -10.672 1.00 28.36 ? 2737 LYS B O   1 
ATOM   805  C  CB  . LYS B 1 42 ? -2.706  4.748   -11.564 1.00 21.45 ? 2737 LYS B CB  1 
ATOM   806  C  CG  . LYS B 1 42 ? -1.600  3.786   -11.233 1.00 19.12 ? 2737 LYS B CG  1 
ATOM   807  C  CD  . LYS B 1 42 ? -0.635  3.676   -12.405 0.00 20.42 ? 2737 LYS B CD  1 
ATOM   808  C  CE  . LYS B 1 42 ? 0.520   2.738   -12.101 0.00 20.64 ? 2737 LYS B CE  1 
ATOM   809  N  NZ  . LYS B 1 42 ? 1.446   2.617   -13.263 0.00 20.53 ? 2737 LYS B NZ  1 
ATOM   810  N  N   . THR B 1 43 ? -5.874  5.994   -11.221 1.00 20.69 ? 2738 THR B N   1 
ATOM   811  C  CA  . THR B 1 43 ? -6.611  7.142   -11.736 1.00 21.99 ? 2738 THR B CA  1 
ATOM   812  C  C   . THR B 1 43 ? -7.993  7.334   -11.122 1.00 28.55 ? 2738 THR B C   1 
ATOM   813  O  O   . THR B 1 43 ? -8.494  8.462   -11.083 1.00 34.32 ? 2738 THR B O   1 
ATOM   814  C  CB  . THR B 1 43 ? -6.787  7.027   -13.250 1.00 27.22 ? 2738 THR B CB  1 
ATOM   815  O  OG1 . THR B 1 43 ? -7.601  5.887   -13.541 1.00 30.41 ? 2738 THR B OG1 1 
ATOM   816  C  CG2 . THR B 1 43 ? -5.440  6.859   -13.951 1.00 23.56 ? 2738 THR B CG2 1 
ATOM   817  N  N   . LYS B 1 44 ? -8.640  6.265   -10.666 1.00 25.04 ? 2739 LYS B N   1 
ATOM   818  C  CA  . LYS B 1 44 ? -10.018 6.383   -10.197 1.00 25.41 ? 2739 LYS B CA  1 
ATOM   819  C  C   . LYS B 1 44 ? -10.045 6.873   -8.755  1.00 29.64 ? 2739 LYS B C   1 
ATOM   820  O  O   . LYS B 1 44 ? -9.168  6.537   -7.954  1.00 30.03 ? 2739 LYS B O   1 
ATOM   821  C  CB  . LYS B 1 44 ? -10.732 5.032   -10.271 1.00 24.77 ? 2739 LYS B CB  1 
ATOM   822  C  CG  . LYS B 1 44 ? -11.345 4.657   -11.609 1.00 25.51 ? 2739 LYS B CG  1 
ATOM   823  C  CD  . LYS B 1 44 ? -12.398 5.619   -12.086 1.00 27.66 ? 2739 LYS B CD  1 
ATOM   824  C  CE  . LYS B 1 44 ? -13.440 4.894   -12.917 1.00 22.19 ? 2739 LYS B CE  1 
ATOM   825  N  NZ  . LYS B 1 44 ? -14.196 5.818   -13.800 1.00 24.65 ? 2739 LYS B NZ  1 
ATOM   826  N  N   . LYS B 1 45 ? -11.067 7.660   -8.414  1.00 25.16 ? 2740 LYS B N   1 
ATOM   827  C  CA  . LYS B 1 45 ? -11.220 8.085   -7.029  1.00 26.79 ? 2740 LYS B CA  1 
ATOM   828  C  C   . LYS B 1 45 ? -11.835 6.995   -6.170  1.00 22.18 ? 2740 LYS B C   1 
ATOM   829  O  O   . LYS B 1 45 ? -12.739 6.264   -6.583  1.00 18.86 ? 2740 LYS B O   1 
ATOM   830  C  CB  . LYS B 1 45 ? -12.042 9.369   -6.880  1.00 23.58 ? 2740 LYS B CB  1 
ATOM   831  C  CG  . LYS B 1 45 ? -11.188 10.632  -6.804  0.00 24.44 ? 2740 LYS B CG  1 
ATOM   832  C  CD  . LYS B 1 45 ? -12.024 11.895  -6.888  0.00 23.38 ? 2740 LYS B CD  1 
ATOM   833  C  CE  . LYS B 1 45 ? -11.147 13.136  -6.971  0.00 23.49 ? 2740 LYS B CE  1 
ATOM   834  N  NZ  . LYS B 1 45 ? -11.946 14.363  -7.247  0.00 21.50 ? 2740 LYS B NZ  1 
ATOM   835  N  N   . HIS B 1 46 ? -11.316 6.910   -4.956  1.00 24.09 ? 2741 HIS B N   1 
ATOM   836  C  CA  . HIS B 1 46 ? -11.705 5.948   -3.950  1.00 14.53 ? 2741 HIS B CA  1 
ATOM   837  C  C   . HIS B 1 46 ? -11.420 6.626   -2.627  1.00 12.89 ? 2741 HIS B C   1 
ATOM   838  O  O   . HIS B 1 46 ? -10.654 7.590   -2.574  1.00 16.09 ? 2741 HIS B O   1 
ATOM   839  C  CB  . HIS B 1 46 ? -10.923 4.638   -4.107  1.00 12.33 ? 2741 HIS B CB  1 
ATOM   840  C  CG  . HIS B 1 46 ? -11.530 3.480   -3.385  1.00 10.77 ? 2741 HIS B CG  1 
ATOM   841  N  ND1 . HIS B 1 46 ? -12.564 2.737   -3.907  1.00 8.98  ? 2741 HIS B ND1 1 
ATOM   842  C  CD2 . HIS B 1 46 ? -11.227 2.918   -2.192  1.00 9.80  ? 2741 HIS B CD2 1 
ATOM   843  C  CE1 . HIS B 1 46 ? -12.891 1.783   -3.058  1.00 9.06  ? 2741 HIS B CE1 1 
ATOM   844  N  NE2 . HIS B 1 46 ? -12.098 1.875   -2.005  1.00 10.43 ? 2741 HIS B NE2 1 
ATOM   845  N  N   . ASN B 1 47 ? -12.093 6.178   -1.576  1.00 10.39 ? 2742 ASN B N   1 
ATOM   846  C  CA  . ASN B 1 47 ? -11.841 6.753   -0.261  1.00 17.28 ? 2742 ASN B CA  1 
ATOM   847  C  C   . ASN B 1 47 ? -10.341 6.777   0.010   1.00 12.10 ? 2742 ASN B C   1 
ATOM   848  O  O   . ASN B 1 47 ? -9.673  5.742   -0.048  1.00 11.85 ? 2742 ASN B O   1 
ATOM   849  C  CB  . ASN B 1 47 ? -12.593 5.950   0.806   1.00 12.10 ? 2742 ASN B CB  1 
ATOM   850  C  CG  . ASN B 1 47 ? -12.515 6.578   2.184   1.00 14.10 ? 2742 ASN B CG  1 
ATOM   851  O  OD1 . ASN B 1 47 ? -11.444 6.963   2.658   1.00 16.86 ? 2742 ASN B OD1 1 
ATOM   852  N  ND2 . ASN B 1 47 ? -13.659 6.672   2.842   1.00 12.97 ? 2742 ASN B ND2 1 
ATOM   853  N  N   . THR B 1 48 ? -9.800  7.974   0.241   1.00 12.38 ? 2743 THR B N   1 
ATOM   854  C  CA  . THR B 1 48 ? -8.355  8.141   0.364   1.00 12.33 ? 2743 THR B CA  1 
ATOM   855  C  C   . THR B 1 48 ? -7.802  7.636   1.693   1.00 12.07 ? 2743 THR B C   1 
ATOM   856  O  O   . THR B 1 48 ? -6.579  7.566   1.851   1.00 12.33 ? 2743 THR B O   1 
ATOM   857  C  CB  . THR B 1 48 ? -7.965  9.609   0.146   1.00 13.81 ? 2743 THR B CB  1 
ATOM   858  O  OG1 . THR B 1 48 ? -8.747  10.447  0.993   1.00 22.89 ? 2743 THR B OG1 1 
ATOM   859  C  CG2 . THR B 1 48 ? -8.167  10.003  -1.300  1.00 17.31 ? 2743 THR B CG2 1 
ATOM   860  N  N   . ARG B 1 49 ? -8.656  7.292   2.653   1.00 11.80 ? 2744 ARG B N   1 
ATOM   861  C  CA  . ARG B 1 49 ? -8.206  6.600   3.857   1.00 13.96 ? 2744 ARG B CA  1 
ATOM   862  C  C   . ARG B 1 49 ? -8.212  5.087   3.703   1.00 10.56 ? 2744 ARG B C   1 
ATOM   863  O  O   . ARG B 1 49 ? -7.720  4.386   4.595   1.00 11.16 ? 2744 ARG B O   1 
ATOM   864  C  CB  . ARG B 1 49 ? -9.072  6.989   5.060   1.00 14.43 ? 2744 ARG B CB  1 
ATOM   865  C  CG  . ARG B 1 49 ? -8.695  8.305   5.676   1.00 17.80 ? 2744 ARG B CG  1 
ATOM   866  C  CD  . ARG B 1 49 ? -7.249  8.149   6.127   1.00 25.24 ? 2744 ARG B CD  1 
ATOM   867  N  NE  . ARG B 1 49 ? -6.692  9.320   6.787   1.00 35.38 ? 2744 ARG B NE  1 
ATOM   868  C  CZ  . ARG B 1 49 ? -5.582  9.294   7.518   1.00 31.41 ? 2744 ARG B CZ  1 
ATOM   869  N  NH1 . ARG B 1 49 ? -5.145  10.406  8.084   1.00 25.24 ? 2744 ARG B NH1 1 
ATOM   870  N  NH2 . ARG B 1 49 ? -4.912  8.151   7.683   1.00 25.89 ? 2744 ARG B NH2 1 
ATOM   871  N  N   . HIS B 1 50 ? -8.754  4.565   2.603   1.00 9.18  ? 2745 HIS B N   1 
ATOM   872  C  CA  . HIS B 1 50 ? -8.644  3.134   2.347   1.00 9.63  ? 2745 HIS B CA  1 
ATOM   873  C  C   . HIS B 1 50 ? -7.256  2.785   1.813   1.00 9.64  ? 2745 HIS B C   1 
ATOM   874  O  O   . HIS B 1 50 ? -6.524  3.628   1.289   1.00 10.41 ? 2745 HIS B O   1 
ATOM   875  C  CB  . HIS B 1 50 ? -9.736  2.656   1.382   1.00 9.32  ? 2745 HIS B CB  1 
ATOM   876  C  CG  . HIS B 1 50 ? -11.112 2.678   1.976   1.00 9.48  ? 2745 HIS B CG  1 
ATOM   877  N  ND1 . HIS B 1 50 ? -12.198 2.083   1.368   1.00 9.48  ? 2745 HIS B ND1 1 
ATOM   878  C  CD2 . HIS B 1 50 ? -11.576 3.213   3.130   1.00 10.58 ? 2745 HIS B CD2 1 
ATOM   879  C  CE1 . HIS B 1 50 ? -13.275 2.267   2.111   1.00 11.25 ? 2745 HIS B CE1 1 
ATOM   880  N  NE2 . HIS B 1 50 ? -12.926 2.954   3.187   1.00 10.71 ? 2745 HIS B NE2 1 
ATOM   881  N  N   . THR B 1 51 ? -6.900  1.514   1.973   1.00 12.86 ? 2746 THR B N   1 
ATOM   882  C  CA  . THR B 1 51 ? -5.608  0.969   1.599   1.00 11.62 ? 2746 THR B CA  1 
ATOM   883  C  C   . THR B 1 51 ? -5.820  -0.215  0.670   1.00 7.85  ? 2746 THR B C   1 
ATOM   884  O  O   . THR B 1 51 ? -6.688  -1.052  0.925   1.00 10.34 ? 2746 THR B O   1 
ATOM   885  C  CB  . THR B 1 51 ? -4.859  0.506   2.880   1.00 11.56 ? 2746 THR B CB  1 
ATOM   886  O  OG1 . THR B 1 51 ? -4.693  1.619   3.775   1.00 12.74 ? 2746 THR B OG1 1 
ATOM   887  C  CG2 . THR B 1 51 ? -3.510  -0.070  2.546   1.00 9.85  ? 2746 THR B CG2 1 
ATOM   888  N  N   . PHE B 1 52 ? -5.020  -0.310  -0.391  1.00 8.36  ? 2747 PHE B N   1 
ATOM   889  C  CA  . PHE B 1 52 ? -5.115  -1.426  -1.328  1.00 8.95  ? 2747 PHE B CA  1 
ATOM   890  C  C   . PHE B 1 52 ? -3.921  -2.366  -1.177  1.00 8.57  ? 2747 PHE B C   1 
ATOM   891  O  O   . PHE B 1 52 ? -2.794  -1.920  -0.970  1.00 12.23 ? 2747 PHE B O   1 
ATOM   892  C  CB  . PHE B 1 52 ? -5.181  -0.940  -2.771  1.00 10.33 ? 2747 PHE B CB  1 
ATOM   893  C  CG  . PHE B 1 52 ? -6.484  -0.294  -3.143  1.00 10.97 ? 2747 PHE B CG  1 
ATOM   894  C  CD1 . PHE B 1 52 ? -6.777  0.987   -2.722  1.00 9.29  ? 2747 PHE B CD1 1 
ATOM   895  C  CD2 . PHE B 1 52 ? -7.403  -0.963  -3.933  1.00 10.48 ? 2747 PHE B CD2 1 
ATOM   896  C  CE1 . PHE B 1 52 ? -7.970  1.585   -3.063  1.00 10.99 ? 2747 PHE B CE1 1 
ATOM   897  C  CE2 . PHE B 1 52 ? -8.598  -0.362  -4.283  1.00 10.26 ? 2747 PHE B CE2 1 
ATOM   898  C  CZ  . PHE B 1 52 ? -8.873  0.913   -3.850  1.00 10.49 ? 2747 PHE B CZ  1 
ATOM   899  N  N   . GLY B 1 53 ? -4.170  -3.669  -1.272  1.00 7.10  ? 2748 GLY B N   1 
ATOM   900  C  CA  . GLY B 1 53 ? -3.101  -4.652  -1.365  1.00 11.82 ? 2748 GLY B CA  1 
ATOM   901  C  C   . GLY B 1 53 ? -2.914  -5.089  -2.804  1.00 11.65 ? 2748 GLY B C   1 
ATOM   902  O  O   . GLY B 1 53 ? -3.866  -5.510  -3.464  1.00 11.40 ? 2748 GLY B O   1 
ATOM   903  N  N   . ARG B 1 54 ? -1.671  -5.013  -3.281  1.00 9.25  ? 2749 ARG B N   1 
ATOM   904  C  CA  . ARG B 1 54 ? -1.379  -5.370  -4.661  1.00 14.12 ? 2749 ARG B CA  1 
ATOM   905  C  C   . ARG B 1 54 ? -1.219  -6.881  -4.778  1.00 16.25 ? 2749 ARG B C   1 
ATOM   906  O  O   . ARG B 1 54 ? -0.501  -7.501  -3.991  1.00 21.09 ? 2749 ARG B O   1 
ATOM   907  C  CB  . ARG B 1 54 ? -0.122  -4.646  -5.156  1.00 16.25 ? 2749 ARG B CB  1 
ATOM   908  C  CG  . ARG B 1 54 ? 0.179   -4.813  -6.669  1.00 16.17 ? 2749 ARG B CG  1 
ATOM   909  C  CD  . ARG B 1 54 ? 1.608   -4.341  -7.030  1.00 19.93 ? 2749 ARG B CD  1 
ATOM   910  N  NE  . ARG B 1 54 ? 1.819   -4.406  -8.477  1.00 24.42 ? 2749 ARG B NE  1 
ATOM   911  C  CZ  . ARG B 1 54 ? 2.167   -3.383  -9.259  1.00 25.80 ? 2749 ARG B CZ  1 
ATOM   912  N  NH1 . ARG B 1 54 ? 2.381   -2.177  -8.746  1.00 23.05 ? 2749 ARG B NH1 1 
ATOM   913  N  NH2 . ARG B 1 54 ? 2.300   -3.573  -10.570 1.00 20.64 ? 2749 ARG B NH2 1 
ATOM   914  N  N   . ILE B 1 55 ? -1.928  -7.477  -5.729  1.00 12.01 ? 2750 ILE B N   1 
ATOM   915  C  CA  . ILE B 1 55 ? -1.861  -8.913  -5.986  1.00 13.83 ? 2750 ILE B CA  1 
ATOM   916  C  C   . ILE B 1 55 ? -1.451  -9.081  -7.441  1.00 16.55 ? 2750 ILE B C   1 
ATOM   917  O  O   . ILE B 1 55 ? -2.248  -8.806  -8.355  1.00 10.65 ? 2750 ILE B O   1 
ATOM   918  C  CB  . ILE B 1 55 ? -3.192  -9.619  -5.711  1.00 10.58 ? 2750 ILE B CB  1 
ATOM   919  C  CG1 . ILE B 1 55 ? -3.697  -9.308  -4.303  1.00 9.85  ? 2750 ILE B CG1 1 
ATOM   920  C  CG2 . ILE B 1 55 ? -3.035  -11.121 -5.912  1.00 15.00 ? 2750 ILE B CG2 1 
ATOM   921  C  CD1 . ILE B 1 55 ? -5.164  -9.682  -4.107  1.00 10.42 ? 2750 ILE B CD1 1 
ATOM   922  N  N   . ASN B 1 56 ? -0.194  -9.479  -7.661  1.00 12.84 ? 2751 ASN B N   1 
ATOM   923  C  CA  . ASN B 1 56 ? 0.318   -9.577  -9.019  1.00 17.32 ? 2751 ASN B CA  1 
ATOM   924  C  C   . ASN B 1 56 ? -0.139  -10.854 -9.708  1.00 19.52 ? 2751 ASN B C   1 
ATOM   925  O  O   . ASN B 1 56 ? -0.330  -10.855 -10.928 1.00 20.79 ? 2751 ASN B O   1 
ATOM   926  C  CB  . ASN B 1 56 ? 1.844   -9.477  -9.007  1.00 26.04 ? 2751 ASN B CB  1 
ATOM   927  C  CG  . ASN B 1 56 ? 2.329   -8.087  -8.637  1.00 25.33 ? 2751 ASN B CG  1 
ATOM   928  O  OD1 . ASN B 1 56 ? 1.820   -7.081  -9.139  1.00 21.02 ? 2751 ASN B OD1 1 
ATOM   929  N  ND2 . ASN B 1 56 ? 3.304   -8.022  -7.750  1.00 30.90 ? 2751 ASN B ND2 1 
ATOM   930  N  N   . GLU B 1 57 ? -0.360  -11.927 -8.951  1.00 18.80 ? 2752 GLU B N   1 
ATOM   931  C  CA  . GLU B 1 57 ? -0.803  -13.194 -9.513  1.00 20.62 ? 2752 GLU B CA  1 
ATOM   932  C  C   . GLU B 1 57 ? -1.687  -13.896 -8.500  1.00 21.37 ? 2752 GLU B C   1 
ATOM   933  O  O   . GLU B 1 57 ? -1.489  -13.728 -7.292  1.00 20.05 ? 2752 GLU B O   1 
ATOM   934  C  CB  . GLU B 1 57 ? 0.378   -14.106 -9.867  1.00 26.35 ? 2752 GLU B CB  1 
ATOM   935  C  CG  . GLU B 1 57 ? 1.360   -13.543 -10.869 1.00 30.55 ? 2752 GLU B CG  1 
ATOM   936  C  CD  . GLU B 1 57 ? 2.621   -14.381 -10.928 1.00 32.27 ? 2752 GLU B CD  1 
ATOM   937  O  OE1 . GLU B 1 57 ? 2.557   -15.524 -10.436 1.00 32.69 ? 2752 GLU B OE1 1 
ATOM   938  O  OE2 . GLU B 1 57 ? 3.661   -13.896 -11.440 1.00 31.24 ? 2752 GLU B OE2 1 
ATOM   939  N  N   . PRO B 1 58 ? -2.655  -14.706 -8.957  1.00 18.06 ? 2753 PRO B N   1 
ATOM   940  C  CA  . PRO B 1 58 ? -3.590  -15.464 -8.120  1.00 23.44 ? 2753 PRO B CA  1 
ATOM   941  C  C   . PRO B 1 58 ? -2.912  -16.279 -7.026  1.00 25.86 ? 2753 PRO B C   1 
ATOM   942  O  O   . PRO B 1 58 ? -1.728  -16.570 -7.157  1.00 32.99 ? 2753 PRO B O   1 
ATOM   943  C  CB  . PRO B 1 58 ? -4.274  -16.382 -9.123  1.00 23.50 ? 2753 PRO B CB  1 
ATOM   944  C  CG  . PRO B 1 58 ? -4.270  -15.603 -10.378 1.00 24.13 ? 2753 PRO B CG  1 
ATOM   945  C  CD  . PRO B 1 58 ? -2.982  -14.833 -10.386 1.00 21.84 ? 2753 PRO B CD  1 
HETATM 946  ZN ZN  . ZN  C 2 .  ? 3.726   7.669   3.235   1.00 11.90 ? 2801 ZN  A ZN  1 
HETATM 947  ZN ZN  . ZN  D 2 .  ? 2.328   9.960   17.007  1.00 9.22  ? 2802 ZN  A ZN  1 
HETATM 948  C  C1  . PEG E 3 .  ? 10.025  -8.745  4.067   1.00 23.20 ? 2803 PEG A C1  1 
HETATM 949  O  O1  . PEG E 3 .  ? 9.904   -9.666  5.126   1.00 26.80 ? 2803 PEG A O1  1 
HETATM 950  C  C2  . PEG E 3 .  ? 9.570   -9.396  2.759   1.00 20.51 ? 2803 PEG A C2  1 
HETATM 951  O  O2  . PEG E 3 .  ? 8.608   -10.392 3.007   1.00 33.96 ? 2803 PEG A O2  1 
HETATM 952  C  C3  . PEG E 3 .  ? 7.530   -10.426 2.104   1.00 22.47 ? 2803 PEG A C3  1 
HETATM 953  C  C4  . PEG E 3 .  ? 6.250   -10.963 2.746   1.00 24.84 ? 2803 PEG A C4  1 
HETATM 954  O  O4  . PEG E 3 .  ? 5.118   -10.462 2.083   1.00 27.16 ? 2803 PEG A O4  1 
HETATM 955  ZN ZN  . ZN  F 2 .  ? -12.205 0.716   -0.371  1.00 10.86 ? 2801 ZN  B ZN  1 
HETATM 956  ZN ZN  . ZN  G 2 .  ? -10.266 -0.960  -14.066 1.00 14.62 ? 2802 ZN  B ZN  1 
HETATM 957  C  C1  . GOL H 4 .  ? -14.860 -9.538  3.238   1.00 29.33 ? 2803 GOL B C1  1 
HETATM 958  O  O1  . GOL H 4 .  ? -14.819 -8.688  4.362   1.00 27.36 ? 2803 GOL B O1  1 
HETATM 959  C  C2  . GOL H 4 .  ? -15.237 -10.952 3.679   1.00 29.85 ? 2803 GOL B C2  1 
HETATM 960  O  O2  . GOL H 4 .  ? -14.125 -11.615 4.254   1.00 40.36 ? 2803 GOL B O2  1 
HETATM 961  C  C3  . GOL H 4 .  ? -16.473 -11.003 4.579   1.00 24.82 ? 2803 GOL B C3  1 
HETATM 962  O  O3  . GOL H 4 .  ? -17.654 -10.882 3.791   1.00 23.74 ? 2803 GOL B O3  1 
HETATM 963  O  O   . HOH I 5 .  ? 16.871  3.042   -5.307  1.00 17.59 ? 2901 HOH A O   1 
HETATM 964  O  O   . HOH I 5 .  ? 1.293   12.072  0.125   1.00 32.10 ? 2902 HOH A O   1 
HETATM 965  O  O   . HOH I 5 .  ? 3.972   14.123  0.915   1.00 32.07 ? 2903 HOH A O   1 
HETATM 966  O  O   . HOH I 5 .  ? 12.220  -1.016  17.308  1.00 29.59 ? 2904 HOH A O   1 
HETATM 967  O  O   . HOH I 5 .  ? 9.542   15.364  18.791  1.00 24.13 ? 2905 HOH A O   1 
HETATM 968  O  O   . HOH I 5 .  ? 13.314  4.820   2.960   1.00 11.11 ? 2906 HOH A O   1 
HETATM 969  O  O   . HOH I 5 .  ? 3.727   -8.350  1.802   1.00 23.47 ? 2907 HOH A O   1 
HETATM 970  O  O   . HOH I 5 .  ? 20.307  -7.487  8.797   1.00 17.10 ? 2908 HOH A O   1 
HETATM 971  O  O   . HOH I 5 .  ? -1.987  12.374  4.922   1.00 24.19 ? 2909 HOH A O   1 
HETATM 972  O  O   . HOH I 5 .  ? 5.389   0.067   -1.267  1.00 14.49 ? 2910 HOH A O   1 
HETATM 973  O  O   . HOH I 5 .  ? -3.528  -1.427  18.444  1.00 25.39 ? 2911 HOH A O   1 
HETATM 974  O  O   . HOH I 5 .  ? 10.398  14.924  9.864   1.00 23.09 ? 2912 HOH A O   1 
HETATM 975  O  O   . HOH I 5 .  ? 2.380   0.373   14.282  1.00 10.22 ? 2913 HOH A O   1 
HETATM 976  O  O   . HOH I 5 .  ? 17.119  -4.480  -0.019  1.00 8.49  ? 2914 HOH A O   1 
HETATM 977  O  O   . HOH I 5 .  ? -1.636  -2.415  7.823   1.00 8.71  ? 2915 HOH A O   1 
HETATM 978  O  O   . HOH I 5 .  ? 3.714   -6.831  10.117  1.00 17.12 ? 2916 HOH A O   1 
HETATM 979  O  O   . HOH I 5 .  ? 8.515   -3.556  10.138  1.00 9.96  ? 2917 HOH A O   1 
HETATM 980  O  O   . HOH I 5 .  ? 0.467   -4.294  -1.696  1.00 12.82 ? 2918 HOH A O   1 
HETATM 981  O  O   . HOH I 5 .  ? -4.778  1.485   14.156  1.00 19.14 ? 2919 HOH A O   1 
HETATM 982  O  O   . HOH I 5 .  ? 14.825  1.270   15.862  1.00 30.70 ? 2920 HOH A O   1 
HETATM 983  O  O   . HOH I 5 .  ? 0.439   12.794  11.125  1.00 11.12 ? 2921 HOH A O   1 
HETATM 984  O  O   . HOH I 5 .  ? -2.931  4.560   12.630  1.00 14.63 ? 2922 HOH A O   1 
HETATM 985  O  O   . HOH I 5 .  ? 2.658   3.495   16.981  1.00 5.44  ? 2923 HOH A O   1 
HETATM 986  O  O   . HOH I 5 .  ? 1.423   16.289  22.859  1.00 13.66 ? 2924 HOH A O   1 
HETATM 987  O  O   . HOH I 5 .  ? 10.591  -4.408  -3.067  1.00 26.64 ? 2925 HOH A O   1 
HETATM 988  O  O   . HOH I 5 .  ? 10.091  4.534   3.342   1.00 9.14  ? 2926 HOH A O   1 
HETATM 989  O  O   . HOH I 5 .  ? 2.597   0.673   19.554  1.00 25.64 ? 2927 HOH A O   1 
HETATM 990  O  O   . HOH I 5 .  ? -2.268  10.898  8.278   1.00 20.11 ? 2928 HOH A O   1 
HETATM 991  O  O   . HOH I 5 .  ? 4.331   22.406  17.983  1.00 28.88 ? 2929 HOH A O   1 
HETATM 992  O  O   . HOH I 5 .  ? 15.300  4.811   15.674  1.00 17.54 ? 2930 HOH A O   1 
HETATM 993  O  O   . HOH I 5 .  ? 6.641   14.005  15.410  1.00 15.01 ? 2931 HOH A O   1 
HETATM 994  O  O   . HOH I 5 .  ? 1.960   3.874   22.046  1.00 16.68 ? 2932 HOH A O   1 
HETATM 995  O  O   . HOH I 5 .  ? 17.494  7.679   3.565   1.00 42.50 ? 2933 HOH A O   1 
HETATM 996  O  O   . HOH I 5 .  ? 5.164   17.854  12.440  1.00 20.30 ? 2934 HOH A O   1 
HETATM 997  O  O   . HOH I 5 .  ? 8.251   10.983  22.308  1.00 18.17 ? 2935 HOH A O   1 
HETATM 998  O  O   . HOH I 5 .  ? 4.315   2.967   19.845  1.00 14.90 ? 2936 HOH A O   1 
HETATM 999  O  O   . HOH I 5 .  ? 0.590   12.843  23.108  1.00 14.80 ? 2937 HOH A O   1 
HETATM 1000 O  O   . HOH I 5 .  ? 6.659   14.033  10.504  1.00 17.31 ? 2938 HOH A O   1 
HETATM 1001 O  O   . HOH I 5 .  ? 14.725  11.290  2.645   1.00 22.01 ? 2939 HOH A O   1 
HETATM 1002 O  O   . HOH I 5 .  ? 1.368   -1.142  16.425  1.00 12.42 ? 2940 HOH A O   1 
HETATM 1003 O  O   . HOH I 5 .  ? 6.737   -5.744  8.782   1.00 16.42 ? 2941 HOH A O   1 
HETATM 1004 O  O   . HOH I 5 .  ? 9.434   4.567   0.114   1.00 16.93 ? 2942 HOH A O   1 
HETATM 1005 O  O   . HOH I 5 .  ? 8.660   7.144   1.175   1.00 18.47 ? 2943 HOH A O   1 
HETATM 1006 O  O   . HOH I 5 .  ? -4.197  4.273   7.586   1.00 20.31 ? 2944 HOH A O   1 
HETATM 1007 O  O   . HOH I 5 .  ? -1.091  15.753  9.137   1.00 23.01 ? 2945 HOH A O   1 
HETATM 1008 O  O   . HOH I 5 .  ? 11.284  11.524  15.829  1.00 10.52 ? 2946 HOH A O   1 
HETATM 1009 O  O   . HOH I 5 .  ? 12.045  -6.864  2.037   1.00 28.31 ? 2947 HOH A O   1 
HETATM 1010 O  O   . HOH I 5 .  ? -3.324  -1.538  21.730  1.00 21.52 ? 2948 HOH A O   1 
HETATM 1011 O  O   . HOH I 5 .  ? 9.015   14.478  23.414  1.00 17.36 ? 2949 HOH A O   1 
HETATM 1012 O  O   . HOH I 5 .  ? 4.122   11.256  0.615   1.00 21.05 ? 2950 HOH A O   1 
HETATM 1013 O  O   . HOH I 5 .  ? 19.655  -1.187  9.743   1.00 21.40 ? 2951 HOH A O   1 
HETATM 1014 O  O   . HOH I 5 .  ? 15.900  -1.096  -6.084  1.00 15.22 ? 2952 HOH A O   1 
HETATM 1015 O  O   . HOH I 5 .  ? 1.976   0.791   -1.947  1.00 22.58 ? 2953 HOH A O   1 
HETATM 1016 O  O   . HOH I 5 .  ? 9.953   -4.605  12.616  1.00 13.75 ? 2954 HOH A O   1 
HETATM 1017 O  O   . HOH I 5 .  ? -0.725  5.115   -2.030  1.00 27.03 ? 2955 HOH A O   1 
HETATM 1018 O  O   . HOH I 5 .  ? 7.556   17.047  8.815   1.00 29.48 ? 2956 HOH A O   1 
HETATM 1019 O  O   . HOH I 5 .  ? -2.573  5.453   16.738  1.00 10.92 ? 2957 HOH A O   1 
HETATM 1020 O  O   . HOH I 5 .  ? 2.275   -6.923  2.954   1.00 10.58 ? 2958 HOH A O   1 
HETATM 1021 O  O   . HOH I 5 .  ? -0.929  -1.448  18.897  1.00 25.80 ? 2959 HOH A O   1 
HETATM 1022 O  O   . HOH I 5 .  ? 8.461   2.727   17.707  1.00 21.26 ? 2960 HOH A O   1 
HETATM 1023 O  O   . HOH I 5 .  ? -3.525  5.994   14.204  1.00 15.30 ? 2961 HOH A O   1 
HETATM 1024 O  O   . HOH I 5 .  ? 10.812  1.785   17.359  1.00 27.11 ? 2962 HOH A O   1 
HETATM 1025 O  O   . HOH I 5 .  ? 10.123  15.718  12.107  1.00 36.69 ? 2963 HOH A O   1 
HETATM 1026 O  O   . HOH I 5 .  ? 11.954  -3.643  -5.369  1.00 29.57 ? 2964 HOH A O   1 
HETATM 1027 O  O   . HOH I 5 .  ? 10.951  0.725   20.869  1.00 30.62 ? 2965 HOH A O   1 
HETATM 1028 O  O   . HOH I 5 .  ? 0.325   3.522   -3.399  1.00 30.86 ? 2966 HOH A O   1 
HETATM 1029 O  O   . HOH J 5 .  ? 2.606   -4.515  -16.091 1.00 29.26 ? 2901 HOH B O   1 
HETATM 1030 O  O   . HOH J 5 .  ? -16.156 -10.790 -10.695 1.00 18.01 ? 2902 HOH B O   1 
HETATM 1031 O  O   . HOH J 5 .  ? -17.794 -11.307 -4.648  1.00 18.96 ? 2903 HOH B O   1 
HETATM 1032 O  O   . HOH J 5 .  ? 0.647   -16.452 -11.478 1.00 30.03 ? 2904 HOH B O   1 
HETATM 1033 O  O   . HOH J 5 .  ? 10.520  -15.420 -16.793 1.00 19.36 ? 2905 HOH B O   1 
HETATM 1034 O  O   . HOH J 5 .  ? -3.948  10.528  10.295  1.00 22.94 ? 2906 HOH B O   1 
HETATM 1035 O  O   . HOH J 5 .  ? -0.760  -4.473  -14.204 1.00 12.95 ? 2907 HOH B O   1 
HETATM 1036 O  O   . HOH J 5 .  ? -4.017  -7.048  1.660   1.00 14.56 ? 2908 HOH B O   1 
HETATM 1037 O  O   . HOH J 5 .  ? -12.204 -5.862  -0.887  1.00 8.20  ? 2909 HOH B O   1 
HETATM 1038 O  O   . HOH J 5 .  ? -17.250 -7.135  -17.109 1.00 17.34 ? 2910 HOH B O   1 
HETATM 1039 O  O   . HOH J 5 .  ? -12.773 -7.645  2.420   1.00 34.02 ? 2911 HOH B O   1 
HETATM 1040 O  O   . HOH J 5 .  ? -19.533 -8.375  -1.259  1.00 22.06 ? 2912 HOH B O   1 
HETATM 1041 O  O   . HOH J 5 .  ? -2.847  -14.700 -20.420 1.00 27.32 ? 2913 HOH B O   1 
HETATM 1042 O  O   . HOH J 5 .  ? -5.600  4.564   -1.001  1.00 16.30 ? 2914 HOH B O   1 
HETATM 1043 O  O   . HOH J 5 .  ? -6.893  1.827   5.282   1.00 14.49 ? 2915 HOH B O   1 
HETATM 1044 O  O   . HOH J 5 .  ? -6.418  -12.992 -7.946  1.00 11.39 ? 2916 HOH B O   1 
HETATM 1045 O  O   . HOH J 5 .  ? -5.014  7.408   -0.326  1.00 22.50 ? 2917 HOH B O   1 
HETATM 1046 O  O   . HOH J 5 .  ? -10.707 -6.584  1.958   1.00 12.23 ? 2918 HOH B O   1 
HETATM 1047 O  O   . HOH J 5 .  ? -7.498  4.609   -6.810  1.00 18.81 ? 2919 HOH B O   1 
HETATM 1048 O  O   . HOH J 5 .  ? -0.813  -0.566  -2.242  1.00 17.42 ? 2920 HOH B O   1 
HETATM 1049 O  O   . HOH J 5 .  ? -4.223  -4.592  -14.051 1.00 9.45  ? 2921 HOH B O   1 
HETATM 1050 O  O   . HOH J 5 .  ? -1.671  8.091   -9.705  1.00 35.12 ? 2922 HOH B O   1 
HETATM 1051 O  O   . HOH J 5 .  ? -12.383 -9.116  -3.730  1.00 10.87 ? 2923 HOH B O   1 
HETATM 1052 O  O   . HOH J 5 .  ? -13.801 3.725   -6.348  1.00 13.43 ? 2924 HOH B O   1 
HETATM 1053 O  O   . HOH J 5 .  ? -7.806  4.875   -1.946  1.00 16.40 ? 2925 HOH B O   1 
HETATM 1054 O  O   . HOH J 5 .  ? -4.235  -1.508  5.575   1.00 14.52 ? 2926 HOH B O   1 
HETATM 1055 O  O   . HOH J 5 .  ? 5.012   -11.696 -13.201 1.00 28.37 ? 2927 HOH B O   1 
HETATM 1056 O  O   . HOH J 5 .  ? -3.685  -4.072  -16.957 1.00 33.47 ? 2928 HOH B O   1 
HETATM 1057 O  O   . HOH J 5 .  ? 3.451   -5.694  -21.624 1.00 25.06 ? 2929 HOH B O   1 
HETATM 1058 O  O   . HOH J 5 .  ? 1.695   -9.936  -5.478  1.00 26.57 ? 2930 HOH B O   1 
HETATM 1059 O  O   . HOH J 5 .  ? -2.393  -15.999 -14.796 1.00 29.42 ? 2931 HOH B O   1 
HETATM 1060 O  O   . HOH J 5 .  ? -17.725 -3.911  -5.500  1.00 19.07 ? 2932 HOH B O   1 
HETATM 1061 O  O   . HOH J 5 .  ? -9.635  13.168  0.294   1.00 28.68 ? 2933 HOH B O   1 
HETATM 1062 O  O   . HOH J 5 .  ? -6.351  -6.742  -0.007  1.00 15.94 ? 2934 HOH B O   1 
HETATM 1063 O  O   . HOH J 5 .  ? -13.627 -10.707 -1.488  1.00 25.61 ? 2935 HOH B O   1 
HETATM 1064 O  O   . HOH J 5 .  ? -12.671 -5.527  4.613   1.00 18.01 ? 2936 HOH B O   1 
HETATM 1065 O  O   . HOH J 5 .  ? -2.385  -8.029  5.992   1.00 23.95 ? 2937 HOH B O   1 
HETATM 1066 O  O   . HOH J 5 .  ? -4.063  7.397   10.447  1.00 19.48 ? 2938 HOH B O   1 
HETATM 1067 O  O   . HOH J 5 .  ? -4.622  -1.959  -15.998 1.00 13.10 ? 2939 HOH B O   1 
HETATM 1068 O  O   . HOH J 5 .  ? 0.344   -18.526 -6.057  1.00 33.84 ? 2940 HOH B O   1 
HETATM 1069 O  O   . HOH J 5 .  ? -12.412 6.125   5.582   1.00 20.58 ? 2941 HOH B O   1 
HETATM 1070 O  O   . HOH J 5 .  ? -3.104  5.291   -6.401  1.00 20.77 ? 2942 HOH B O   1 
HETATM 1071 O  O   . HOH J 5 .  ? -12.073 10.023  0.537   1.00 21.30 ? 2943 HOH B O   1 
HETATM 1072 O  O   . HOH J 5 .  ? -17.291 -3.741  -1.166  1.00 9.89  ? 2944 HOH B O   1 
HETATM 1073 O  O   . HOH J 5 .  ? -5.930  -1.044  -18.776 1.00 21.86 ? 2945 HOH B O   1 
HETATM 1074 O  O   . HOH J 5 .  ? -8.414  8.424   -4.560  1.00 27.90 ? 2946 HOH B O   1 
HETATM 1075 O  O   . HOH J 5 .  ? -7.942  -14.791 -9.073  1.00 22.30 ? 2947 HOH B O   1 
HETATM 1076 O  O   . HOH J 5 .  ? -15.565 1.286   -18.215 1.00 15.72 ? 2948 HOH B O   1 
HETATM 1077 O  O   . HOH J 5 .  ? 3.090   -7.379  -4.580  1.00 33.28 ? 2949 HOH B O   1 
HETATM 1078 O  O   . HOH J 5 .  ? 1.484   -10.724 -23.309 1.00 23.33 ? 2950 HOH B O   1 
HETATM 1079 O  O   . HOH J 5 .  ? -6.551  -1.559  7.024   1.00 21.22 ? 2951 HOH B O   1 
HETATM 1080 O  O   . HOH J 5 .  ? -18.559 -1.421  -7.284  1.00 24.22 ? 2952 HOH B O   1 
HETATM 1081 O  O   . HOH J 5 .  ? -19.007 -14.159 3.240   1.00 36.74 ? 2953 HOH B O   1 
HETATM 1082 O  O   . HOH J 5 .  ? -8.172  -0.575  -17.582 1.00 18.32 ? 2954 HOH B O   1 
HETATM 1083 O  O   . HOH J 5 .  ? 1.550   -20.054 -15.995 1.00 18.32 ? 2955 HOH B O   1 
HETATM 1084 O  O   . HOH J 5 .  ? -7.440  6.069   -4.357  1.00 23.23 ? 2956 HOH B O   1 
HETATM 1085 O  O   . HOH J 5 .  ? -10.059 3.620   -15.696 1.00 23.73 ? 2957 HOH B O   1 
HETATM 1086 O  O   . HOH J 5 .  ? -14.152 3.461   -9.049  1.00 20.84 ? 2958 HOH B O   1 
HETATM 1087 O  O   . HOH J 5 .  ? -10.882 17.969  -8.630  1.00 29.04 ? 2959 HOH B O   1 
HETATM 1088 O  O   . HOH J 5 .  ? -21.464 -2.193  -10.873 1.00 23.79 ? 2960 HOH B O   1 
HETATM 1089 O  O   . HOH J 5 .  ? -1.645  -7.814  -0.102  1.00 24.18 ? 2961 HOH B O   1 
HETATM 1090 O  O   . HOH J 5 .  ? -9.078  -13.376 -20.164 1.00 26.45 ? 2962 HOH B O   1 
HETATM 1091 O  O   . HOH J 5 .  ? -5.382  8.373   -3.127  1.00 32.84 ? 2963 HOH B O   1 
# 
loop_
_pdbx_poly_seq_scheme.asym_id 
_pdbx_poly_seq_scheme.entity_id 
_pdbx_poly_seq_scheme.seq_id 
_pdbx_poly_seq_scheme.mon_id 
_pdbx_poly_seq_scheme.ndb_seq_num 
_pdbx_poly_seq_scheme.pdb_seq_num 
_pdbx_poly_seq_scheme.auth_seq_num 
_pdbx_poly_seq_scheme.pdb_mon_id 
_pdbx_poly_seq_scheme.auth_mon_id 
_pdbx_poly_seq_scheme.pdb_strand_id 
_pdbx_poly_seq_scheme.pdb_ins_code 
_pdbx_poly_seq_scheme.hetero 
A 1 1  SER 1  1    1    SER SER A . n 
A 1 2  ASP 2  2    2    ASP ASP A . n 
A 1 3  GLN 3  3    3    GLN GLN A . n 
A 1 4  GLU 4  4    4    GLU GLU A . n 
A 1 5  ALA 5  5    5    ALA ALA A . n 
A 1 6  LYS 6  6    6    LYS LYS A . n 
A 1 7  ILE 7  2702 2702 ILE ILE A . n 
A 1 8  HIS 8  2703 2703 HIS HIS A . n 
A 1 9  PRO 9  2704 2704 PRO PRO A . n 
A 1 10 GLY 10 2705 2705 GLY GLY A . n 
A 1 11 VAL 11 2706 2706 VAL VAL A . n 
A 1 12 THR 12 2707 2707 THR THR A . n 
A 1 13 CYS 13 2708 2708 CYS CYS A . n 
A 1 14 ASP 14 2709 2709 ASP ASP A . n 
A 1 15 GLY 15 2710 2710 GLY GLY A . n 
A 1 16 CYS 16 2711 2711 CYS CYS A . n 
A 1 17 GLN 17 2712 2712 GLN GLN A . n 
A 1 18 MET 18 2713 2713 MET MET A . n 
A 1 19 PHE 19 2714 2714 PHE PHE A . n 
A 1 20 PRO 20 2715 2715 PRO PRO A . n 
A 1 21 ILE 21 2716 2716 ILE ILE A . n 
A 1 22 ASN 22 2717 2717 ASN ASN A . n 
A 1 23 GLY 23 2718 2718 GLY GLY A . n 
A 1 24 SER 24 2719 2719 SER SER A . n 
A 1 25 ARG 25 2720 2720 ARG ARG A . n 
A 1 26 PHE 26 2721 2721 PHE PHE A . n 
A 1 27 LYS 27 2722 2722 LYS LYS A . n 
A 1 28 CYS 28 2723 2723 CYS CYS A . n 
A 1 29 ARG 29 2724 2724 ARG ARG A . n 
A 1 30 ASN 30 2725 2725 ASN ASN A . n 
A 1 31 CYS 31 2726 2726 CYS CYS A . n 
A 1 32 ASP 32 2727 2727 ASP ASP A . n 
A 1 33 ASP 33 2728 2728 ASP ASP A . n 
A 1 34 PHE 34 2729 2729 PHE PHE A . n 
A 1 35 ASP 35 2730 2730 ASP ASP A . n 
A 1 36 PHE 36 2731 2731 PHE PHE A . n 
A 1 37 CYS 37 2732 2732 CYS CYS A . n 
A 1 38 GLU 38 2733 2733 GLU GLU A . n 
A 1 39 THR 39 2734 2734 THR THR A . n 
A 1 40 CYS 40 2735 2735 CYS CYS A . n 
A 1 41 PHE 41 2736 2736 PHE PHE A . n 
A 1 42 LYS 42 2737 2737 LYS LYS A . n 
A 1 43 THR 43 2738 2738 THR THR A . n 
A 1 44 LYS 44 2739 2739 LYS LYS A . n 
A 1 45 LYS 45 2740 2740 LYS LYS A . n 
A 1 46 HIS 46 2741 2741 HIS HIS A . n 
A 1 47 ASN 47 2742 2742 ASN ASN A . n 
A 1 48 THR 48 2743 2743 THR THR A . n 
A 1 49 ARG 49 2744 2744 ARG ARG A . n 
A 1 50 HIS 50 2745 2745 HIS HIS A . n 
A 1 51 THR 51 2746 2746 THR THR A . n 
A 1 52 PHE 52 2747 2747 PHE PHE A . n 
A 1 53 GLY 53 2748 2748 GLY GLY A . n 
A 1 54 ARG 54 2749 2749 ARG ARG A . n 
A 1 55 ILE 55 2750 2750 ILE ILE A . n 
A 1 56 ASN 56 2751 2751 ASN ASN A . n 
A 1 57 GLU 57 2752 2752 GLU GLU A . n 
A 1 58 PRO 58 2753 2753 PRO PRO A . n 
A 1 59 GLY 59 2754 2754 GLY GLY A . n 
A 1 60 GLN 60 2755 2755 GLN GLN A . n 
B 1 1  SER 1  1    1    SER SER B . n 
B 1 2  ASP 2  2    2    ASP ASP B . n 
B 1 3  GLN 3  3    3    GLN GLN B . n 
B 1 4  GLU 4  4    4    GLU GLU B . n 
B 1 5  ALA 5  5    5    ALA ALA B . n 
B 1 6  LYS 6  6    6    LYS LYS B . n 
B 1 7  ILE 7  2702 2702 ILE ILE B . n 
B 1 8  HIS 8  2703 2703 HIS HIS B . n 
B 1 9  PRO 9  2704 2704 PRO PRO B . n 
B 1 10 GLY 10 2705 2705 GLY GLY B . n 
B 1 11 VAL 11 2706 2706 VAL VAL B . n 
B 1 12 THR 12 2707 2707 THR THR B . n 
B 1 13 CYS 13 2708 2708 CYS CYS B . n 
B 1 14 ASP 14 2709 2709 ASP ASP B . n 
B 1 15 GLY 15 2710 2710 GLY GLY B . n 
B 1 16 CYS 16 2711 2711 CYS CYS B . n 
B 1 17 GLN 17 2712 2712 GLN GLN B . n 
B 1 18 MET 18 2713 2713 MET MET B . n 
B 1 19 PHE 19 2714 2714 PHE PHE B . n 
B 1 20 PRO 20 2715 2715 PRO PRO B . n 
B 1 21 ILE 21 2716 2716 ILE ILE B . n 
B 1 22 ASN 22 2717 2717 ASN ASN B . n 
B 1 23 GLY 23 2718 2718 GLY GLY B . n 
B 1 24 SER 24 2719 2719 SER SER B . n 
B 1 25 ARG 25 2720 2720 ARG ARG B . n 
B 1 26 PHE 26 2721 2721 PHE PHE B . n 
B 1 27 LYS 27 2722 2722 LYS LYS B . n 
B 1 28 CYS 28 2723 2723 CYS CYS B . n 
B 1 29 ARG 29 2724 2724 ARG ARG B . n 
B 1 30 ASN 30 2725 2725 ASN ASN B . n 
B 1 31 CYS 31 2726 2726 CYS CYS B . n 
B 1 32 ASP 32 2727 2727 ASP ASP B . n 
B 1 33 ASP 33 2728 2728 ASP ASP B . n 
B 1 34 PHE 34 2729 2729 PHE PHE B . n 
B 1 35 ASP 35 2730 2730 ASP ASP B . n 
B 1 36 PHE 36 2731 2731 PHE PHE B . n 
B 1 37 CYS 37 2732 2732 CYS CYS B . n 
B 1 38 GLU 38 2733 2733 GLU GLU B . n 
B 1 39 THR 39 2734 2734 THR THR B . n 
B 1 40 CYS 40 2735 2735 CYS CYS B . n 
B 1 41 PHE 41 2736 2736 PHE PHE B . n 
B 1 42 LYS 42 2737 2737 LYS LYS B . n 
B 1 43 THR 43 2738 2738 THR THR B . n 
B 1 44 LYS 44 2739 2739 LYS LYS B . n 
B 1 45 LYS 45 2740 2740 LYS LYS B . n 
B 1 46 HIS 46 2741 2741 HIS HIS B . n 
B 1 47 ASN 47 2742 2742 ASN ASN B . n 
B 1 48 THR 48 2743 2743 THR THR B . n 
B 1 49 ARG 49 2744 2744 ARG ARG B . n 
B 1 50 HIS 50 2745 2745 HIS HIS B . n 
B 1 51 THR 51 2746 2746 THR THR B . n 
B 1 52 PHE 52 2747 2747 PHE PHE B . n 
B 1 53 GLY 53 2748 2748 GLY GLY B . n 
B 1 54 ARG 54 2749 2749 ARG ARG B . n 
B 1 55 ILE 55 2750 2750 ILE ILE B . n 
B 1 56 ASN 56 2751 2751 ASN ASN B . n 
B 1 57 GLU 57 2752 2752 GLU GLU B . n 
B 1 58 PRO 58 2753 2753 PRO PRO B . n 
B 1 59 GLY 59 2754 ?    ?   ?   B . n 
B 1 60 GLN 60 2755 ?    ?   ?   B . n 
# 
loop_
_pdbx_nonpoly_scheme.asym_id 
_pdbx_nonpoly_scheme.entity_id 
_pdbx_nonpoly_scheme.mon_id 
_pdbx_nonpoly_scheme.ndb_seq_num 
_pdbx_nonpoly_scheme.pdb_seq_num 
_pdbx_nonpoly_scheme.auth_seq_num 
_pdbx_nonpoly_scheme.pdb_mon_id 
_pdbx_nonpoly_scheme.auth_mon_id 
_pdbx_nonpoly_scheme.pdb_strand_id 
_pdbx_nonpoly_scheme.pdb_ins_code 
C 2 ZN  1  2801 1   ZN  ZN  A . 
D 2 ZN  1  2802 2   ZN  ZN  A . 
E 3 PEG 1  2803 1   PEG PEG A . 
F 2 ZN  1  2801 3   ZN  ZN  B . 
G 2 ZN  1  2802 4   ZN  ZN  B . 
H 4 GOL 1  2803 1   GOL GOL B . 
I 5 HOH 1  2901 50  HOH HOH A . 
I 5 HOH 2  2902 95  HOH HOH A . 
I 5 HOH 3  2903 106 HOH HOH A . 
I 5 HOH 4  2904 85  HOH HOH A . 
I 5 HOH 5  2905 45  HOH HOH A . 
I 5 HOH 6  2906 17  HOH HOH A . 
I 5 HOH 7  2907 54  HOH HOH A . 
I 5 HOH 8  2908 44  HOH HOH A . 
I 5 HOH 9  2909 130 HOH HOH A . 
I 5 HOH 10 2910 91  HOH HOH A . 
I 5 HOH 11 2911 61  HOH HOH A . 
I 5 HOH 12 2912 105 HOH HOH A . 
I 5 HOH 13 2913 6   HOH HOH A . 
I 5 HOH 14 2914 5   HOH HOH A . 
I 5 HOH 15 2915 29  HOH HOH A . 
I 5 HOH 16 2916 69  HOH HOH A . 
I 5 HOH 17 2917 13  HOH HOH A . 
I 5 HOH 18 2918 19  HOH HOH A . 
I 5 HOH 19 2919 83  HOH HOH A . 
I 5 HOH 20 2920 79  HOH HOH A . 
I 5 HOH 21 2921 36  HOH HOH A . 
I 5 HOH 22 2922 65  HOH HOH A . 
I 5 HOH 23 2923 2   HOH HOH A . 
I 5 HOH 24 2924 7   HOH HOH A . 
I 5 HOH 25 2925 87  HOH HOH A . 
I 5 HOH 26 2926 4   HOH HOH A . 
I 5 HOH 27 2927 62  HOH HOH A . 
I 5 HOH 28 2928 37  HOH HOH A . 
I 5 HOH 29 2929 119 HOH HOH A . 
I 5 HOH 30 2930 38  HOH HOH A . 
I 5 HOH 31 2931 39  HOH HOH A . 
I 5 HOH 32 2932 115 HOH HOH A . 
I 5 HOH 33 2933 134 HOH HOH A . 
I 5 HOH 34 2934 28  HOH HOH A . 
I 5 HOH 35 2935 47  HOH HOH A . 
I 5 HOH 36 2936 42  HOH HOH A . 
I 5 HOH 37 2937 51  HOH HOH A . 
I 5 HOH 38 2938 27  HOH HOH A . 
I 5 HOH 39 2939 32  HOH HOH A . 
I 5 HOH 40 2940 15  HOH HOH A . 
I 5 HOH 41 2941 89  HOH HOH A . 
I 5 HOH 42 2942 52  HOH HOH A . 
I 5 HOH 43 2943 82  HOH HOH A . 
I 5 HOH 44 2944 116 HOH HOH A . 
I 5 HOH 45 2945 57  HOH HOH A . 
I 5 HOH 46 2946 31  HOH HOH A . 
I 5 HOH 47 2947 120 HOH HOH A . 
I 5 HOH 48 2948 74  HOH HOH A . 
I 5 HOH 49 2949 49  HOH HOH A . 
I 5 HOH 50 2950 58  HOH HOH A . 
I 5 HOH 51 2951 128 HOH HOH A . 
I 5 HOH 52 2952 40  HOH HOH A . 
I 5 HOH 53 2953 100 HOH HOH A . 
I 5 HOH 54 2954 46  HOH HOH A . 
I 5 HOH 55 2955 88  HOH HOH A . 
I 5 HOH 56 2956 107 HOH HOH A . 
I 5 HOH 57 2957 30  HOH HOH A . 
I 5 HOH 58 2958 21  HOH HOH A . 
I 5 HOH 59 2959 73  HOH HOH A . 
I 5 HOH 60 2960 96  HOH HOH A . 
I 5 HOH 61 2961 67  HOH HOH A . 
I 5 HOH 62 2962 84  HOH HOH A . 
I 5 HOH 63 2963 108 HOH HOH A . 
I 5 HOH 64 2964 94  HOH HOH A . 
I 5 HOH 65 2965 126 HOH HOH A . 
I 5 HOH 66 2966 101 HOH HOH A . 
J 5 HOH 1  2901 68  HOH HOH B . 
J 5 HOH 2  2902 48  HOH HOH B . 
J 5 HOH 3  2903 12  HOH HOH B . 
J 5 HOH 4  2904 109 HOH HOH B . 
J 5 HOH 5  2905 72  HOH HOH B . 
J 5 HOH 6  2906 76  HOH HOH B . 
J 5 HOH 7  2907 16  HOH HOH B . 
J 5 HOH 8  2908 20  HOH HOH B . 
J 5 HOH 9  2909 1   HOH HOH B . 
J 5 HOH 10 2910 25  HOH HOH B . 
J 5 HOH 11 2911 117 HOH HOH B . 
J 5 HOH 12 2912 43  HOH HOH B . 
J 5 HOH 13 2913 70  HOH HOH B . 
J 5 HOH 14 2914 23  HOH HOH B . 
J 5 HOH 15 2915 22  HOH HOH B . 
J 5 HOH 16 2916 33  HOH HOH B . 
J 5 HOH 17 2917 26  HOH HOH B . 
J 5 HOH 18 2918 10  HOH HOH B . 
J 5 HOH 19 2919 86  HOH HOH B . 
J 5 HOH 20 2920 18  HOH HOH B . 
J 5 HOH 21 2921 9   HOH HOH B . 
J 5 HOH 22 2922 113 HOH HOH B . 
J 5 HOH 23 2923 8   HOH HOH B . 
J 5 HOH 24 2924 24  HOH HOH B . 
J 5 HOH 25 2925 34  HOH HOH B . 
J 5 HOH 26 2926 11  HOH HOH B . 
J 5 HOH 27 2927 97  HOH HOH B . 
J 5 HOH 28 2928 81  HOH HOH B . 
J 5 HOH 29 2929 102 HOH HOH B . 
J 5 HOH 30 2930 121 HOH HOH B . 
J 5 HOH 31 2931 132 HOH HOH B . 
J 5 HOH 32 2932 71  HOH HOH B . 
J 5 HOH 33 2933 56  HOH HOH B . 
J 5 HOH 34 2934 35  HOH HOH B . 
J 5 HOH 35 2935 93  HOH HOH B . 
J 5 HOH 36 2936 90  HOH HOH B . 
J 5 HOH 37 2937 75  HOH HOH B . 
J 5 HOH 38 2938 104 HOH HOH B . 
J 5 HOH 39 2939 3   HOH HOH B . 
J 5 HOH 40 2940 114 HOH HOH B . 
J 5 HOH 41 2941 77  HOH HOH B . 
J 5 HOH 42 2942 122 HOH HOH B . 
J 5 HOH 43 2943 118 HOH HOH B . 
J 5 HOH 44 2944 64  HOH HOH B . 
J 5 HOH 45 2945 60  HOH HOH B . 
J 5 HOH 46 2946 110 HOH HOH B . 
J 5 HOH 47 2947 80  HOH HOH B . 
J 5 HOH 48 2948 55  HOH HOH B . 
J 5 HOH 49 2949 135 HOH HOH B . 
J 5 HOH 50 2950 129 HOH HOH B . 
J 5 HOH 51 2951 14  HOH HOH B . 
J 5 HOH 52 2952 111 HOH HOH B . 
J 5 HOH 53 2953 92  HOH HOH B . 
J 5 HOH 54 2954 41  HOH HOH B . 
J 5 HOH 55 2955 66  HOH HOH B . 
J 5 HOH 56 2956 53  HOH HOH B . 
J 5 HOH 57 2957 112 HOH HOH B . 
J 5 HOH 58 2958 99  HOH HOH B . 
J 5 HOH 59 2959 133 HOH HOH B . 
J 5 HOH 60 2960 63  HOH HOH B . 
J 5 HOH 61 2961 103 HOH HOH B . 
J 5 HOH 62 2962 124 HOH HOH B . 
J 5 HOH 63 2963 78  HOH HOH B . 
# 
loop_
_pdbx_struct_assembly.id 
_pdbx_struct_assembly.details 
_pdbx_struct_assembly.method_details 
_pdbx_struct_assembly.oligomeric_details 
_pdbx_struct_assembly.oligomeric_count 
1 author_defined_assembly ? monomeric 1 
2 author_defined_assembly ? monomeric 1 
# 
loop_
_pdbx_struct_assembly_gen.assembly_id 
_pdbx_struct_assembly_gen.oper_expression 
_pdbx_struct_assembly_gen.asym_id_list 
1 1 A,C,D,E,I 
2 1 B,F,G,H,J 
# 
_pdbx_struct_oper_list.id                   1 
_pdbx_struct_oper_list.type                 'identity operation' 
_pdbx_struct_oper_list.name                 1_555 
_pdbx_struct_oper_list.symmetry_operation   x,y,z 
_pdbx_struct_oper_list.matrix[1][1]         1.0000000000 
_pdbx_struct_oper_list.matrix[1][2]         0.0000000000 
_pdbx_struct_oper_list.matrix[1][3]         0.0000000000 
_pdbx_struct_oper_list.vector[1]            0.0000000000 
_pdbx_struct_oper_list.matrix[2][1]         0.0000000000 
_pdbx_struct_oper_list.matrix[2][2]         1.0000000000 
_pdbx_struct_oper_list.matrix[2][3]         0.0000000000 
_pdbx_struct_oper_list.vector[2]            0.0000000000 
_pdbx_struct_oper_list.matrix[3][1]         0.0000000000 
_pdbx_struct_oper_list.matrix[3][2]         0.0000000000 
_pdbx_struct_oper_list.matrix[3][3]         1.0000000000 
_pdbx_struct_oper_list.vector[3]            0.0000000000 
# 
loop_
_pdbx_struct_conn_angle.id 
_pdbx_struct_conn_angle.ptnr1_label_atom_id 
_pdbx_struct_conn_angle.ptnr1_label_alt_id 
_pdbx_struct_conn_angle.ptnr1_label_asym_id 
_pdbx_struct_conn_angle.ptnr1_label_comp_id 
_pdbx_struct_conn_angle.ptnr1_label_seq_id 
_pdbx_struct_conn_angle.ptnr1_auth_atom_id 
_pdbx_struct_conn_angle.ptnr1_auth_asym_id 
_pdbx_struct_conn_angle.ptnr1_auth_comp_id 
_pdbx_struct_conn_angle.ptnr1_auth_seq_id 
_pdbx_struct_conn_angle.ptnr1_PDB_ins_code 
_pdbx_struct_conn_angle.ptnr1_symmetry 
_pdbx_struct_conn_angle.ptnr2_label_atom_id 
_pdbx_struct_conn_angle.ptnr2_label_alt_id 
_pdbx_struct_conn_angle.ptnr2_label_asym_id 
_pdbx_struct_conn_angle.ptnr2_label_comp_id 
_pdbx_struct_conn_angle.ptnr2_label_seq_id 
_pdbx_struct_conn_angle.ptnr2_auth_atom_id 
_pdbx_struct_conn_angle.ptnr2_auth_asym_id 
_pdbx_struct_conn_angle.ptnr2_auth_comp_id 
_pdbx_struct_conn_angle.ptnr2_auth_seq_id 
_pdbx_struct_conn_angle.ptnr2_PDB_ins_code 
_pdbx_struct_conn_angle.ptnr2_symmetry 
_pdbx_struct_conn_angle.ptnr3_label_atom_id 
_pdbx_struct_conn_angle.ptnr3_label_alt_id 
_pdbx_struct_conn_angle.ptnr3_label_asym_id 
_pdbx_struct_conn_angle.ptnr3_label_comp_id 
_pdbx_struct_conn_angle.ptnr3_label_seq_id 
_pdbx_struct_conn_angle.ptnr3_auth_atom_id 
_pdbx_struct_conn_angle.ptnr3_auth_asym_id 
_pdbx_struct_conn_angle.ptnr3_auth_comp_id 
_pdbx_struct_conn_angle.ptnr3_auth_seq_id 
_pdbx_struct_conn_angle.ptnr3_PDB_ins_code 
_pdbx_struct_conn_angle.ptnr3_symmetry 
_pdbx_struct_conn_angle.value 
_pdbx_struct_conn_angle.value_esd 
1  SG  ? A CYS 13 ? A CYS 2708 ? 1_555 ZN ? C ZN . ? A ZN 2801 ? 1_555 SG  ? A CYS 16 ? A CYS 2711 ? 1_555 110.7 ? 
2  SG  ? A CYS 13 ? A CYS 2708 ? 1_555 ZN ? C ZN . ? A ZN 2801 ? 1_555 SG  ? A CYS 37 ? A CYS 2732 ? 1_555 111.0 ? 
3  SG  ? A CYS 16 ? A CYS 2711 ? 1_555 ZN ? C ZN . ? A ZN 2801 ? 1_555 SG  ? A CYS 37 ? A CYS 2732 ? 1_555 113.8 ? 
4  SG  ? A CYS 13 ? A CYS 2708 ? 1_555 ZN ? C ZN . ? A ZN 2801 ? 1_555 SG  ? A CYS 40 ? A CYS 2735 ? 1_555 101.0 ? 
5  SG  ? A CYS 16 ? A CYS 2711 ? 1_555 ZN ? C ZN . ? A ZN 2801 ? 1_555 SG  ? A CYS 40 ? A CYS 2735 ? 1_555 112.1 ? 
6  SG  ? A CYS 37 ? A CYS 2732 ? 1_555 ZN ? C ZN . ? A ZN 2801 ? 1_555 SG  ? A CYS 40 ? A CYS 2735 ? 1_555 107.6 ? 
7  SG  ? A CYS 28 ? A CYS 2723 ? 1_555 ZN ? D ZN . ? A ZN 2802 ? 1_555 SG  ? A CYS 31 ? A CYS 2726 ? 1_555 117.3 ? 
8  SG  ? A CYS 28 ? A CYS 2723 ? 1_555 ZN ? D ZN . ? A ZN 2802 ? 1_555 NE2 ? A HIS 46 ? A HIS 2741 ? 1_555 119.9 ? 
9  SG  ? A CYS 31 ? A CYS 2726 ? 1_555 ZN ? D ZN . ? A ZN 2802 ? 1_555 NE2 ? A HIS 46 ? A HIS 2741 ? 1_555 103.3 ? 
10 SG  ? A CYS 28 ? A CYS 2723 ? 1_555 ZN ? D ZN . ? A ZN 2802 ? 1_555 ND1 ? A HIS 50 ? A HIS 2745 ? 1_555 102.2 ? 
11 SG  ? A CYS 31 ? A CYS 2726 ? 1_555 ZN ? D ZN . ? A ZN 2802 ? 1_555 ND1 ? A HIS 50 ? A HIS 2745 ? 1_555 105.4 ? 
12 NE2 ? A HIS 46 ? A HIS 2741 ? 1_555 ZN ? D ZN . ? A ZN 2802 ? 1_555 ND1 ? A HIS 50 ? A HIS 2745 ? 1_555 107.7 ? 
13 SG  ? B CYS 13 ? B CYS 2708 ? 1_555 ZN ? G ZN . ? B ZN 2802 ? 1_555 SG  ? B CYS 16 ? B CYS 2711 ? 1_555 107.6 ? 
14 SG  ? B CYS 13 ? B CYS 2708 ? 1_555 ZN ? G ZN . ? B ZN 2802 ? 1_555 SG  ? B CYS 37 ? B CYS 2732 ? 1_555 114.2 ? 
15 SG  ? B CYS 16 ? B CYS 2711 ? 1_555 ZN ? G ZN . ? B ZN 2802 ? 1_555 SG  ? B CYS 37 ? B CYS 2732 ? 1_555 115.6 ? 
16 SG  ? B CYS 13 ? B CYS 2708 ? 1_555 ZN ? G ZN . ? B ZN 2802 ? 1_555 SG  ? B CYS 40 ? B CYS 2735 ? 1_555 104.7 ? 
17 SG  ? B CYS 16 ? B CYS 2711 ? 1_555 ZN ? G ZN . ? B ZN 2802 ? 1_555 SG  ? B CYS 40 ? B CYS 2735 ? 1_555 110.7 ? 
18 SG  ? B CYS 37 ? B CYS 2732 ? 1_555 ZN ? G ZN . ? B ZN 2802 ? 1_555 SG  ? B CYS 40 ? B CYS 2735 ? 1_555 103.4 ? 
19 SG  ? B CYS 28 ? B CYS 2723 ? 1_555 ZN ? F ZN . ? B ZN 2801 ? 1_555 SG  ? B CYS 31 ? B CYS 2726 ? 1_555 114.8 ? 
20 SG  ? B CYS 28 ? B CYS 2723 ? 1_555 ZN ? F ZN . ? B ZN 2801 ? 1_555 NE2 ? B HIS 46 ? B HIS 2741 ? 1_555 121.4 ? 
21 SG  ? B CYS 31 ? B CYS 2726 ? 1_555 ZN ? F ZN . ? B ZN 2801 ? 1_555 NE2 ? B HIS 46 ? B HIS 2741 ? 1_555 105.1 ? 
22 SG  ? B CYS 28 ? B CYS 2723 ? 1_555 ZN ? F ZN . ? B ZN 2801 ? 1_555 ND1 ? B HIS 50 ? B HIS 2745 ? 1_555 101.6 ? 
23 SG  ? B CYS 31 ? B CYS 2726 ? 1_555 ZN ? F ZN . ? B ZN 2801 ? 1_555 ND1 ? B HIS 50 ? B HIS 2745 ? 1_555 106.3 ? 
24 NE2 ? B HIS 46 ? B HIS 2741 ? 1_555 ZN ? F ZN . ? B ZN 2801 ? 1_555 ND1 ? B HIS 50 ? B HIS 2745 ? 1_555 106.4 ? 
# 
loop_
_pdbx_audit_revision_history.ordinal 
_pdbx_audit_revision_history.data_content_type 
_pdbx_audit_revision_history.major_revision 
_pdbx_audit_revision_history.minor_revision 
_pdbx_audit_revision_history.revision_date 
1 'Structure model' 1 0 2020-08-05 
2 'Structure model' 1 1 2020-08-12 
3 'Structure model' 1 2 2020-11-11 
4 'Structure model' 1 3 2023-10-18 
# 
_pdbx_audit_revision_details.ordinal             1 
_pdbx_audit_revision_details.revision_ordinal    1 
_pdbx_audit_revision_details.data_content_type   'Structure model' 
_pdbx_audit_revision_details.provider            repository 
_pdbx_audit_revision_details.type                'Initial release' 
_pdbx_audit_revision_details.description         ? 
_pdbx_audit_revision_details.details             ? 
# 
loop_
_pdbx_audit_revision_group.ordinal 
_pdbx_audit_revision_group.revision_ordinal 
_pdbx_audit_revision_group.data_content_type 
_pdbx_audit_revision_group.group 
1 2 'Structure model' 'Database references'    
2 3 'Structure model' 'Database references'    
3 4 'Structure model' Advisory                 
4 4 'Structure model' 'Data collection'        
5 4 'Structure model' 'Database references'    
6 4 'Structure model' 'Refinement description' 
# 
loop_
_pdbx_audit_revision_category.ordinal 
_pdbx_audit_revision_category.revision_ordinal 
_pdbx_audit_revision_category.data_content_type 
_pdbx_audit_revision_category.category 
1 2 'Structure model' citation                      
2 2 'Structure model' citation_author               
3 3 'Structure model' citation                      
4 4 'Structure model' chem_comp_atom                
5 4 'Structure model' chem_comp_bond                
6 4 'Structure model' database_2                    
7 4 'Structure model' pdbx_initial_refinement_model 
8 4 'Structure model' pdbx_unobs_or_zero_occ_atoms  
# 
loop_
_pdbx_audit_revision_item.ordinal 
_pdbx_audit_revision_item.revision_ordinal 
_pdbx_audit_revision_item.data_content_type 
_pdbx_audit_revision_item.item 
1 2 'Structure model' '_citation.pdbx_database_id_PubMed'   
2 2 'Structure model' '_citation.title'                     
3 2 'Structure model' '_citation_author.identifier_ORCID'   
4 3 'Structure model' '_citation.journal_volume'            
5 3 'Structure model' '_citation.page_first'                
6 3 'Structure model' '_citation.page_last'                 
7 4 'Structure model' '_database_2.pdbx_DOI'                
8 4 'Structure model' '_database_2.pdbx_database_accession' 
# 
loop_
_software.citation_id 
_software.classification 
_software.compiler_name 
_software.compiler_version 
_software.contact_author 
_software.contact_author_email 
_software.date 
_software.description 
_software.dependencies 
_software.hardware 
_software.language 
_software.location 
_software.mods 
_software.name 
_software.os 
_software.os_version 
_software.type 
_software.version 
_software.pdbx_ordinal 
? 'data scaling'    ? ? ? ? ? ? ? ? ? ? ? HKL-2000    ? ? ? .         1 
? refinement        ? ? ? ? ? ? ? ? ? ? ? PHENIX      ? ? ? 1.10_2155 2 
? 'data extraction' ? ? ? ? ? ? ? ? ? ? ? PDB_EXTRACT ? ? ? 3.24      3 
? 'data reduction'  ? ? ? ? ? ? ? ? ? ? ? HKL-2000    ? ? ? .         4 
? phasing           ? ? ? ? ? ? ? ? ? ? ? MOLREP      ? ? ? .         5 
# 
_pdbx_entry_details.entry_id                 6WW3 
_pdbx_entry_details.has_ligand_of_interest   N 
_pdbx_entry_details.compound_details         ? 
_pdbx_entry_details.source_details           ? 
_pdbx_entry_details.nonpolymer_details       ? 
_pdbx_entry_details.sequence_details         'Residues 2-7 of SUMO1 fused to the ZZ domain of HERC2' 
# 
loop_
_pdbx_validate_torsion.id 
_pdbx_validate_torsion.PDB_model_num 
_pdbx_validate_torsion.auth_comp_id 
_pdbx_validate_torsion.auth_asym_id 
_pdbx_validate_torsion.auth_seq_id 
_pdbx_validate_torsion.PDB_ins_code 
_pdbx_validate_torsion.label_alt_id 
_pdbx_validate_torsion.phi 
_pdbx_validate_torsion.psi 
1 1 ASP A 2728 ? ? -156.46 61.99 
2 1 ASP B 2728 ? ? -156.45 61.31 
# 
loop_
_pdbx_unobs_or_zero_occ_atoms.id 
_pdbx_unobs_or_zero_occ_atoms.PDB_model_num 
_pdbx_unobs_or_zero_occ_atoms.polymer_flag 
_pdbx_unobs_or_zero_occ_atoms.occupancy_flag 
_pdbx_unobs_or_zero_occ_atoms.auth_asym_id 
_pdbx_unobs_or_zero_occ_atoms.auth_comp_id 
_pdbx_unobs_or_zero_occ_atoms.auth_seq_id 
_pdbx_unobs_or_zero_occ_atoms.PDB_ins_code 
_pdbx_unobs_or_zero_occ_atoms.auth_atom_id 
_pdbx_unobs_or_zero_occ_atoms.label_alt_id 
_pdbx_unobs_or_zero_occ_atoms.label_asym_id 
_pdbx_unobs_or_zero_occ_atoms.label_comp_id 
_pdbx_unobs_or_zero_occ_atoms.label_seq_id 
_pdbx_unobs_or_zero_occ_atoms.label_atom_id 
1  1 Y 0 A LYS 2740 ? CG ? A LYS 45 CG 
2  1 Y 0 A LYS 2740 ? CD ? A LYS 45 CD 
3  1 Y 0 A LYS 2740 ? CE ? A LYS 45 CE 
4  1 Y 0 A LYS 2740 ? NZ ? A LYS 45 NZ 
5  1 Y 0 B LYS 2737 ? CD ? B LYS 42 CD 
6  1 Y 0 B LYS 2737 ? CE ? B LYS 42 CE 
7  1 Y 0 B LYS 2737 ? NZ ? B LYS 42 NZ 
8  1 Y 0 B LYS 2740 ? CG ? B LYS 45 CG 
9  1 Y 0 B LYS 2740 ? CD ? B LYS 45 CD 
10 1 Y 0 B LYS 2740 ? CE ? B LYS 45 CE 
11 1 Y 0 B LYS 2740 ? NZ ? B LYS 45 NZ 
# 
loop_
_pdbx_unobs_or_zero_occ_residues.id 
_pdbx_unobs_or_zero_occ_residues.PDB_model_num 
_pdbx_unobs_or_zero_occ_residues.polymer_flag 
_pdbx_unobs_or_zero_occ_residues.occupancy_flag 
_pdbx_unobs_or_zero_occ_residues.auth_asym_id 
_pdbx_unobs_or_zero_occ_residues.auth_comp_id 
_pdbx_unobs_or_zero_occ_residues.auth_seq_id 
_pdbx_unobs_or_zero_occ_residues.PDB_ins_code 
_pdbx_unobs_or_zero_occ_residues.label_asym_id 
_pdbx_unobs_or_zero_occ_residues.label_comp_id 
_pdbx_unobs_or_zero_occ_residues.label_seq_id 
1 1 Y 1 B GLY 2754 ? B GLY 59 
2 1 Y 1 B GLN 2755 ? B GLN 60 
# 
loop_
_chem_comp_atom.comp_id 
_chem_comp_atom.atom_id 
_chem_comp_atom.type_symbol 
_chem_comp_atom.pdbx_aromatic_flag 
_chem_comp_atom.pdbx_stereo_config 
_chem_comp_atom.pdbx_ordinal 
ALA N    N  N N 1   
ALA CA   C  N S 2   
ALA C    C  N N 3   
ALA O    O  N N 4   
ALA CB   C  N N 5   
ALA OXT  O  N N 6   
ALA H    H  N N 7   
ALA H2   H  N N 8   
ALA HA   H  N N 9   
ALA HB1  H  N N 10  
ALA HB2  H  N N 11  
ALA HB3  H  N N 12  
ALA HXT  H  N N 13  
ARG N    N  N N 14  
ARG CA   C  N S 15  
ARG C    C  N N 16  
ARG O    O  N N 17  
ARG CB   C  N N 18  
ARG CG   C  N N 19  
ARG CD   C  N N 20  
ARG NE   N  N N 21  
ARG CZ   C  N N 22  
ARG NH1  N  N N 23  
ARG NH2  N  N N 24  
ARG OXT  O  N N 25  
ARG H    H  N N 26  
ARG H2   H  N N 27  
ARG HA   H  N N 28  
ARG HB2  H  N N 29  
ARG HB3  H  N N 30  
ARG HG2  H  N N 31  
ARG HG3  H  N N 32  
ARG HD2  H  N N 33  
ARG HD3  H  N N 34  
ARG HE   H  N N 35  
ARG HH11 H  N N 36  
ARG HH12 H  N N 37  
ARG HH21 H  N N 38  
ARG HH22 H  N N 39  
ARG HXT  H  N N 40  
ASN N    N  N N 41  
ASN CA   C  N S 42  
ASN C    C  N N 43  
ASN O    O  N N 44  
ASN CB   C  N N 45  
ASN CG   C  N N 46  
ASN OD1  O  N N 47  
ASN ND2  N  N N 48  
ASN OXT  O  N N 49  
ASN H    H  N N 50  
ASN H2   H  N N 51  
ASN HA   H  N N 52  
ASN HB2  H  N N 53  
ASN HB3  H  N N 54  
ASN HD21 H  N N 55  
ASN HD22 H  N N 56  
ASN HXT  H  N N 57  
ASP N    N  N N 58  
ASP CA   C  N S 59  
ASP C    C  N N 60  
ASP O    O  N N 61  
ASP CB   C  N N 62  
ASP CG   C  N N 63  
ASP OD1  O  N N 64  
ASP OD2  O  N N 65  
ASP OXT  O  N N 66  
ASP H    H  N N 67  
ASP H2   H  N N 68  
ASP HA   H  N N 69  
ASP HB2  H  N N 70  
ASP HB3  H  N N 71  
ASP HD2  H  N N 72  
ASP HXT  H  N N 73  
CYS N    N  N N 74  
CYS CA   C  N R 75  
CYS C    C  N N 76  
CYS O    O  N N 77  
CYS CB   C  N N 78  
CYS SG   S  N N 79  
CYS OXT  O  N N 80  
CYS H    H  N N 81  
CYS H2   H  N N 82  
CYS HA   H  N N 83  
CYS HB2  H  N N 84  
CYS HB3  H  N N 85  
CYS HG   H  N N 86  
CYS HXT  H  N N 87  
GLN N    N  N N 88  
GLN CA   C  N S 89  
GLN C    C  N N 90  
GLN O    O  N N 91  
GLN CB   C  N N 92  
GLN CG   C  N N 93  
GLN CD   C  N N 94  
GLN OE1  O  N N 95  
GLN NE2  N  N N 96  
GLN OXT  O  N N 97  
GLN H    H  N N 98  
GLN H2   H  N N 99  
GLN HA   H  N N 100 
GLN HB2  H  N N 101 
GLN HB3  H  N N 102 
GLN HG2  H  N N 103 
GLN HG3  H  N N 104 
GLN HE21 H  N N 105 
GLN HE22 H  N N 106 
GLN HXT  H  N N 107 
GLU N    N  N N 108 
GLU CA   C  N S 109 
GLU C    C  N N 110 
GLU O    O  N N 111 
GLU CB   C  N N 112 
GLU CG   C  N N 113 
GLU CD   C  N N 114 
GLU OE1  O  N N 115 
GLU OE2  O  N N 116 
GLU OXT  O  N N 117 
GLU H    H  N N 118 
GLU H2   H  N N 119 
GLU HA   H  N N 120 
GLU HB2  H  N N 121 
GLU HB3  H  N N 122 
GLU HG2  H  N N 123 
GLU HG3  H  N N 124 
GLU HE2  H  N N 125 
GLU HXT  H  N N 126 
GLY N    N  N N 127 
GLY CA   C  N N 128 
GLY C    C  N N 129 
GLY O    O  N N 130 
GLY OXT  O  N N 131 
GLY H    H  N N 132 
GLY H2   H  N N 133 
GLY HA2  H  N N 134 
GLY HA3  H  N N 135 
GLY HXT  H  N N 136 
GOL C1   C  N N 137 
GOL O1   O  N N 138 
GOL C2   C  N N 139 
GOL O2   O  N N 140 
GOL C3   C  N N 141 
GOL O3   O  N N 142 
GOL H11  H  N N 143 
GOL H12  H  N N 144 
GOL HO1  H  N N 145 
GOL H2   H  N N 146 
GOL HO2  H  N N 147 
GOL H31  H  N N 148 
GOL H32  H  N N 149 
GOL HO3  H  N N 150 
HIS N    N  N N 151 
HIS CA   C  N S 152 
HIS C    C  N N 153 
HIS O    O  N N 154 
HIS CB   C  N N 155 
HIS CG   C  Y N 156 
HIS ND1  N  Y N 157 
HIS CD2  C  Y N 158 
HIS CE1  C  Y N 159 
HIS NE2  N  Y N 160 
HIS OXT  O  N N 161 
HIS H    H  N N 162 
HIS H2   H  N N 163 
HIS HA   H  N N 164 
HIS HB2  H  N N 165 
HIS HB3  H  N N 166 
HIS HD1  H  N N 167 
HIS HD2  H  N N 168 
HIS HE1  H  N N 169 
HIS HE2  H  N N 170 
HIS HXT  H  N N 171 
HOH O    O  N N 172 
HOH H1   H  N N 173 
HOH H2   H  N N 174 
ILE N    N  N N 175 
ILE CA   C  N S 176 
ILE C    C  N N 177 
ILE O    O  N N 178 
ILE CB   C  N S 179 
ILE CG1  C  N N 180 
ILE CG2  C  N N 181 
ILE CD1  C  N N 182 
ILE OXT  O  N N 183 
ILE H    H  N N 184 
ILE H2   H  N N 185 
ILE HA   H  N N 186 
ILE HB   H  N N 187 
ILE HG12 H  N N 188 
ILE HG13 H  N N 189 
ILE HG21 H  N N 190 
ILE HG22 H  N N 191 
ILE HG23 H  N N 192 
ILE HD11 H  N N 193 
ILE HD12 H  N N 194 
ILE HD13 H  N N 195 
ILE HXT  H  N N 196 
LYS N    N  N N 197 
LYS CA   C  N S 198 
LYS C    C  N N 199 
LYS O    O  N N 200 
LYS CB   C  N N 201 
LYS CG   C  N N 202 
LYS CD   C  N N 203 
LYS CE   C  N N 204 
LYS NZ   N  N N 205 
LYS OXT  O  N N 206 
LYS H    H  N N 207 
LYS H2   H  N N 208 
LYS HA   H  N N 209 
LYS HB2  H  N N 210 
LYS HB3  H  N N 211 
LYS HG2  H  N N 212 
LYS HG3  H  N N 213 
LYS HD2  H  N N 214 
LYS HD3  H  N N 215 
LYS HE2  H  N N 216 
LYS HE3  H  N N 217 
LYS HZ1  H  N N 218 
LYS HZ2  H  N N 219 
LYS HZ3  H  N N 220 
LYS HXT  H  N N 221 
MET N    N  N N 222 
MET CA   C  N S 223 
MET C    C  N N 224 
MET O    O  N N 225 
MET CB   C  N N 226 
MET CG   C  N N 227 
MET SD   S  N N 228 
MET CE   C  N N 229 
MET OXT  O  N N 230 
MET H    H  N N 231 
MET H2   H  N N 232 
MET HA   H  N N 233 
MET HB2  H  N N 234 
MET HB3  H  N N 235 
MET HG2  H  N N 236 
MET HG3  H  N N 237 
MET HE1  H  N N 238 
MET HE2  H  N N 239 
MET HE3  H  N N 240 
MET HXT  H  N N 241 
PEG C1   C  N N 242 
PEG O1   O  N N 243 
PEG C2   C  N N 244 
PEG O2   O  N N 245 
PEG C3   C  N N 246 
PEG C4   C  N N 247 
PEG O4   O  N N 248 
PEG H11  H  N N 249 
PEG H12  H  N N 250 
PEG HO1  H  N N 251 
PEG H21  H  N N 252 
PEG H22  H  N N 253 
PEG H31  H  N N 254 
PEG H32  H  N N 255 
PEG H41  H  N N 256 
PEG H42  H  N N 257 
PEG HO4  H  N N 258 
PHE N    N  N N 259 
PHE CA   C  N S 260 
PHE C    C  N N 261 
PHE O    O  N N 262 
PHE CB   C  N N 263 
PHE CG   C  Y N 264 
PHE CD1  C  Y N 265 
PHE CD2  C  Y N 266 
PHE CE1  C  Y N 267 
PHE CE2  C  Y N 268 
PHE CZ   C  Y N 269 
PHE OXT  O  N N 270 
PHE H    H  N N 271 
PHE H2   H  N N 272 
PHE HA   H  N N 273 
PHE HB2  H  N N 274 
PHE HB3  H  N N 275 
PHE HD1  H  N N 276 
PHE HD2  H  N N 277 
PHE HE1  H  N N 278 
PHE HE2  H  N N 279 
PHE HZ   H  N N 280 
PHE HXT  H  N N 281 
PRO N    N  N N 282 
PRO CA   C  N S 283 
PRO C    C  N N 284 
PRO O    O  N N 285 
PRO CB   C  N N 286 
PRO CG   C  N N 287 
PRO CD   C  N N 288 
PRO OXT  O  N N 289 
PRO H    H  N N 290 
PRO HA   H  N N 291 
PRO HB2  H  N N 292 
PRO HB3  H  N N 293 
PRO HG2  H  N N 294 
PRO HG3  H  N N 295 
PRO HD2  H  N N 296 
PRO HD3  H  N N 297 
PRO HXT  H  N N 298 
SER N    N  N N 299 
SER CA   C  N S 300 
SER C    C  N N 301 
SER O    O  N N 302 
SER CB   C  N N 303 
SER OG   O  N N 304 
SER OXT  O  N N 305 
SER H    H  N N 306 
SER H2   H  N N 307 
SER HA   H  N N 308 
SER HB2  H  N N 309 
SER HB3  H  N N 310 
SER HG   H  N N 311 
SER HXT  H  N N 312 
THR N    N  N N 313 
THR CA   C  N S 314 
THR C    C  N N 315 
THR O    O  N N 316 
THR CB   C  N R 317 
THR OG1  O  N N 318 
THR CG2  C  N N 319 
THR OXT  O  N N 320 
THR H    H  N N 321 
THR H2   H  N N 322 
THR HA   H  N N 323 
THR HB   H  N N 324 
THR HG1  H  N N 325 
THR HG21 H  N N 326 
THR HG22 H  N N 327 
THR HG23 H  N N 328 
THR HXT  H  N N 329 
VAL N    N  N N 330 
VAL CA   C  N S 331 
VAL C    C  N N 332 
VAL O    O  N N 333 
VAL CB   C  N N 334 
VAL CG1  C  N N 335 
VAL CG2  C  N N 336 
VAL OXT  O  N N 337 
VAL H    H  N N 338 
VAL H2   H  N N 339 
VAL HA   H  N N 340 
VAL HB   H  N N 341 
VAL HG11 H  N N 342 
VAL HG12 H  N N 343 
VAL HG13 H  N N 344 
VAL HG21 H  N N 345 
VAL HG22 H  N N 346 
VAL HG23 H  N N 347 
VAL HXT  H  N N 348 
ZN  ZN   ZN N N 349 
# 
loop_
_chem_comp_bond.comp_id 
_chem_comp_bond.atom_id_1 
_chem_comp_bond.atom_id_2 
_chem_comp_bond.value_order 
_chem_comp_bond.pdbx_aromatic_flag 
_chem_comp_bond.pdbx_stereo_config 
_chem_comp_bond.pdbx_ordinal 
ALA N   CA   sing N N 1   
ALA N   H    sing N N 2   
ALA N   H2   sing N N 3   
ALA CA  C    sing N N 4   
ALA CA  CB   sing N N 5   
ALA CA  HA   sing N N 6   
ALA C   O    doub N N 7   
ALA C   OXT  sing N N 8   
ALA CB  HB1  sing N N 9   
ALA CB  HB2  sing N N 10  
ALA CB  HB3  sing N N 11  
ALA OXT HXT  sing N N 12  
ARG N   CA   sing N N 13  
ARG N   H    sing N N 14  
ARG N   H2   sing N N 15  
ARG CA  C    sing N N 16  
ARG CA  CB   sing N N 17  
ARG CA  HA   sing N N 18  
ARG C   O    doub N N 19  
ARG C   OXT  sing N N 20  
ARG CB  CG   sing N N 21  
ARG CB  HB2  sing N N 22  
ARG CB  HB3  sing N N 23  
ARG CG  CD   sing N N 24  
ARG CG  HG2  sing N N 25  
ARG CG  HG3  sing N N 26  
ARG CD  NE   sing N N 27  
ARG CD  HD2  sing N N 28  
ARG CD  HD3  sing N N 29  
ARG NE  CZ   sing N N 30  
ARG NE  HE   sing N N 31  
ARG CZ  NH1  sing N N 32  
ARG CZ  NH2  doub N N 33  
ARG NH1 HH11 sing N N 34  
ARG NH1 HH12 sing N N 35  
ARG NH2 HH21 sing N N 36  
ARG NH2 HH22 sing N N 37  
ARG OXT HXT  sing N N 38  
ASN N   CA   sing N N 39  
ASN N   H    sing N N 40  
ASN N   H2   sing N N 41  
ASN CA  C    sing N N 42  
ASN CA  CB   sing N N 43  
ASN CA  HA   sing N N 44  
ASN C   O    doub N N 45  
ASN C   OXT  sing N N 46  
ASN CB  CG   sing N N 47  
ASN CB  HB2  sing N N 48  
ASN CB  HB3  sing N N 49  
ASN CG  OD1  doub N N 50  
ASN CG  ND2  sing N N 51  
ASN ND2 HD21 sing N N 52  
ASN ND2 HD22 sing N N 53  
ASN OXT HXT  sing N N 54  
ASP N   CA   sing N N 55  
ASP N   H    sing N N 56  
ASP N   H2   sing N N 57  
ASP CA  C    sing N N 58  
ASP CA  CB   sing N N 59  
ASP CA  HA   sing N N 60  
ASP C   O    doub N N 61  
ASP C   OXT  sing N N 62  
ASP CB  CG   sing N N 63  
ASP CB  HB2  sing N N 64  
ASP CB  HB3  sing N N 65  
ASP CG  OD1  doub N N 66  
ASP CG  OD2  sing N N 67  
ASP OD2 HD2  sing N N 68  
ASP OXT HXT  sing N N 69  
CYS N   CA   sing N N 70  
CYS N   H    sing N N 71  
CYS N   H2   sing N N 72  
CYS CA  C    sing N N 73  
CYS CA  CB   sing N N 74  
CYS CA  HA   sing N N 75  
CYS C   O    doub N N 76  
CYS C   OXT  sing N N 77  
CYS CB  SG   sing N N 78  
CYS CB  HB2  sing N N 79  
CYS CB  HB3  sing N N 80  
CYS SG  HG   sing N N 81  
CYS OXT HXT  sing N N 82  
GLN N   CA   sing N N 83  
GLN N   H    sing N N 84  
GLN N   H2   sing N N 85  
GLN CA  C    sing N N 86  
GLN CA  CB   sing N N 87  
GLN CA  HA   sing N N 88  
GLN C   O    doub N N 89  
GLN C   OXT  sing N N 90  
GLN CB  CG   sing N N 91  
GLN CB  HB2  sing N N 92  
GLN CB  HB3  sing N N 93  
GLN CG  CD   sing N N 94  
GLN CG  HG2  sing N N 95  
GLN CG  HG3  sing N N 96  
GLN CD  OE1  doub N N 97  
GLN CD  NE2  sing N N 98  
GLN NE2 HE21 sing N N 99  
GLN NE2 HE22 sing N N 100 
GLN OXT HXT  sing N N 101 
GLU N   CA   sing N N 102 
GLU N   H    sing N N 103 
GLU N   H2   sing N N 104 
GLU CA  C    sing N N 105 
GLU CA  CB   sing N N 106 
GLU CA  HA   sing N N 107 
GLU C   O    doub N N 108 
GLU C   OXT  sing N N 109 
GLU CB  CG   sing N N 110 
GLU CB  HB2  sing N N 111 
GLU CB  HB3  sing N N 112 
GLU CG  CD   sing N N 113 
GLU CG  HG2  sing N N 114 
GLU CG  HG3  sing N N 115 
GLU CD  OE1  doub N N 116 
GLU CD  OE2  sing N N 117 
GLU OE2 HE2  sing N N 118 
GLU OXT HXT  sing N N 119 
GLY N   CA   sing N N 120 
GLY N   H    sing N N 121 
GLY N   H2   sing N N 122 
GLY CA  C    sing N N 123 
GLY CA  HA2  sing N N 124 
GLY CA  HA3  sing N N 125 
GLY C   O    doub N N 126 
GLY C   OXT  sing N N 127 
GLY OXT HXT  sing N N 128 
GOL C1  O1   sing N N 129 
GOL C1  C2   sing N N 130 
GOL C1  H11  sing N N 131 
GOL C1  H12  sing N N 132 
GOL O1  HO1  sing N N 133 
GOL C2  O2   sing N N 134 
GOL C2  C3   sing N N 135 
GOL C2  H2   sing N N 136 
GOL O2  HO2  sing N N 137 
GOL C3  O3   sing N N 138 
GOL C3  H31  sing N N 139 
GOL C3  H32  sing N N 140 
GOL O3  HO3  sing N N 141 
HIS N   CA   sing N N 142 
HIS N   H    sing N N 143 
HIS N   H2   sing N N 144 
HIS CA  C    sing N N 145 
HIS CA  CB   sing N N 146 
HIS CA  HA   sing N N 147 
HIS C   O    doub N N 148 
HIS C   OXT  sing N N 149 
HIS CB  CG   sing N N 150 
HIS CB  HB2  sing N N 151 
HIS CB  HB3  sing N N 152 
HIS CG  ND1  sing Y N 153 
HIS CG  CD2  doub Y N 154 
HIS ND1 CE1  doub Y N 155 
HIS ND1 HD1  sing N N 156 
HIS CD2 NE2  sing Y N 157 
HIS CD2 HD2  sing N N 158 
HIS CE1 NE2  sing Y N 159 
HIS CE1 HE1  sing N N 160 
HIS NE2 HE2  sing N N 161 
HIS OXT HXT  sing N N 162 
HOH O   H1   sing N N 163 
HOH O   H2   sing N N 164 
ILE N   CA   sing N N 165 
ILE N   H    sing N N 166 
ILE N   H2   sing N N 167 
ILE CA  C    sing N N 168 
ILE CA  CB   sing N N 169 
ILE CA  HA   sing N N 170 
ILE C   O    doub N N 171 
ILE C   OXT  sing N N 172 
ILE CB  CG1  sing N N 173 
ILE CB  CG2  sing N N 174 
ILE CB  HB   sing N N 175 
ILE CG1 CD1  sing N N 176 
ILE CG1 HG12 sing N N 177 
ILE CG1 HG13 sing N N 178 
ILE CG2 HG21 sing N N 179 
ILE CG2 HG22 sing N N 180 
ILE CG2 HG23 sing N N 181 
ILE CD1 HD11 sing N N 182 
ILE CD1 HD12 sing N N 183 
ILE CD1 HD13 sing N N 184 
ILE OXT HXT  sing N N 185 
LYS N   CA   sing N N 186 
LYS N   H    sing N N 187 
LYS N   H2   sing N N 188 
LYS CA  C    sing N N 189 
LYS CA  CB   sing N N 190 
LYS CA  HA   sing N N 191 
LYS C   O    doub N N 192 
LYS C   OXT  sing N N 193 
LYS CB  CG   sing N N 194 
LYS CB  HB2  sing N N 195 
LYS CB  HB3  sing N N 196 
LYS CG  CD   sing N N 197 
LYS CG  HG2  sing N N 198 
LYS CG  HG3  sing N N 199 
LYS CD  CE   sing N N 200 
LYS CD  HD2  sing N N 201 
LYS CD  HD3  sing N N 202 
LYS CE  NZ   sing N N 203 
LYS CE  HE2  sing N N 204 
LYS CE  HE3  sing N N 205 
LYS NZ  HZ1  sing N N 206 
LYS NZ  HZ2  sing N N 207 
LYS NZ  HZ3  sing N N 208 
LYS OXT HXT  sing N N 209 
MET N   CA   sing N N 210 
MET N   H    sing N N 211 
MET N   H2   sing N N 212 
MET CA  C    sing N N 213 
MET CA  CB   sing N N 214 
MET CA  HA   sing N N 215 
MET C   O    doub N N 216 
MET C   OXT  sing N N 217 
MET CB  CG   sing N N 218 
MET CB  HB2  sing N N 219 
MET CB  HB3  sing N N 220 
MET CG  SD   sing N N 221 
MET CG  HG2  sing N N 222 
MET CG  HG3  sing N N 223 
MET SD  CE   sing N N 224 
MET CE  HE1  sing N N 225 
MET CE  HE2  sing N N 226 
MET CE  HE3  sing N N 227 
MET OXT HXT  sing N N 228 
PEG C1  O1   sing N N 229 
PEG C1  C2   sing N N 230 
PEG C1  H11  sing N N 231 
PEG C1  H12  sing N N 232 
PEG O1  HO1  sing N N 233 
PEG C2  O2   sing N N 234 
PEG C2  H21  sing N N 235 
PEG C2  H22  sing N N 236 
PEG O2  C3   sing N N 237 
PEG C3  C4   sing N N 238 
PEG C3  H31  sing N N 239 
PEG C3  H32  sing N N 240 
PEG C4  O4   sing N N 241 
PEG C4  H41  sing N N 242 
PEG C4  H42  sing N N 243 
PEG O4  HO4  sing N N 244 
PHE N   CA   sing N N 245 
PHE N   H    sing N N 246 
PHE N   H2   sing N N 247 
PHE CA  C    sing N N 248 
PHE CA  CB   sing N N 249 
PHE CA  HA   sing N N 250 
PHE C   O    doub N N 251 
PHE C   OXT  sing N N 252 
PHE CB  CG   sing N N 253 
PHE CB  HB2  sing N N 254 
PHE CB  HB3  sing N N 255 
PHE CG  CD1  doub Y N 256 
PHE CG  CD2  sing Y N 257 
PHE CD1 CE1  sing Y N 258 
PHE CD1 HD1  sing N N 259 
PHE CD2 CE2  doub Y N 260 
PHE CD2 HD2  sing N N 261 
PHE CE1 CZ   doub Y N 262 
PHE CE1 HE1  sing N N 263 
PHE CE2 CZ   sing Y N 264 
PHE CE2 HE2  sing N N 265 
PHE CZ  HZ   sing N N 266 
PHE OXT HXT  sing N N 267 
PRO N   CA   sing N N 268 
PRO N   CD   sing N N 269 
PRO N   H    sing N N 270 
PRO CA  C    sing N N 271 
PRO CA  CB   sing N N 272 
PRO CA  HA   sing N N 273 
PRO C   O    doub N N 274 
PRO C   OXT  sing N N 275 
PRO CB  CG   sing N N 276 
PRO CB  HB2  sing N N 277 
PRO CB  HB3  sing N N 278 
PRO CG  CD   sing N N 279 
PRO CG  HG2  sing N N 280 
PRO CG  HG3  sing N N 281 
PRO CD  HD2  sing N N 282 
PRO CD  HD3  sing N N 283 
PRO OXT HXT  sing N N 284 
SER N   CA   sing N N 285 
SER N   H    sing N N 286 
SER N   H2   sing N N 287 
SER CA  C    sing N N 288 
SER CA  CB   sing N N 289 
SER CA  HA   sing N N 290 
SER C   O    doub N N 291 
SER C   OXT  sing N N 292 
SER CB  OG   sing N N 293 
SER CB  HB2  sing N N 294 
SER CB  HB3  sing N N 295 
SER OG  HG   sing N N 296 
SER OXT HXT  sing N N 297 
THR N   CA   sing N N 298 
THR N   H    sing N N 299 
THR N   H2   sing N N 300 
THR CA  C    sing N N 301 
THR CA  CB   sing N N 302 
THR CA  HA   sing N N 303 
THR C   O    doub N N 304 
THR C   OXT  sing N N 305 
THR CB  OG1  sing N N 306 
THR CB  CG2  sing N N 307 
THR CB  HB   sing N N 308 
THR OG1 HG1  sing N N 309 
THR CG2 HG21 sing N N 310 
THR CG2 HG22 sing N N 311 
THR CG2 HG23 sing N N 312 
THR OXT HXT  sing N N 313 
VAL N   CA   sing N N 314 
VAL N   H    sing N N 315 
VAL N   H2   sing N N 316 
VAL CA  C    sing N N 317 
VAL CA  CB   sing N N 318 
VAL CA  HA   sing N N 319 
VAL C   O    doub N N 320 
VAL C   OXT  sing N N 321 
VAL CB  CG1  sing N N 322 
VAL CB  CG2  sing N N 323 
VAL CB  HB   sing N N 324 
VAL CG1 HG11 sing N N 325 
VAL CG1 HG12 sing N N 326 
VAL CG1 HG13 sing N N 327 
VAL CG2 HG21 sing N N 328 
VAL CG2 HG22 sing N N 329 
VAL CG2 HG23 sing N N 330 
VAL OXT HXT  sing N N 331 
# 
loop_
_pdbx_entity_nonpoly.entity_id 
_pdbx_entity_nonpoly.name 
_pdbx_entity_nonpoly.comp_id 
2 'ZINC ION'              ZN  
3 'DI(HYDROXYETHYL)ETHER' PEG 
4 GLYCEROL                GOL 
5 water                   HOH 
# 
_pdbx_initial_refinement_model.id               1 
_pdbx_initial_refinement_model.entity_id_list   ? 
_pdbx_initial_refinement_model.type             'experimental model' 
_pdbx_initial_refinement_model.source_name      PDB 
_pdbx_initial_refinement_model.accession_code   6DS6 
_pdbx_initial_refinement_model.details          ? 
# 
_pdbx_struct_assembly_auth_evidence.id                     1 
_pdbx_struct_assembly_auth_evidence.assembly_id            1 
_pdbx_struct_assembly_auth_evidence.experimental_support   'gel filtration' 
_pdbx_struct_assembly_auth_evidence.details                ? 
# 
